data_3LN0
#
_entry.id   3LN0
#
_cell.length_a   181.015
_cell.length_b   135.201
_cell.length_c   124.291
_cell.angle_alpha   90.00
_cell.angle_beta   90.00
_cell.angle_gamma   90.00
#
_symmetry.space_group_name_H-M   'P 21 21 2'
#
loop_
_entity.id
_entity.type
_entity.pdbx_description
1 polymer 'Prostaglandin G/H synthase 2'
2 branched 2-acetamido-2-deoxy-beta-D-glucopyranose-(1-4)-2-acetamido-2-deoxy-beta-D-glucopyranose-(1-4)-2-acetamido-2-deoxy-beta-D-glucopyranose
3 non-polymer 'PROTOPORPHYRIN IX CONTAINING FE'
4 non-polymer 2-acetamido-2-deoxy-beta-D-glucopyranose
5 non-polymer '(2S)-6,8-dichloro-2-(trifluoromethyl)-2H-chromene-3-carboxylic acid'
6 non-polymer 'octyl beta-D-glucopyranoside'
7 water water
#
_entity_poly.entity_id   1
_entity_poly.type   'polypeptide(L)'
_entity_poly.pdbx_seq_one_letter_code
;ANPCCSNPCQNRGECMSTGFDQYKCDCTRTGFYGENCTTPEFLTRIKLLLKPTPNTVHYILTHFKGVWNIVNNIPFLRSL
IMKYVLTSRSYLIDSPPTYNVHYGYKSWEAFSNLSYYTRALPPVADDCPTPMGVKGNKELPDSKEVLEKVLLRREFIPDP
QGSNMMFAFFAQHFTHQFFKTDHKRGPGFTRGLGHGVDLNHIYGETLDRQHKLRLFKDGKLKYQVIGGEVYPPTVKDTQV
EMIYPPHIPENLQFAVGQEVFGLVPGLMMYATIWLREHNRVCDILKQEHPEWGDEQLFQTSRLILIGETIKIVIEDYVQH
LSGYHFKLKFDPELLFNQQFQYQNRIASEFNTLYHWHPLLPDTFNIEDQEYSFKQFLYNNSILLEHGLTQFVESFTRQIA
GRVAGGRNVPIAVQAVAKASIDQSREMKYQSLNEYRKRFSLKPYTSFEELTGEKEMAAELKALYSDIDVMELYPALLVEK
PRPDAIFGETMVELGAPFSLKGLMGNPICSPQYWKPSTFGGEVGFKIINTASIQSLICNNVKGCPFTSFNVQDPQPTKTA
TINASASHSRLDDINPTVLIKRRSTEL
;
_entity_poly.pdbx_strand_id   A,B,C,D
#
loop_
_chem_comp.id
_chem_comp.type
_chem_comp.name
_chem_comp.formula
52B non-polymer '(2S)-6,8-dichloro-2-(trifluoromethyl)-2H-chromene-3-carboxylic acid' 'C11 H5 Cl2 F3 O3'
BOG D-saccharide 'octyl beta-D-glucopyranoside' 'C14 H28 O6'
HEM non-polymer 'PROTOPORPHYRIN IX CONTAINING FE' 'C34 H32 Fe N4 O4'
NAG D-saccharide, beta linking 2-acetamido-2-deoxy-beta-D-glucopyranose 'C8 H15 N O6'
#
# COMPACT_ATOMS: atom_id res chain seq x y z
N ALA A 1 38.18 -32.73 -36.89
CA ALA A 1 39.65 -32.43 -36.79
C ALA A 1 39.94 -31.62 -35.52
N ASN A 2 39.11 -30.61 -35.25
CA ASN A 2 39.21 -29.89 -33.99
C ASN A 2 39.16 -30.90 -32.84
N PRO A 3 40.20 -30.93 -31.99
CA PRO A 3 40.23 -31.89 -30.88
C PRO A 3 39.12 -31.67 -29.84
N CYS A 4 38.42 -30.56 -29.91
CA CYS A 4 37.31 -30.29 -28.99
C CYS A 4 35.98 -30.74 -29.55
N CYS A 5 36.03 -31.32 -30.74
CA CYS A 5 34.81 -31.76 -31.43
C CYS A 5 33.94 -32.69 -30.61
N SER A 6 34.56 -33.41 -29.68
CA SER A 6 33.84 -34.41 -28.92
C SER A 6 33.28 -33.85 -27.63
N ASN A 7 33.45 -32.55 -27.39
CA ASN A 7 32.92 -31.95 -26.18
C ASN A 7 33.50 -32.60 -24.94
N PRO A 8 34.84 -32.74 -24.87
CA PRO A 8 35.58 -33.49 -23.86
C PRO A 8 35.39 -32.97 -22.46
N CYS A 9 35.30 -31.66 -22.32
CA CYS A 9 35.35 -31.05 -20.99
C CYS A 9 33.99 -31.04 -20.35
N GLN A 10 33.93 -31.52 -19.12
CA GLN A 10 32.67 -31.62 -18.39
C GLN A 10 32.54 -30.51 -17.35
N ASN A 11 31.33 -30.39 -16.83
CA ASN A 11 31.03 -29.49 -15.72
C ASN A 11 31.38 -28.03 -16.00
N ARG A 12 31.20 -27.63 -17.27
CA ARG A 12 31.34 -26.24 -17.71
C ARG A 12 32.81 -25.86 -17.90
N GLY A 13 33.68 -26.86 -17.83
CA GLY A 13 35.07 -26.65 -18.21
C GLY A 13 35.11 -26.25 -19.66
N GLU A 14 36.09 -25.45 -20.04
CA GLU A 14 36.19 -24.96 -21.40
C GLU A 14 37.29 -25.65 -22.15
N CYS A 15 36.97 -26.10 -23.36
CA CYS A 15 37.92 -26.80 -24.20
C CYS A 15 38.67 -25.82 -25.10
N MET A 16 39.98 -26.00 -25.16
CA MET A 16 40.82 -25.22 -26.04
C MET A 16 41.80 -26.17 -26.68
N SER A 17 41.99 -26.03 -27.99
CA SER A 17 42.97 -26.84 -28.69
C SER A 17 44.36 -26.37 -28.30
N THR A 18 45.26 -27.32 -28.17
CA THR A 18 46.66 -27.03 -27.88
C THR A 18 47.55 -27.72 -28.90
N GLY A 19 47.22 -27.58 -30.17
CA GLY A 19 47.89 -28.35 -31.22
C GLY A 19 46.82 -29.01 -32.08
N PHE A 20 47.22 -29.49 -33.25
CA PHE A 20 46.25 -30.00 -34.23
C PHE A 20 45.40 -31.16 -33.72
N ASP A 21 45.91 -31.88 -32.73
CA ASP A 21 45.20 -33.08 -32.27
C ASP A 21 45.24 -33.21 -30.75
N GLN A 22 45.58 -32.12 -30.06
CA GLN A 22 45.54 -32.10 -28.62
C GLN A 22 44.60 -31.01 -28.13
N TYR A 23 44.07 -31.20 -26.94
CA TYR A 23 43.20 -30.22 -26.33
C TYR A 23 43.51 -30.08 -24.87
N LYS A 24 42.98 -29.02 -24.28
CA LYS A 24 43.11 -28.82 -22.86
C LYS A 24 41.81 -28.23 -22.32
N CYS A 25 41.42 -28.67 -21.13
CA CYS A 25 40.23 -28.15 -20.48
C CYS A 25 40.60 -27.16 -19.40
N ASP A 26 39.94 -26.02 -19.41
CA ASP A 26 40.15 -25.01 -18.39
C ASP A 26 39.05 -25.16 -17.35
N CYS A 27 39.43 -25.64 -16.17
CA CYS A 27 38.46 -26.04 -15.14
C CYS A 27 38.26 -24.96 -14.10
N THR A 28 38.78 -23.78 -14.39
CA THR A 28 38.71 -22.65 -13.47
C THR A 28 37.31 -22.49 -12.89
N ARG A 29 37.21 -22.50 -11.58
CA ARG A 29 35.96 -22.28 -10.88
C ARG A 29 34.82 -23.24 -11.22
N THR A 30 35.13 -24.41 -11.76
CA THR A 30 34.08 -25.40 -12.05
C THR A 30 33.72 -26.20 -10.81
N GLY A 31 34.67 -26.31 -9.88
CA GLY A 31 34.51 -27.17 -8.72
C GLY A 31 35.13 -28.53 -8.95
N PHE A 32 35.72 -28.72 -10.13
CA PHE A 32 36.38 -29.97 -10.48
C PHE A 32 37.76 -29.71 -11.07
N TYR A 33 38.56 -30.76 -11.15
CA TYR A 33 39.83 -30.69 -11.86
C TYR A 33 40.04 -31.98 -12.62
N GLY A 34 41.23 -32.15 -13.19
CA GLY A 34 41.53 -33.32 -14.00
C GLY A 34 41.46 -32.98 -15.47
N GLU A 35 41.93 -33.88 -16.31
CA GLU A 35 42.02 -33.61 -17.74
C GLU A 35 40.70 -33.09 -18.35
N ASN A 36 39.56 -33.59 -17.85
CA ASN A 36 38.27 -33.24 -18.42
C ASN A 36 37.34 -32.62 -17.36
N CYS A 37 37.95 -32.12 -16.30
CA CYS A 37 37.21 -31.44 -15.22
C CYS A 37 36.16 -32.37 -14.61
N THR A 38 36.50 -33.64 -14.46
CA THR A 38 35.55 -34.63 -13.93
C THR A 38 35.87 -35.06 -12.50
N THR A 39 37.01 -34.63 -11.97
CA THR A 39 37.40 -34.95 -10.60
C THR A 39 36.94 -33.85 -9.65
N PRO A 40 35.98 -34.16 -8.76
CA PRO A 40 35.42 -33.16 -7.88
C PRO A 40 36.30 -32.76 -6.71
N GLU A 41 36.22 -31.48 -6.36
CA GLU A 41 36.89 -30.99 -5.17
C GLU A 41 36.07 -31.38 -3.97
N PHE A 42 36.75 -31.51 -2.83
CA PHE A 42 36.13 -32.01 -1.61
C PHE A 42 34.77 -31.37 -1.39
N LEU A 43 34.77 -30.05 -1.27
CA LEU A 43 33.53 -29.32 -0.99
C LEU A 43 32.49 -29.56 -2.09
N THR A 44 32.98 -29.86 -3.28
CA THR A 44 32.10 -30.13 -4.43
C THR A 44 31.35 -31.43 -4.19
N ARG A 45 32.03 -32.40 -3.60
CA ARG A 45 31.44 -33.72 -3.35
C ARG A 45 30.31 -33.59 -2.34
N ILE A 46 30.54 -32.78 -1.31
CA ILE A 46 29.52 -32.52 -0.31
C ILE A 46 28.27 -32.01 -1.00
N LYS A 47 28.43 -30.86 -1.64
CA LYS A 47 27.31 -30.20 -2.29
C LYS A 47 26.54 -31.15 -3.19
N LEU A 48 27.24 -32.03 -3.90
CA LEU A 48 26.59 -32.95 -4.81
C LEU A 48 25.66 -33.91 -4.05
N LEU A 49 26.09 -34.35 -2.87
CA LEU A 49 25.28 -35.24 -2.05
C LEU A 49 24.02 -34.56 -1.52
N LEU A 50 24.15 -33.31 -1.11
CA LEU A 50 23.05 -32.58 -0.48
C LEU A 50 22.17 -31.87 -1.50
N LYS A 51 22.42 -32.14 -2.79
CA LYS A 51 21.65 -31.47 -3.84
C LYS A 51 20.55 -32.38 -4.36
N PRO A 52 19.30 -31.98 -4.13
CA PRO A 52 18.15 -32.73 -4.65
C PRO A 52 18.04 -32.57 -6.16
N THR A 53 17.52 -33.57 -6.84
CA THR A 53 17.29 -33.46 -8.28
C THR A 53 16.15 -32.48 -8.57
N PRO A 54 16.14 -31.90 -9.78
CA PRO A 54 15.06 -31.02 -10.20
C PRO A 54 13.69 -31.69 -10.11
N ASN A 55 13.62 -32.99 -10.36
CA ASN A 55 12.34 -33.71 -10.26
C ASN A 55 11.87 -33.79 -8.80
N THR A 56 12.83 -33.91 -7.88
CA THR A 56 12.50 -33.97 -6.46
C THR A 56 11.93 -32.62 -6.04
N VAL A 57 12.68 -31.56 -6.33
CA VAL A 57 12.24 -30.22 -5.97
C VAL A 57 10.87 -29.91 -6.59
N HIS A 58 10.70 -30.26 -7.87
CA HIS A 58 9.45 -30.02 -8.55
C HIS A 58 8.31 -30.70 -7.82
N TYR A 59 8.56 -31.91 -7.34
CA TYR A 59 7.56 -32.69 -6.61
C TYR A 59 7.12 -31.92 -5.36
N ILE A 60 8.12 -31.42 -4.63
CA ILE A 60 7.86 -30.73 -3.36
C ILE A 60 7.10 -29.44 -3.60
N LEU A 61 7.33 -28.80 -4.74
CA LEU A 61 6.70 -27.53 -5.08
C LEU A 61 5.26 -27.75 -5.51
N THR A 62 4.97 -28.95 -5.99
CA THR A 62 3.65 -29.25 -6.56
C THR A 62 2.86 -30.17 -5.62
N HIS A 63 3.40 -30.39 -4.43
CA HIS A 63 2.71 -31.16 -3.40
C HIS A 63 2.71 -30.42 -2.06
N PHE A 64 2.15 -31.07 -1.05
CA PHE A 64 2.08 -30.51 0.32
C PHE A 64 1.38 -29.17 0.31
N LYS A 65 0.25 -29.11 -0.38
CA LYS A 65 -0.47 -27.87 -0.58
C LYS A 65 -0.78 -27.17 0.74
N GLY A 66 -0.89 -27.96 1.81
CA GLY A 66 -1.28 -27.43 3.11
C GLY A 66 -0.16 -26.64 3.75
N VAL A 67 1.06 -27.15 3.59
CA VAL A 67 2.25 -26.45 4.07
C VAL A 67 2.45 -25.15 3.29
N TRP A 68 2.34 -25.23 1.97
CA TRP A 68 2.59 -24.07 1.10
C TRP A 68 1.60 -23.01 1.45
N ASN A 69 0.45 -23.46 1.90
CA ASN A 69 -0.64 -22.55 2.24
C ASN A 69 -0.20 -21.67 3.40
N ILE A 70 0.54 -22.29 4.31
CA ILE A 70 1.07 -21.60 5.48
C ILE A 70 2.23 -20.70 5.06
N VAL A 71 3.20 -21.30 4.36
CA VAL A 71 4.36 -20.56 3.86
C VAL A 71 3.93 -19.32 3.07
N ASN A 72 2.98 -19.49 2.16
CA ASN A 72 2.53 -18.37 1.31
C ASN A 72 1.99 -17.21 2.13
N ASN A 73 1.68 -17.48 3.39
CA ASN A 73 1.06 -16.45 4.23
C ASN A 73 2.03 -15.90 5.28
N ILE A 74 3.28 -16.38 5.25
CA ILE A 74 4.37 -15.83 6.07
C ILE A 74 5.34 -15.04 5.20
N PRO A 75 5.09 -13.74 5.05
CA PRO A 75 5.83 -12.85 4.17
C PRO A 75 7.34 -13.10 4.14
N PHE A 76 7.96 -13.29 5.29
CA PHE A 76 9.41 -13.44 5.29
C PHE A 76 9.80 -14.82 4.76
N LEU A 77 8.91 -15.79 4.93
CA LEU A 77 9.14 -17.14 4.42
C LEU A 77 8.98 -17.16 2.89
N ARG A 78 7.87 -16.61 2.42
CA ARG A 78 7.61 -16.52 1.00
C ARG A 78 8.79 -15.84 0.30
N SER A 79 9.26 -14.74 0.89
CA SER A 79 10.38 -13.97 0.32
C SER A 79 11.65 -14.82 0.27
N LEU A 80 11.85 -15.62 1.31
CA LEU A 80 13.03 -16.47 1.40
C LEU A 80 13.02 -17.51 0.29
N ILE A 81 11.86 -18.09 0.05
CA ILE A 81 11.75 -19.13 -0.97
C ILE A 81 11.94 -18.55 -2.38
N MET A 82 11.25 -17.44 -2.65
CA MET A 82 11.31 -16.82 -3.96
C MET A 82 12.72 -16.32 -4.25
N LYS A 83 13.40 -15.82 -3.22
CA LYS A 83 14.77 -15.37 -3.36
C LYS A 83 15.65 -16.53 -3.81
N TYR A 84 15.37 -17.70 -3.26
CA TYR A 84 16.14 -18.90 -3.62
C TYR A 84 15.85 -19.37 -5.05
N VAL A 85 14.60 -19.27 -5.50
CA VAL A 85 14.27 -19.72 -6.85
C VAL A 85 14.89 -18.76 -7.86
N LEU A 86 14.94 -17.47 -7.51
CA LEU A 86 15.57 -16.47 -8.35
C LEU A 86 17.06 -16.75 -8.51
N THR A 87 17.75 -16.91 -7.37
CA THR A 87 19.20 -16.99 -7.36
C THR A 87 19.71 -18.32 -7.92
N SER A 88 19.11 -19.43 -7.50
CA SER A 88 19.54 -20.73 -7.99
C SER A 88 19.43 -20.83 -9.52
N ARG A 89 18.44 -20.15 -10.09
CA ARG A 89 18.22 -20.22 -11.54
C ARG A 89 19.24 -19.39 -12.33
N SER A 90 19.46 -18.17 -11.89
CA SER A 90 20.27 -17.23 -12.64
C SER A 90 21.74 -17.64 -12.75
N TYR A 91 22.24 -18.44 -11.82
CA TYR A 91 23.64 -18.86 -11.86
C TYR A 91 23.91 -19.79 -13.04
N LEU A 92 22.84 -20.22 -13.71
CA LEU A 92 22.99 -21.11 -14.87
C LEU A 92 23.24 -20.32 -16.15
N ILE A 93 23.05 -19.01 -16.09
CA ILE A 93 23.21 -18.17 -17.28
C ILE A 93 24.50 -17.37 -17.25
N ASP A 94 25.24 -17.39 -18.36
CA ASP A 94 26.45 -16.59 -18.48
C ASP A 94 26.08 -15.12 -18.67
N SER A 95 26.58 -14.24 -17.81
CA SER A 95 26.25 -12.84 -17.89
C SER A 95 27.34 -12.01 -17.26
N PRO A 96 28.06 -11.17 -18.04
CA PRO A 96 27.96 -10.92 -19.48
C PRO A 96 27.95 -12.18 -20.35
N PRO A 97 27.30 -12.12 -21.53
CA PRO A 97 27.16 -13.27 -22.42
C PRO A 97 28.45 -13.64 -23.15
N THR A 98 28.48 -14.84 -23.70
CA THR A 98 29.69 -15.37 -24.30
C THR A 98 29.52 -15.71 -25.78
N TYR A 99 29.09 -16.93 -26.06
CA TYR A 99 29.11 -17.45 -27.43
C TYR A 99 27.94 -17.02 -28.31
N ASN A 100 28.11 -17.19 -29.62
CA ASN A 100 27.01 -17.06 -30.54
C ASN A 100 27.20 -18.01 -31.73
N VAL A 101 26.35 -17.90 -32.74
CA VAL A 101 26.35 -18.92 -33.81
C VAL A 101 27.70 -18.99 -34.54
N HIS A 102 28.45 -17.90 -34.53
CA HIS A 102 29.71 -17.81 -35.26
C HIS A 102 30.95 -17.95 -34.39
N TYR A 103 30.80 -17.90 -33.07
CA TYR A 103 31.95 -17.96 -32.18
C TYR A 103 31.78 -19.01 -31.09
N GLY A 104 32.58 -20.07 -31.20
CA GLY A 104 32.63 -21.13 -30.20
C GLY A 104 33.72 -20.88 -29.18
N TYR A 105 34.30 -19.69 -29.28
CA TYR A 105 35.25 -19.20 -28.28
C TYR A 105 34.84 -17.75 -28.00
N LYS A 106 35.20 -17.24 -26.83
CA LYS A 106 34.86 -15.85 -26.50
C LYS A 106 35.62 -14.88 -27.38
N SER A 107 34.92 -13.82 -27.78
CA SER A 107 35.51 -12.79 -28.60
C SER A 107 34.80 -11.46 -28.36
N TRP A 108 35.46 -10.35 -28.70
CA TRP A 108 34.87 -9.05 -28.52
C TRP A 108 33.69 -8.92 -29.47
N GLU A 109 33.81 -9.56 -30.62
CA GLU A 109 32.76 -9.53 -31.63
C GLU A 109 31.49 -10.17 -31.07
N ALA A 110 31.64 -11.34 -30.46
CA ALA A 110 30.51 -12.07 -29.89
C ALA A 110 29.95 -11.34 -28.67
N PHE A 111 30.84 -10.74 -27.88
CA PHE A 111 30.34 -9.90 -26.80
C PHE A 111 29.61 -8.63 -27.31
N SER A 112 30.19 -7.92 -28.26
CA SER A 112 29.70 -6.57 -28.56
C SER A 112 28.56 -6.50 -29.59
N ASN A 113 28.46 -7.51 -30.45
CA ASN A 113 27.46 -7.46 -31.54
C ASN A 113 26.04 -7.89 -31.10
N LEU A 114 25.20 -6.90 -30.88
CA LEU A 114 23.88 -7.10 -30.32
C LEU A 114 22.89 -7.72 -31.31
N SER A 115 23.29 -7.85 -32.57
CA SER A 115 22.41 -8.38 -33.61
C SER A 115 22.32 -9.89 -33.56
N TYR A 116 23.24 -10.51 -32.82
CA TYR A 116 23.19 -11.96 -32.61
C TYR A 116 22.36 -12.36 -31.39
N TYR A 117 21.67 -13.49 -31.49
CA TYR A 117 21.22 -14.18 -30.30
C TYR A 117 22.50 -14.75 -29.65
N THR A 118 22.55 -14.79 -28.33
CA THR A 118 23.69 -15.43 -27.68
C THR A 118 23.44 -16.95 -27.63
N ARG A 119 24.41 -17.70 -27.15
CA ARG A 119 24.32 -19.16 -27.11
C ARG A 119 24.73 -19.72 -25.74
N ALA A 120 23.84 -20.48 -25.13
CA ALA A 120 24.14 -21.15 -23.85
C ALA A 120 25.23 -22.21 -24.03
N LEU A 121 25.26 -22.83 -25.20
CA LEU A 121 26.35 -23.73 -25.57
C LEU A 121 26.91 -23.31 -26.90
N PRO A 122 28.24 -23.33 -27.05
CA PRO A 122 28.81 -22.95 -28.32
C PRO A 122 28.38 -23.89 -29.44
N PRO A 123 28.46 -23.42 -30.69
CA PRO A 123 28.16 -24.29 -31.83
C PRO A 123 29.20 -25.38 -31.99
N VAL A 124 28.78 -26.46 -32.62
CA VAL A 124 29.70 -27.53 -33.02
C VAL A 124 30.54 -26.97 -34.17
N ALA A 125 31.86 -27.08 -34.04
CA ALA A 125 32.76 -26.51 -35.04
C ALA A 125 32.49 -27.09 -36.43
N ASP A 126 32.74 -26.26 -37.44
CA ASP A 126 32.42 -26.61 -38.83
C ASP A 126 33.20 -27.81 -39.35
N ASP A 127 34.36 -28.08 -38.78
CA ASP A 127 35.20 -29.14 -39.32
C ASP A 127 35.13 -30.39 -38.45
N CYS A 128 34.11 -30.47 -37.62
CA CYS A 128 33.86 -31.70 -36.88
C CYS A 128 33.29 -32.75 -37.84
N PRO A 129 33.61 -34.03 -37.61
CA PRO A 129 33.23 -35.10 -38.54
C PRO A 129 31.73 -35.38 -38.60
N THR A 130 31.01 -35.11 -37.52
CA THR A 130 29.56 -35.29 -37.51
C THR A 130 28.85 -34.06 -36.99
N PRO A 131 27.54 -33.96 -37.30
CA PRO A 131 26.75 -32.80 -36.88
C PRO A 131 26.84 -32.54 -35.38
N MET A 132 26.90 -33.58 -34.57
CA MET A 132 26.91 -33.40 -33.11
C MET A 132 28.33 -33.35 -32.55
N GLY A 133 29.32 -33.49 -33.43
CA GLY A 133 30.72 -33.47 -33.00
C GLY A 133 31.47 -34.66 -33.55
N VAL A 134 31.46 -35.76 -32.79
CA VAL A 134 32.08 -37.02 -33.24
C VAL A 134 31.09 -38.19 -33.28
N LYS A 135 30.00 -38.10 -32.52
CA LYS A 135 29.01 -39.17 -32.47
C LYS A 135 28.01 -39.11 -33.61
N GLY A 136 27.38 -40.26 -33.87
CA GLY A 136 26.31 -40.38 -34.86
C GLY A 136 26.81 -40.54 -36.28
N ASN A 137 25.91 -40.41 -37.24
CA ASN A 137 26.27 -40.52 -38.66
C ASN A 137 26.58 -39.17 -39.28
N LYS A 138 27.13 -39.21 -40.49
CA LYS A 138 27.60 -38.01 -41.16
C LYS A 138 26.47 -37.03 -41.28
N GLU A 139 25.25 -37.55 -41.23
CA GLU A 139 24.06 -36.72 -41.39
C GLU A 139 22.99 -37.12 -40.41
N LEU A 140 22.34 -36.12 -39.85
CA LEU A 140 21.19 -36.33 -38.97
C LEU A 140 20.03 -36.92 -39.78
N PRO A 141 19.08 -37.57 -39.09
CA PRO A 141 17.94 -38.14 -39.77
C PRO A 141 17.12 -37.10 -40.52
N ASP A 142 16.46 -37.55 -41.57
CA ASP A 142 15.54 -36.71 -42.35
C ASP A 142 14.57 -36.00 -41.41
N SER A 143 14.58 -34.67 -41.47
CA SER A 143 13.78 -33.87 -40.56
C SER A 143 12.30 -34.08 -40.82
N LYS A 144 11.95 -34.27 -42.09
CA LYS A 144 10.55 -34.56 -42.46
C LYS A 144 10.07 -35.84 -41.76
N GLU A 145 10.98 -36.80 -41.63
CA GLU A 145 10.69 -38.09 -41.02
C GLU A 145 10.46 -37.95 -39.53
N VAL A 146 11.28 -37.13 -38.89
CA VAL A 146 11.16 -36.87 -37.47
C VAL A 146 9.85 -36.15 -37.23
N LEU A 147 9.63 -35.12 -38.02
CA LEU A 147 8.40 -34.32 -37.99
C LEU A 147 7.19 -35.24 -37.99
N GLU A 148 7.09 -36.04 -39.05
CA GLU A 148 5.90 -36.86 -39.32
C GLU A 148 5.69 -37.98 -38.31
N LYS A 149 6.77 -38.61 -37.88
CA LYS A 149 6.65 -39.80 -37.02
C LYS A 149 6.35 -39.44 -35.55
N VAL A 150 6.95 -38.36 -35.03
CA VAL A 150 6.81 -38.09 -33.60
C VAL A 150 6.30 -36.70 -33.24
N LEU A 151 6.20 -35.79 -34.21
CA LEU A 151 5.77 -34.41 -33.90
C LEU A 151 4.33 -34.10 -34.29
N LEU A 152 3.91 -34.57 -35.45
CA LEU A 152 2.60 -34.16 -35.99
C LEU A 152 1.42 -34.73 -35.22
N ARG A 153 0.44 -33.89 -34.99
CA ARG A 153 -0.77 -34.25 -34.25
C ARG A 153 -1.67 -35.18 -35.05
N ARG A 154 -2.10 -36.27 -34.43
CA ARG A 154 -3.15 -37.10 -35.04
C ARG A 154 -4.45 -36.60 -34.45
N GLU A 155 -4.63 -36.87 -33.16
CA GLU A 155 -5.76 -36.35 -32.43
C GLU A 155 -5.27 -35.25 -31.48
N PHE A 156 -6.03 -34.17 -31.37
CA PHE A 156 -5.71 -33.07 -30.45
C PHE A 156 -5.55 -33.58 -29.02
N ILE A 157 -4.41 -33.29 -28.42
CA ILE A 157 -4.16 -33.68 -27.02
C ILE A 157 -4.23 -32.44 -26.13
N PRO A 158 -5.29 -32.35 -25.31
CA PRO A 158 -5.42 -31.15 -24.50
C PRO A 158 -4.38 -31.09 -23.40
N ASP A 159 -4.07 -29.87 -22.96
CA ASP A 159 -3.18 -29.67 -21.84
C ASP A 159 -3.86 -30.06 -20.53
N PRO A 160 -3.28 -31.03 -19.81
CA PRO A 160 -3.84 -31.45 -18.53
C PRO A 160 -3.82 -30.34 -17.51
N GLN A 161 -2.92 -29.37 -17.68
CA GLN A 161 -2.86 -28.22 -16.76
C GLN A 161 -3.95 -27.18 -17.07
N GLY A 162 -4.75 -27.43 -18.11
CA GLY A 162 -5.89 -26.56 -18.39
C GLY A 162 -5.58 -25.21 -19.02
N SER A 163 -4.37 -25.06 -19.55
CA SER A 163 -4.00 -23.86 -20.28
C SER A 163 -5.06 -23.55 -21.31
N ASN A 164 -5.43 -22.28 -21.44
CA ASN A 164 -6.43 -21.86 -22.42
C ASN A 164 -5.82 -20.97 -23.51
N MET A 165 -6.68 -20.40 -24.34
CA MET A 165 -6.20 -19.61 -25.48
C MET A 165 -5.77 -18.20 -25.03
N MET A 166 -6.28 -17.73 -23.91
CA MET A 166 -5.78 -16.49 -23.33
C MET A 166 -4.32 -16.68 -23.00
N PHE A 167 -3.98 -17.85 -22.48
CA PHE A 167 -2.59 -18.18 -22.17
C PHE A 167 -1.76 -18.30 -23.45
N ALA A 168 -2.25 -19.09 -24.40
CA ALA A 168 -1.51 -19.34 -25.62
C ALA A 168 -1.13 -18.02 -26.29
N PHE A 169 -2.10 -17.12 -26.46
CA PHE A 169 -1.86 -15.88 -27.20
C PHE A 169 -1.07 -14.85 -26.40
N PHE A 170 -1.13 -14.96 -25.08
CA PHE A 170 -0.28 -14.13 -24.23
C PHE A 170 1.17 -14.52 -24.44
N ALA A 171 1.42 -15.82 -24.54
CA ALA A 171 2.76 -16.35 -24.67
C ALA A 171 3.33 -15.85 -25.99
N GLN A 172 2.53 -15.98 -27.04
CA GLN A 172 2.97 -15.54 -28.38
C GLN A 172 3.28 -14.03 -28.38
N HIS A 173 2.33 -13.24 -27.86
CA HIS A 173 2.40 -11.80 -27.87
C HIS A 173 3.60 -11.30 -27.05
N PHE A 174 3.65 -11.75 -25.81
CA PHE A 174 4.72 -11.34 -24.88
C PHE A 174 6.12 -11.72 -25.41
N THR A 175 6.30 -12.96 -25.81
CA THR A 175 7.63 -13.43 -26.23
C THR A 175 8.08 -12.85 -27.56
N HIS A 176 7.12 -12.43 -28.37
CA HIS A 176 7.44 -11.92 -29.71
C HIS A 176 7.94 -10.47 -29.69
N GLN A 177 8.20 -9.97 -28.49
CA GLN A 177 8.91 -8.71 -28.37
C GLN A 177 10.40 -8.97 -28.34
N PHE A 178 10.83 -10.14 -27.86
CA PHE A 178 12.27 -10.44 -27.83
C PHE A 178 12.69 -11.63 -28.70
N PHE A 179 11.73 -12.42 -29.17
CA PHE A 179 11.98 -13.36 -30.24
C PHE A 179 11.53 -12.71 -31.53
N LYS A 180 12.49 -12.21 -32.30
CA LYS A 180 12.25 -11.50 -33.56
C LYS A 180 13.41 -11.76 -34.51
N THR A 181 13.43 -12.94 -35.09
CA THR A 181 14.58 -13.36 -35.87
C THR A 181 14.74 -12.49 -37.10
N ASP A 182 15.98 -12.09 -37.36
CA ASP A 182 16.30 -11.32 -38.55
C ASP A 182 16.60 -12.28 -39.70
N HIS A 183 15.54 -12.67 -40.41
CA HIS A 183 15.65 -13.67 -41.46
C HIS A 183 16.52 -13.18 -42.63
N LYS A 184 16.78 -11.88 -42.67
CA LYS A 184 17.66 -11.36 -43.69
C LYS A 184 19.09 -11.79 -43.39
N ARG A 185 19.39 -11.93 -42.10
CA ARG A 185 20.75 -12.29 -41.70
C ARG A 185 20.88 -13.79 -41.49
N GLY A 186 19.89 -14.40 -40.86
CA GLY A 186 19.93 -15.83 -40.58
C GLY A 186 19.30 -16.13 -39.23
N PRO A 187 19.10 -17.42 -38.94
CA PRO A 187 18.39 -17.83 -37.72
C PRO A 187 19.09 -17.43 -36.43
N GLY A 188 20.38 -17.15 -36.48
CA GLY A 188 21.14 -16.79 -35.28
C GLY A 188 21.16 -15.29 -35.00
N PHE A 189 20.38 -14.53 -35.76
CA PHE A 189 20.32 -13.08 -35.62
C PHE A 189 18.93 -12.58 -35.21
N THR A 190 18.93 -11.47 -34.47
CA THR A 190 17.71 -10.89 -33.94
C THR A 190 17.55 -9.41 -34.32
N ARG A 191 16.30 -8.99 -34.41
CA ARG A 191 15.97 -7.59 -34.62
C ARG A 191 15.62 -6.89 -33.31
N GLY A 192 15.49 -7.66 -32.24
CA GLY A 192 15.13 -7.11 -30.92
C GLY A 192 16.38 -6.78 -30.13
N LEU A 193 16.90 -5.58 -30.36
CA LEU A 193 18.22 -5.20 -29.85
C LEU A 193 18.19 -4.85 -28.37
N GLY A 194 16.98 -4.72 -27.81
CA GLY A 194 16.81 -4.55 -26.38
C GLY A 194 17.00 -5.85 -25.61
N HIS A 195 17.02 -6.96 -26.33
CA HIS A 195 17.23 -8.27 -25.72
C HIS A 195 16.42 -8.49 -24.43
N GLY A 196 15.15 -8.10 -24.46
CA GLY A 196 14.30 -8.36 -23.29
C GLY A 196 12.98 -7.68 -23.33
N VAL A 197 12.45 -7.38 -22.15
CA VAL A 197 11.12 -6.83 -21.97
C VAL A 197 11.15 -5.31 -22.02
N ASP A 198 11.18 -4.78 -23.24
CA ASP A 198 11.22 -3.34 -23.42
C ASP A 198 9.95 -2.80 -24.04
N LEU A 199 9.02 -3.71 -24.31
CA LEU A 199 7.70 -3.42 -24.91
C LEU A 199 7.78 -2.77 -26.29
N ASN A 200 8.85 -3.04 -27.02
CA ASN A 200 8.96 -2.59 -28.41
C ASN A 200 7.80 -3.13 -29.25
N HIS A 201 7.16 -4.19 -28.77
CA HIS A 201 6.05 -4.79 -29.52
C HIS A 201 4.76 -3.96 -29.38
N ILE A 202 4.80 -2.98 -28.49
CA ILE A 202 3.72 -1.99 -28.33
C ILE A 202 4.19 -0.63 -28.87
N TYR A 203 5.43 -0.28 -28.51
CA TYR A 203 5.95 1.06 -28.77
C TYR A 203 6.83 1.19 -30.02
N GLY A 204 7.28 0.05 -30.56
CA GLY A 204 8.22 0.05 -31.71
C GLY A 204 9.69 -0.10 -31.32
N GLU A 205 10.47 -0.76 -32.17
CA GLU A 205 11.91 -0.94 -31.97
C GLU A 205 12.64 0.39 -31.99
N THR A 206 12.23 1.24 -32.93
CA THR A 206 12.94 2.47 -33.23
C THR A 206 12.12 3.71 -32.87
N LEU A 207 12.85 4.81 -32.68
CA LEU A 207 12.26 6.09 -32.27
C LEU A 207 11.28 6.58 -33.32
N ASP A 208 11.67 6.39 -34.57
CA ASP A 208 10.88 6.80 -35.72
C ASP A 208 9.51 6.11 -35.75
N ARG A 209 9.53 4.80 -35.56
CA ARG A 209 8.30 4.02 -35.51
C ARG A 209 7.47 4.46 -34.30
N GLN A 210 8.13 4.63 -33.16
CA GLN A 210 7.44 5.08 -31.94
C GLN A 210 6.70 6.38 -32.18
N HIS A 211 7.38 7.33 -32.79
CA HIS A 211 6.82 8.65 -32.96
C HIS A 211 5.61 8.61 -33.91
N LYS A 212 5.65 7.75 -34.91
CA LYS A 212 4.48 7.56 -35.77
C LYS A 212 3.29 6.97 -35.01
N LEU A 213 3.57 6.21 -33.96
CA LEU A 213 2.53 5.53 -33.17
C LEU A 213 1.94 6.43 -32.10
N ARG A 214 2.63 7.51 -31.79
CA ARG A 214 2.27 8.39 -30.67
C ARG A 214 1.35 9.55 -31.08
N LEU A 215 0.49 9.93 -30.16
CA LEU A 215 -0.45 11.02 -30.40
C LEU A 215 0.19 12.39 -30.11
N PHE A 216 1.14 12.39 -29.18
CA PHE A 216 1.82 13.61 -28.75
C PHE A 216 0.90 14.58 -28.03
N LYS A 217 -0.15 14.03 -27.43
CA LYS A 217 -0.88 14.69 -26.38
C LYS A 217 -1.08 13.74 -25.22
N ASP A 218 -0.81 14.24 -24.03
CA ASP A 218 -1.09 13.53 -22.79
C ASP A 218 -0.37 12.19 -22.71
N GLY A 219 0.65 12.01 -23.56
CA GLY A 219 1.57 10.88 -23.45
C GLY A 219 1.04 9.65 -24.16
N LYS A 220 -0.07 9.85 -24.88
CA LYS A 220 -0.85 8.75 -25.43
C LYS A 220 -0.36 8.25 -26.77
N LEU A 221 -0.84 7.04 -27.06
CA LEU A 221 -0.65 6.37 -28.33
C LEU A 221 -1.88 6.65 -29.22
N LYS A 222 -1.67 6.85 -30.51
CA LYS A 222 -2.77 7.00 -31.44
C LYS A 222 -3.74 5.80 -31.35
N TYR A 223 -5.00 6.07 -31.65
CA TYR A 223 -6.01 5.03 -31.69
C TYR A 223 -7.16 5.49 -32.53
N GLN A 224 -8.06 4.54 -32.86
CA GLN A 224 -9.29 4.87 -33.56
C GLN A 224 -10.45 4.27 -32.78
N VAL A 225 -11.65 4.80 -33.04
CA VAL A 225 -12.85 4.30 -32.40
C VAL A 225 -13.77 3.72 -33.47
N ILE A 226 -14.10 2.44 -33.31
CA ILE A 226 -14.95 1.69 -34.25
C ILE A 226 -16.09 1.08 -33.45
N GLY A 227 -17.30 1.46 -33.81
CA GLY A 227 -18.48 0.96 -33.10
C GLY A 227 -18.41 1.25 -31.62
N GLY A 228 -17.81 2.39 -31.28
CA GLY A 228 -17.71 2.81 -29.89
C GLY A 228 -16.55 2.19 -29.14
N GLU A 229 -15.74 1.40 -29.83
CA GLU A 229 -14.64 0.69 -29.20
C GLU A 229 -13.29 1.18 -29.68
N VAL A 230 -12.33 1.21 -28.76
CA VAL A 230 -10.98 1.68 -29.09
C VAL A 230 -10.11 0.57 -29.68
N TYR A 231 -9.60 0.83 -30.88
CA TYR A 231 -8.68 -0.07 -31.57
C TYR A 231 -7.41 0.66 -32.00
N PRO A 232 -6.37 -0.11 -32.39
CA PRO A 232 -5.17 0.57 -32.86
C PRO A 232 -5.49 1.37 -34.13
N PRO A 233 -4.64 2.35 -34.45
CA PRO A 233 -4.84 3.14 -35.66
C PRO A 233 -4.49 2.33 -36.91
N THR A 234 -4.67 2.93 -38.08
CA THR A 234 -4.40 2.25 -39.33
C THR A 234 -3.02 2.56 -39.86
N VAL A 235 -2.54 1.70 -40.76
CA VAL A 235 -1.31 1.95 -41.47
C VAL A 235 -1.45 3.23 -42.30
N LYS A 236 -2.64 3.44 -42.83
CA LYS A 236 -2.89 4.59 -43.69
C LYS A 236 -2.75 5.88 -42.92
N ASP A 237 -3.24 5.89 -41.69
CA ASP A 237 -3.18 7.07 -40.85
C ASP A 237 -1.78 7.33 -40.32
N THR A 238 -1.02 6.26 -40.04
CA THR A 238 0.24 6.43 -39.29
C THR A 238 1.50 6.29 -40.15
N GLN A 239 1.40 5.57 -41.26
CA GLN A 239 2.55 5.25 -42.10
C GLN A 239 3.52 4.26 -41.46
N VAL A 240 3.08 3.53 -40.45
CA VAL A 240 3.98 2.54 -39.89
C VAL A 240 3.85 1.27 -40.71
N GLU A 241 5.00 0.65 -40.99
CA GLU A 241 5.05 -0.55 -41.76
C GLU A 241 4.49 -1.71 -40.95
N MET A 242 3.62 -2.46 -41.60
CA MET A 242 3.04 -3.68 -41.05
C MET A 242 3.05 -4.75 -42.13
N ILE A 243 3.11 -6.01 -41.73
CA ILE A 243 3.05 -7.10 -42.68
C ILE A 243 1.61 -7.56 -42.80
N TYR A 244 1.05 -7.36 -44.00
CA TYR A 244 -0.31 -7.76 -44.32
C TYR A 244 -0.35 -8.29 -45.75
N PRO A 245 -1.13 -9.34 -45.98
CA PRO A 245 -1.30 -9.81 -47.35
C PRO A 245 -2.00 -8.73 -48.16
N PRO A 246 -1.73 -8.70 -49.48
CA PRO A 246 -2.18 -7.61 -50.33
C PRO A 246 -3.70 -7.44 -50.39
N HIS A 247 -4.44 -8.45 -49.98
CA HIS A 247 -5.90 -8.40 -50.09
C HIS A 247 -6.56 -7.75 -48.88
N ILE A 248 -5.77 -7.41 -47.88
CA ILE A 248 -6.30 -6.76 -46.68
C ILE A 248 -6.60 -5.29 -46.94
N PRO A 249 -7.87 -4.89 -46.77
CA PRO A 249 -8.28 -3.49 -46.96
C PRO A 249 -7.66 -2.57 -45.94
N GLU A 250 -7.23 -1.41 -46.42
CA GLU A 250 -6.43 -0.48 -45.61
C GLU A 250 -7.08 -0.16 -44.27
N ASN A 251 -8.40 -0.24 -44.21
CA ASN A 251 -9.08 0.14 -43.00
C ASN A 251 -9.06 -0.99 -41.99
N LEU A 252 -8.48 -2.11 -42.40
CA LEU A 252 -8.34 -3.26 -41.52
C LEU A 252 -6.86 -3.53 -41.24
N GLN A 253 -6.00 -2.71 -41.83
CA GLN A 253 -4.57 -2.79 -41.55
C GLN A 253 -4.22 -2.02 -40.28
N PHE A 254 -4.41 -2.66 -39.14
CA PHE A 254 -4.08 -2.06 -37.85
C PHE A 254 -2.57 -1.93 -37.68
N ALA A 255 -2.15 -0.78 -37.15
CA ALA A 255 -0.75 -0.48 -36.94
C ALA A 255 -0.42 -0.56 -35.45
N VAL A 256 0.54 -1.41 -35.12
CA VAL A 256 0.99 -1.59 -33.75
C VAL A 256 2.50 -1.75 -33.68
N GLY A 257 3.04 -1.79 -32.47
CA GLY A 257 4.48 -1.79 -32.27
C GLY A 257 5.21 -2.86 -33.08
N GLN A 258 4.64 -4.07 -33.08
CA GLN A 258 5.26 -5.25 -33.71
C GLN A 258 4.63 -5.51 -35.07
N GLU A 259 5.45 -5.43 -36.12
CA GLU A 259 4.99 -5.44 -37.50
C GLU A 259 4.25 -6.72 -37.88
N VAL A 260 4.41 -7.78 -37.08
CA VAL A 260 3.84 -9.07 -37.45
C VAL A 260 2.52 -9.38 -36.75
N PHE A 261 2.08 -8.47 -35.88
CA PHE A 261 0.95 -8.74 -34.98
C PHE A 261 -0.42 -8.69 -35.67
N GLY A 262 -0.47 -8.30 -36.94
CA GLY A 262 -1.74 -8.26 -37.67
C GLY A 262 -2.08 -9.62 -38.25
N LEU A 263 -1.22 -10.58 -38.01
CA LEU A 263 -1.24 -11.86 -38.70
C LEU A 263 -2.17 -12.84 -37.99
N VAL A 264 -2.44 -12.56 -36.72
CA VAL A 264 -3.30 -13.40 -35.89
C VAL A 264 -4.17 -12.50 -35.01
N PRO A 265 -5.50 -12.64 -35.12
CA PRO A 265 -6.44 -11.86 -34.32
C PRO A 265 -6.20 -11.98 -32.81
N GLY A 266 -5.67 -13.11 -32.37
CA GLY A 266 -5.33 -13.29 -30.95
C GLY A 266 -4.22 -12.35 -30.51
N LEU A 267 -3.26 -12.11 -31.40
CA LEU A 267 -2.21 -11.11 -31.17
C LEU A 267 -2.80 -9.71 -31.11
N MET A 268 -3.66 -9.41 -32.09
CA MET A 268 -4.25 -8.06 -32.20
C MET A 268 -5.14 -7.78 -30.99
N MET A 269 -5.66 -8.84 -30.40
CA MET A 269 -6.46 -8.70 -29.20
C MET A 269 -5.60 -8.14 -28.08
N TYR A 270 -4.42 -8.74 -27.87
CA TYR A 270 -3.55 -8.30 -26.82
C TYR A 270 -2.92 -6.95 -27.15
N ALA A 271 -2.68 -6.70 -28.43
CA ALA A 271 -2.13 -5.42 -28.87
C ALA A 271 -3.10 -4.30 -28.48
N THR A 272 -4.38 -4.60 -28.61
CA THR A 272 -5.44 -3.62 -28.34
C THR A 272 -5.58 -3.42 -26.84
N ILE A 273 -5.56 -4.52 -26.10
CA ILE A 273 -5.65 -4.44 -24.65
C ILE A 273 -4.52 -3.55 -24.07
N TRP A 274 -3.28 -3.79 -24.52
CA TRP A 274 -2.14 -3.08 -23.98
C TRP A 274 -2.11 -1.63 -24.44
N LEU A 275 -2.57 -1.37 -25.66
CA LEU A 275 -2.70 0.01 -26.13
C LEU A 275 -3.63 0.78 -25.19
N ARG A 276 -4.76 0.15 -24.86
CA ARG A 276 -5.73 0.73 -23.95
C ARG A 276 -5.12 0.99 -22.58
N GLU A 277 -4.36 0.03 -22.09
CA GLU A 277 -3.72 0.12 -20.78
C GLU A 277 -2.79 1.33 -20.75
N HIS A 278 -2.02 1.52 -21.80
CA HIS A 278 -1.09 2.64 -21.85
C HIS A 278 -1.84 3.97 -21.73
N ASN A 279 -2.88 4.15 -22.52
CA ASN A 279 -3.63 5.42 -22.50
C ASN A 279 -4.36 5.61 -21.17
N ARG A 280 -4.74 4.48 -20.58
CA ARG A 280 -5.36 4.45 -19.26
C ARG A 280 -4.40 4.98 -18.20
N VAL A 281 -3.19 4.46 -18.22
CA VAL A 281 -2.17 4.87 -17.27
C VAL A 281 -1.80 6.35 -17.49
N CYS A 282 -1.80 6.80 -18.75
CA CYS A 282 -1.62 8.21 -19.08
C CYS A 282 -2.64 9.09 -18.36
N ASP A 283 -3.91 8.68 -18.39
CA ASP A 283 -4.96 9.46 -17.73
C ASP A 283 -4.70 9.53 -16.22
N ILE A 284 -4.26 8.42 -15.66
CA ILE A 284 -4.00 8.37 -14.24
C ILE A 284 -2.87 9.32 -13.87
N LEU A 285 -1.77 9.26 -14.63
CA LEU A 285 -0.60 10.10 -14.38
C LEU A 285 -0.89 11.60 -14.57
N LYS A 286 -1.71 11.94 -15.57
CA LYS A 286 -2.02 13.32 -15.85
C LYS A 286 -2.76 13.92 -14.66
N GLN A 287 -3.61 13.10 -14.07
CA GLN A 287 -4.39 13.46 -12.91
C GLN A 287 -3.47 13.69 -11.71
N GLU A 288 -2.41 12.91 -11.61
CA GLU A 288 -1.46 13.08 -10.53
C GLU A 288 -0.49 14.21 -10.81
N HIS A 289 -0.28 14.48 -12.10
CA HIS A 289 0.72 15.43 -12.55
C HIS A 289 0.21 16.33 -13.65
N PRO A 290 -0.68 17.28 -13.31
CA PRO A 290 -1.14 18.22 -14.32
C PRO A 290 0.00 19.06 -14.89
N GLU A 291 1.13 19.13 -14.18
CA GLU A 291 2.30 19.91 -14.63
C GLU A 291 3.13 19.22 -15.68
N TRP A 292 2.85 17.94 -15.89
CA TRP A 292 3.70 17.13 -16.76
C TRP A 292 3.33 17.33 -18.19
N GLY A 293 4.33 17.21 -19.07
CA GLY A 293 4.10 17.26 -20.51
C GLY A 293 3.94 15.88 -21.12
N ASP A 294 3.65 15.86 -22.42
CA ASP A 294 3.44 14.65 -23.18
C ASP A 294 4.60 13.64 -23.10
N GLU A 295 5.85 14.11 -23.25
CA GLU A 295 7.00 13.20 -23.22
C GLU A 295 7.04 12.43 -21.91
N GLN A 296 6.93 13.17 -20.82
CA GLN A 296 7.12 12.56 -19.52
C GLN A 296 5.98 11.62 -19.20
N LEU A 297 4.78 11.95 -19.68
CA LEU A 297 3.63 11.08 -19.49
C LEU A 297 3.82 9.80 -20.28
N PHE A 298 4.31 9.94 -21.52
CA PHE A 298 4.55 8.78 -22.34
C PHE A 298 5.61 7.87 -21.75
N GLN A 299 6.74 8.46 -21.38
CA GLN A 299 7.89 7.67 -20.92
C GLN A 299 7.57 6.98 -19.58
N THR A 300 6.91 7.69 -18.69
CA THR A 300 6.60 7.12 -17.38
C THR A 300 5.60 5.96 -17.52
N SER A 301 4.60 6.17 -18.36
CA SER A 301 3.62 5.12 -18.63
C SER A 301 4.29 3.86 -19.19
N ARG A 302 5.21 4.03 -20.13
CA ARG A 302 5.93 2.89 -20.68
C ARG A 302 6.65 2.12 -19.58
N LEU A 303 7.27 2.85 -18.64
CA LEU A 303 7.99 2.21 -17.55
C LEU A 303 7.02 1.42 -16.66
N ILE A 304 5.85 1.99 -16.43
CA ILE A 304 4.83 1.36 -15.62
C ILE A 304 4.36 0.07 -16.31
N LEU A 305 4.10 0.14 -17.62
CA LEU A 305 3.65 -1.07 -18.36
C LEU A 305 4.72 -2.16 -18.41
N ILE A 306 5.98 -1.77 -18.44
CA ILE A 306 7.05 -2.75 -18.34
C ILE A 306 6.91 -3.47 -17.00
N GLY A 307 6.69 -2.70 -15.94
CA GLY A 307 6.51 -3.28 -14.59
C GLY A 307 5.31 -4.20 -14.52
N GLU A 308 4.19 -3.76 -15.06
CA GLU A 308 2.97 -4.56 -15.04
C GLU A 308 3.25 -5.88 -15.75
N THR A 309 3.98 -5.80 -16.86
CA THR A 309 4.24 -6.96 -17.70
C THR A 309 5.03 -8.02 -16.95
N ILE A 310 6.09 -7.59 -16.27
CA ILE A 310 6.95 -8.50 -15.51
C ILE A 310 6.15 -9.07 -14.34
N LYS A 311 5.34 -8.22 -13.72
CA LYS A 311 4.48 -8.63 -12.60
C LYS A 311 3.53 -9.76 -13.00
N ILE A 312 2.86 -9.57 -14.14
CA ILE A 312 1.89 -10.53 -14.62
C ILE A 312 2.57 -11.81 -15.10
N VAL A 313 3.72 -11.66 -15.73
CA VAL A 313 4.45 -12.82 -16.23
C VAL A 313 4.86 -13.73 -15.07
N ILE A 314 5.37 -13.15 -14.01
CA ILE A 314 5.81 -13.99 -12.89
C ILE A 314 4.62 -14.57 -12.10
N GLU A 315 3.70 -13.71 -11.70
CA GLU A 315 2.70 -14.10 -10.71
C GLU A 315 1.43 -14.73 -11.27
N ASP A 316 1.19 -14.57 -12.57
CA ASP A 316 0.06 -15.20 -13.24
C ASP A 316 0.53 -16.24 -14.25
N TYR A 317 1.36 -15.78 -15.18
CA TYR A 317 1.76 -16.60 -16.31
C TYR A 317 2.64 -17.76 -15.88
N VAL A 318 3.79 -17.44 -15.29
CA VAL A 318 4.71 -18.49 -14.83
C VAL A 318 4.09 -19.28 -13.68
N GLN A 319 3.28 -18.60 -12.87
CA GLN A 319 2.62 -19.26 -11.75
C GLN A 319 1.77 -20.42 -12.29
N HIS A 320 0.99 -20.14 -13.33
CA HIS A 320 0.13 -21.15 -13.92
C HIS A 320 0.94 -22.30 -14.51
N LEU A 321 1.97 -21.93 -15.27
CA LEU A 321 2.81 -22.90 -15.99
C LEU A 321 3.51 -23.84 -15.00
N SER A 322 3.95 -23.29 -13.88
CA SER A 322 4.72 -24.05 -12.91
C SER A 322 3.91 -25.15 -12.22
N GLY A 323 2.62 -24.90 -12.01
CA GLY A 323 1.80 -25.78 -11.18
C GLY A 323 2.21 -25.75 -9.71
N TYR A 324 3.02 -24.78 -9.32
CA TYR A 324 3.47 -24.72 -7.93
C TYR A 324 2.33 -24.32 -7.00
N HIS A 325 2.35 -24.86 -5.79
CA HIS A 325 1.46 -24.41 -4.72
C HIS A 325 2.09 -23.22 -4.04
N PHE A 326 3.41 -23.12 -4.15
CA PHE A 326 4.09 -21.92 -3.71
C PHE A 326 3.72 -20.74 -4.60
N LYS A 327 3.43 -19.61 -3.96
CA LYS A 327 2.98 -18.41 -4.64
C LYS A 327 4.19 -17.54 -5.01
N LEU A 328 4.52 -17.56 -6.30
CA LEU A 328 5.64 -16.79 -6.82
C LEU A 328 5.40 -15.32 -6.62
N LYS A 329 6.49 -14.56 -6.48
CA LYS A 329 6.41 -13.13 -6.21
C LYS A 329 7.31 -12.30 -7.11
N PHE A 330 6.78 -11.19 -7.62
CA PHE A 330 7.60 -10.20 -8.32
C PHE A 330 8.04 -9.15 -7.32
N ASP A 331 9.31 -9.24 -6.92
CA ASP A 331 9.85 -8.35 -5.89
C ASP A 331 11.34 -8.12 -6.10
N PRO A 332 11.69 -7.06 -6.85
CA PRO A 332 13.10 -6.70 -7.08
C PRO A 332 13.98 -6.66 -5.83
N GLU A 333 13.41 -6.21 -4.71
CA GLU A 333 14.18 -6.05 -3.48
C GLU A 333 14.85 -7.35 -3.02
N LEU A 334 14.27 -8.48 -3.40
CA LEU A 334 14.80 -9.79 -3.01
C LEU A 334 16.22 -10.00 -3.49
N LEU A 335 16.62 -9.24 -4.51
CA LEU A 335 17.93 -9.44 -5.12
C LEU A 335 18.95 -8.40 -4.66
N PHE A 336 18.49 -7.40 -3.92
CA PHE A 336 19.33 -6.23 -3.57
C PHE A 336 20.55 -6.55 -2.70
N ASN A 337 20.47 -7.60 -1.89
CA ASN A 337 21.61 -8.02 -1.07
C ASN A 337 22.29 -9.23 -1.68
N GLN A 338 22.08 -9.41 -2.98
CA GLN A 338 22.52 -10.60 -3.66
C GLN A 338 23.43 -10.22 -4.83
N GLN A 339 24.29 -11.12 -5.27
CA GLN A 339 25.06 -10.89 -6.50
C GLN A 339 24.18 -11.20 -7.70
N PHE A 340 24.05 -10.23 -8.60
CA PHE A 340 23.13 -10.37 -9.73
C PHE A 340 23.43 -9.30 -10.76
N GLN A 341 23.48 -9.69 -12.02
CA GLN A 341 23.78 -8.76 -13.11
C GLN A 341 22.50 -8.24 -13.76
N TYR A 342 22.28 -6.94 -13.62
CA TYR A 342 21.12 -6.32 -14.24
C TYR A 342 21.36 -6.11 -15.74
N GLN A 343 21.40 -7.22 -16.44
CA GLN A 343 21.51 -7.23 -17.89
C GLN A 343 21.14 -8.62 -18.41
N ASN A 344 20.92 -8.69 -19.70
CA ASN A 344 20.52 -9.92 -20.34
C ASN A 344 20.73 -9.85 -21.85
N ARG A 345 20.98 -11.02 -22.41
CA ARG A 345 21.13 -11.20 -23.84
C ARG A 345 20.29 -12.41 -24.20
N ILE A 346 19.39 -12.27 -25.17
CA ILE A 346 18.47 -13.35 -25.52
C ILE A 346 19.21 -14.49 -26.20
N ALA A 347 19.05 -15.68 -25.63
CA ALA A 347 19.67 -16.91 -26.12
C ALA A 347 18.89 -17.56 -27.27
N SER A 348 19.63 -17.99 -28.29
CA SER A 348 19.06 -18.74 -29.39
C SER A 348 18.26 -19.96 -28.89
N GLU A 349 18.81 -20.65 -27.90
CA GLU A 349 18.18 -21.85 -27.37
C GLU A 349 16.85 -21.55 -26.66
N PHE A 350 16.77 -20.37 -26.03
CA PHE A 350 15.53 -19.94 -25.38
C PHE A 350 14.45 -19.76 -26.45
N ASN A 351 14.83 -19.19 -27.59
CA ASN A 351 13.94 -19.02 -28.70
C ASN A 351 13.48 -20.38 -29.22
N THR A 352 14.43 -21.29 -29.39
CA THR A 352 14.12 -22.59 -29.97
C THR A 352 13.13 -23.33 -29.09
N LEU A 353 13.38 -23.33 -27.79
CA LEU A 353 12.56 -24.10 -26.87
C LEU A 353 11.15 -23.52 -26.73
N TYR A 354 11.00 -22.24 -27.07
CA TYR A 354 9.72 -21.54 -26.88
C TYR A 354 8.78 -21.70 -28.09
N HIS A 355 9.16 -22.55 -29.03
CA HIS A 355 8.29 -22.83 -30.16
C HIS A 355 7.19 -23.77 -29.69
N TRP A 356 6.19 -23.19 -29.03
CA TRP A 356 5.13 -23.96 -28.37
C TRP A 356 3.86 -24.09 -29.21
N HIS A 357 4.04 -24.39 -30.48
CA HIS A 357 2.92 -24.47 -31.41
C HIS A 357 1.89 -25.57 -31.10
N PRO A 358 2.31 -26.66 -30.41
CA PRO A 358 1.30 -27.64 -29.99
C PRO A 358 0.18 -27.04 -29.11
N LEU A 359 0.40 -25.83 -28.62
CA LEU A 359 -0.63 -25.12 -27.86
C LEU A 359 -1.85 -24.84 -28.74
N LEU A 360 -1.63 -24.73 -30.03
CA LEU A 360 -2.67 -24.30 -30.95
C LEU A 360 -3.71 -25.39 -31.14
N PRO A 361 -4.99 -24.99 -31.13
CA PRO A 361 -6.11 -25.90 -31.35
C PRO A 361 -6.29 -26.17 -32.84
N ASP A 362 -7.19 -27.11 -33.17
CA ASP A 362 -7.48 -27.43 -34.55
C ASP A 362 -8.33 -26.32 -35.18
N THR A 363 -9.19 -25.72 -34.37
CA THR A 363 -9.96 -24.54 -34.77
C THR A 363 -9.98 -23.52 -33.64
N PHE A 364 -10.18 -22.26 -34.00
CA PHE A 364 -10.31 -21.19 -33.02
C PHE A 364 -11.79 -20.86 -32.80
N ASN A 365 -12.25 -21.10 -31.58
CA ASN A 365 -13.68 -21.05 -31.29
C ASN A 365 -14.08 -19.77 -30.59
N ILE A 366 -14.74 -18.89 -31.33
CA ILE A 366 -15.22 -17.61 -30.79
C ILE A 366 -16.73 -17.54 -30.90
N GLU A 367 -17.37 -17.42 -29.76
CA GLU A 367 -18.83 -17.46 -29.71
C GLU A 367 -19.35 -18.76 -30.30
N ASP A 368 -20.17 -18.63 -31.34
CA ASP A 368 -20.78 -19.81 -31.98
C ASP A 368 -19.92 -20.31 -33.14
N GLN A 369 -18.89 -19.54 -33.49
CA GLN A 369 -18.06 -19.85 -34.64
C GLN A 369 -16.87 -20.73 -34.29
N GLU A 370 -16.44 -21.50 -35.27
CA GLU A 370 -15.22 -22.29 -35.16
C GLU A 370 -14.39 -22.02 -36.39
N TYR A 371 -13.40 -21.15 -36.27
CA TYR A 371 -12.60 -20.76 -37.42
C TYR A 371 -11.43 -21.70 -37.66
N SER A 372 -11.21 -22.00 -38.93
CA SER A 372 -10.04 -22.76 -39.37
C SER A 372 -8.83 -21.83 -39.39
N PHE A 373 -7.63 -22.40 -39.43
CA PHE A 373 -6.44 -21.57 -39.54
C PHE A 373 -6.57 -20.61 -40.71
N LYS A 374 -6.96 -21.17 -41.84
CA LYS A 374 -7.11 -20.41 -43.07
C LYS A 374 -7.97 -19.18 -42.82
N GLN A 375 -9.06 -19.35 -42.09
CA GLN A 375 -10.00 -18.26 -41.88
C GLN A 375 -9.50 -17.33 -40.79
N PHE A 376 -8.72 -17.87 -39.86
CA PHE A 376 -8.29 -17.10 -38.70
C PHE A 376 -7.13 -16.17 -39.03
N LEU A 377 -6.15 -16.67 -39.78
CA LEU A 377 -4.96 -15.89 -40.10
C LEU A 377 -5.27 -14.59 -40.86
N TYR A 378 -4.55 -13.55 -40.48
CA TYR A 378 -4.65 -12.21 -41.07
C TYR A 378 -6.09 -11.70 -41.16
N ASN A 379 -6.95 -12.16 -40.27
CA ASN A 379 -8.37 -11.80 -40.36
C ASN A 379 -8.86 -10.99 -39.17
N ASN A 380 -8.60 -9.69 -39.22
CA ASN A 380 -9.00 -8.79 -38.14
C ASN A 380 -10.51 -8.49 -38.11
N SER A 381 -11.24 -8.85 -39.18
CA SER A 381 -12.70 -8.68 -39.19
C SER A 381 -13.30 -9.50 -38.08
N ILE A 382 -12.65 -10.61 -37.77
CA ILE A 382 -13.20 -11.51 -36.76
C ILE A 382 -13.18 -10.79 -35.43
N LEU A 383 -12.09 -10.05 -35.18
CA LEU A 383 -11.97 -9.28 -33.95
C LEU A 383 -13.04 -8.19 -33.92
N LEU A 384 -13.18 -7.47 -35.03
CA LEU A 384 -14.17 -6.39 -35.09
C LEU A 384 -15.56 -7.00 -34.97
N GLU A 385 -15.71 -8.17 -35.54
CA GLU A 385 -16.99 -8.86 -35.57
C GLU A 385 -17.50 -9.14 -34.16
N HIS A 386 -16.70 -9.82 -33.36
CA HIS A 386 -17.14 -10.30 -32.05
C HIS A 386 -16.80 -9.31 -30.94
N GLY A 387 -15.74 -8.53 -31.15
CA GLY A 387 -15.28 -7.59 -30.15
C GLY A 387 -14.42 -8.25 -29.08
N LEU A 388 -13.71 -7.40 -28.33
CA LEU A 388 -12.76 -7.83 -27.30
C LEU A 388 -13.40 -8.66 -26.19
N THR A 389 -14.56 -8.23 -25.70
CA THR A 389 -15.22 -8.91 -24.58
C THR A 389 -15.47 -10.38 -24.94
N GLN A 390 -16.01 -10.59 -26.14
CA GLN A 390 -16.33 -11.95 -26.61
C GLN A 390 -15.06 -12.76 -26.87
N PHE A 391 -14.02 -12.10 -27.38
CA PHE A 391 -12.72 -12.77 -27.55
C PHE A 391 -12.22 -13.27 -26.19
N VAL A 392 -12.26 -12.42 -25.18
CA VAL A 392 -11.75 -12.80 -23.87
C VAL A 392 -12.56 -13.97 -23.30
N GLU A 393 -13.89 -13.85 -23.38
CA GLU A 393 -14.77 -14.88 -22.84
C GLU A 393 -14.54 -16.22 -23.51
N SER A 394 -14.44 -16.20 -24.84
CA SER A 394 -14.27 -17.42 -25.61
C SER A 394 -12.90 -18.05 -25.40
N PHE A 395 -11.87 -17.21 -25.49
CA PHE A 395 -10.50 -17.70 -25.37
C PHE A 395 -10.19 -18.19 -23.97
N THR A 396 -10.93 -17.69 -22.98
CA THR A 396 -10.77 -18.13 -21.60
C THR A 396 -11.36 -19.54 -21.42
N ARG A 397 -12.34 -19.86 -22.26
CA ARG A 397 -13.03 -21.16 -22.22
C ARG A 397 -12.37 -22.24 -23.07
N GLN A 398 -11.62 -21.83 -24.10
CA GLN A 398 -11.08 -22.82 -25.04
C GLN A 398 -9.73 -23.33 -24.57
N ILE A 399 -9.65 -24.65 -24.41
CA ILE A 399 -8.44 -25.30 -23.95
C ILE A 399 -7.37 -25.37 -25.03
N ALA A 400 -6.13 -25.25 -24.58
CA ALA A 400 -4.97 -25.29 -25.45
C ALA A 400 -4.35 -26.70 -25.42
N GLY A 401 -3.52 -27.00 -26.40
CA GLY A 401 -2.86 -28.30 -26.49
C GLY A 401 -1.70 -28.48 -25.55
N ARG A 402 -1.45 -29.74 -25.20
CA ARG A 402 -0.26 -30.12 -24.46
C ARG A 402 0.99 -29.97 -25.33
N VAL A 403 2.09 -29.50 -24.74
CA VAL A 403 3.30 -29.22 -25.52
C VAL A 403 4.29 -30.40 -25.55
N ALA A 404 4.71 -30.89 -24.39
CA ALA A 404 5.54 -32.10 -24.34
C ALA A 404 4.64 -33.32 -24.54
N GLY A 405 5.24 -34.51 -24.56
CA GLY A 405 4.45 -35.73 -24.66
C GLY A 405 4.32 -36.30 -26.07
N GLY A 406 4.68 -35.51 -27.07
CA GLY A 406 4.69 -35.99 -28.45
C GLY A 406 3.43 -35.79 -29.29
N ARG A 407 3.65 -35.82 -30.60
CA ARG A 407 2.59 -35.83 -31.59
C ARG A 407 1.41 -34.89 -31.32
N ASN A 408 1.71 -33.61 -31.11
CA ASN A 408 0.64 -32.62 -30.93
C ASN A 408 0.90 -31.30 -31.65
N VAL A 409 1.79 -31.31 -32.64
CA VAL A 409 2.00 -30.14 -33.49
C VAL A 409 0.93 -30.12 -34.57
N PRO A 410 0.16 -29.02 -34.65
CA PRO A 410 -0.89 -28.91 -35.66
C PRO A 410 -0.33 -28.98 -37.07
N ILE A 411 -1.02 -29.70 -37.94
CA ILE A 411 -0.56 -29.91 -39.31
C ILE A 411 -0.47 -28.57 -40.06
N ALA A 412 -1.38 -27.65 -39.72
CA ALA A 412 -1.42 -26.34 -40.37
C ALA A 412 -0.08 -25.63 -40.25
N VAL A 413 0.72 -26.03 -39.28
CA VAL A 413 1.94 -25.29 -38.97
C VAL A 413 3.17 -26.22 -39.02
N GLN A 414 3.04 -27.29 -39.77
CA GLN A 414 4.10 -28.29 -39.89
C GLN A 414 5.39 -27.73 -40.50
N ALA A 415 5.26 -26.74 -41.36
CA ALA A 415 6.43 -26.12 -41.98
C ALA A 415 7.29 -25.39 -40.94
N VAL A 416 6.62 -24.83 -39.95
CA VAL A 416 7.30 -24.11 -38.88
C VAL A 416 8.10 -25.11 -38.04
N ALA A 417 7.47 -26.24 -37.72
CA ALA A 417 8.15 -27.28 -36.93
C ALA A 417 9.34 -27.85 -37.68
N LYS A 418 9.20 -28.04 -38.98
CA LYS A 418 10.32 -28.60 -39.73
C LYS A 418 11.47 -27.59 -39.73
N ALA A 419 11.13 -26.31 -39.88
CA ALA A 419 12.14 -25.25 -39.89
C ALA A 419 12.86 -25.17 -38.57
N SER A 420 12.16 -25.41 -37.47
CA SER A 420 12.80 -25.39 -36.16
C SER A 420 13.89 -26.44 -36.12
N ILE A 421 13.58 -27.60 -36.69
CA ILE A 421 14.55 -28.69 -36.73
C ILE A 421 15.72 -28.28 -37.63
N ASP A 422 15.39 -27.83 -38.84
CA ASP A 422 16.40 -27.57 -39.85
C ASP A 422 17.30 -26.43 -39.45
N GLN A 423 16.73 -25.41 -38.81
CA GLN A 423 17.51 -24.23 -38.44
C GLN A 423 18.36 -24.47 -37.22
N SER A 424 17.89 -25.35 -36.34
CA SER A 424 18.74 -25.76 -35.21
C SER A 424 20.03 -26.34 -35.75
N ARG A 425 19.90 -27.18 -36.76
CA ARG A 425 21.05 -27.89 -37.33
C ARG A 425 21.92 -26.87 -38.05
N GLU A 426 21.25 -25.95 -38.71
CA GLU A 426 21.93 -24.92 -39.44
C GLU A 426 22.82 -24.12 -38.48
N MET A 427 22.32 -23.92 -37.26
CA MET A 427 23.03 -23.17 -36.25
C MET A 427 23.98 -24.06 -35.45
N LYS A 428 24.14 -25.29 -35.89
CA LYS A 428 25.09 -26.25 -35.30
C LYS A 428 24.89 -26.47 -33.80
N TYR A 429 23.65 -26.70 -33.40
CA TYR A 429 23.32 -27.00 -32.01
C TYR A 429 23.95 -28.31 -31.56
N GLN A 430 24.50 -28.31 -30.36
CA GLN A 430 24.88 -29.57 -29.72
C GLN A 430 23.62 -30.40 -29.38
N SER A 431 23.86 -31.63 -28.91
CA SER A 431 22.79 -32.59 -28.70
C SER A 431 21.96 -32.26 -27.47
N LEU A 432 20.82 -32.93 -27.37
CA LEU A 432 19.96 -32.82 -26.20
C LEU A 432 20.73 -33.07 -24.91
N ASN A 433 21.52 -34.12 -24.90
CA ASN A 433 22.20 -34.55 -23.66
C ASN A 433 23.29 -33.57 -23.26
N GLU A 434 23.95 -32.94 -24.24
CA GLU A 434 24.93 -31.89 -23.93
C GLU A 434 24.22 -30.76 -23.24
N TYR A 435 23.06 -30.39 -23.77
CA TYR A 435 22.28 -29.31 -23.16
C TYR A 435 21.77 -29.70 -21.78
N ARG A 436 21.44 -30.97 -21.60
CA ARG A 436 21.02 -31.46 -20.29
C ARG A 436 22.15 -31.29 -19.29
N LYS A 437 23.35 -31.72 -19.67
CA LYS A 437 24.50 -31.57 -18.78
C LYS A 437 24.72 -30.10 -18.49
N ARG A 438 24.57 -29.27 -19.52
CA ARG A 438 24.84 -27.83 -19.41
C ARG A 438 23.93 -27.20 -18.37
N PHE A 439 22.77 -27.81 -18.14
CA PHE A 439 21.83 -27.29 -17.14
C PHE A 439 21.66 -28.22 -15.94
N SER A 440 22.73 -28.97 -15.65
CA SER A 440 22.84 -29.78 -14.44
C SER A 440 21.79 -30.88 -14.36
N LEU A 441 21.46 -31.45 -15.51
CA LEU A 441 20.52 -32.56 -15.58
C LEU A 441 21.24 -33.79 -16.06
N LYS A 442 20.70 -34.94 -15.68
CA LYS A 442 21.31 -36.22 -16.03
C LYS A 442 21.02 -36.57 -17.49
N PRO A 443 22.06 -36.92 -18.25
CA PRO A 443 21.85 -37.37 -19.61
C PRO A 443 20.86 -38.54 -19.68
N TYR A 444 20.00 -38.51 -20.69
CA TYR A 444 19.10 -39.65 -20.92
C TYR A 444 19.91 -40.81 -21.47
N THR A 445 19.60 -42.01 -21.00
CA THR A 445 20.38 -43.20 -21.34
C THR A 445 19.66 -44.05 -22.37
N SER A 446 18.44 -43.67 -22.71
CA SER A 446 17.67 -44.34 -23.75
C SER A 446 16.53 -43.46 -24.25
N PHE A 447 16.01 -43.77 -25.43
CA PHE A 447 14.89 -43.01 -25.99
C PHE A 447 13.65 -43.24 -25.17
N GLU A 448 13.53 -44.43 -24.57
CA GLU A 448 12.38 -44.78 -23.76
C GLU A 448 12.39 -43.98 -22.47
N GLU A 449 13.58 -43.72 -21.95
CA GLU A 449 13.70 -42.85 -20.78
C GLU A 449 13.22 -41.45 -21.12
N LEU A 450 13.52 -41.01 -22.34
CA LEU A 450 13.17 -39.66 -22.79
C LEU A 450 11.65 -39.47 -22.89
N THR A 451 10.98 -40.42 -23.56
CA THR A 451 9.55 -40.29 -23.86
C THR A 451 8.68 -40.87 -22.74
N GLY A 452 9.23 -41.84 -22.01
CA GLY A 452 8.45 -42.53 -20.99
C GLY A 452 7.44 -43.48 -21.59
N GLU A 453 7.60 -43.78 -22.88
CA GLU A 453 6.76 -44.75 -23.56
C GLU A 453 7.61 -45.59 -24.52
N LYS A 454 6.95 -46.37 -25.38
CA LYS A 454 7.67 -47.33 -26.22
C LYS A 454 7.61 -47.05 -27.71
N GLU A 455 6.47 -46.54 -28.20
CA GLU A 455 6.25 -46.45 -29.64
C GLU A 455 7.06 -45.36 -30.31
N MET A 456 6.95 -44.13 -29.80
CA MET A 456 7.71 -43.01 -30.32
C MET A 456 9.19 -43.24 -30.06
N ALA A 457 9.50 -43.83 -28.90
CA ALA A 457 10.88 -44.14 -28.53
C ALA A 457 11.53 -45.02 -29.59
N ALA A 458 10.77 -46.01 -30.07
CA ALA A 458 11.27 -46.96 -31.06
C ALA A 458 11.47 -46.28 -32.41
N GLU A 459 10.56 -45.39 -32.76
CA GLU A 459 10.70 -44.62 -34.00
C GLU A 459 11.95 -43.74 -33.93
N LEU A 460 12.15 -43.07 -32.79
CA LEU A 460 13.31 -42.20 -32.61
C LEU A 460 14.59 -43.01 -32.62
N LYS A 461 14.55 -44.19 -32.03
CA LYS A 461 15.74 -45.01 -31.95
C LYS A 461 16.16 -45.48 -33.36
N ALA A 462 15.19 -45.83 -34.18
CA ALA A 462 15.47 -46.27 -35.54
C ALA A 462 16.03 -45.10 -36.35
N LEU A 463 15.60 -43.90 -36.01
CA LEU A 463 16.04 -42.71 -36.75
C LEU A 463 17.44 -42.24 -36.33
N TYR A 464 17.68 -42.20 -35.02
CA TYR A 464 18.88 -41.59 -34.46
C TYR A 464 19.95 -42.60 -34.02
N SER A 465 19.51 -43.82 -33.72
CA SER A 465 20.40 -44.92 -33.30
C SER A 465 20.98 -44.75 -31.89
N ASP A 466 21.51 -43.55 -31.64
CA ASP A 466 22.17 -43.24 -30.36
C ASP A 466 21.43 -42.10 -29.64
N ILE A 467 21.14 -42.30 -28.36
CA ILE A 467 20.44 -41.29 -27.57
C ILE A 467 21.28 -40.01 -27.45
N ASP A 468 22.60 -40.16 -27.48
CA ASP A 468 23.51 -39.03 -27.34
C ASP A 468 23.54 -38.16 -28.60
N VAL A 469 22.83 -38.62 -29.63
CA VAL A 469 22.78 -37.93 -30.92
C VAL A 469 21.41 -37.25 -31.10
N MET A 470 20.49 -37.51 -30.17
CA MET A 470 19.16 -36.92 -30.21
C MET A 470 19.26 -35.40 -30.11
N GLU A 471 18.34 -34.71 -30.79
CA GLU A 471 18.35 -33.26 -30.87
C GLU A 471 17.42 -32.61 -29.84
N LEU A 472 17.81 -31.42 -29.41
CA LEU A 472 17.13 -30.69 -28.36
C LEU A 472 15.65 -30.40 -28.70
N TYR A 473 15.41 -29.80 -29.85
CA TYR A 473 14.08 -29.30 -30.17
C TYR A 473 13.02 -30.41 -30.27
N PRO A 474 13.29 -31.44 -31.08
CA PRO A 474 12.34 -32.56 -31.15
C PRO A 474 12.16 -33.24 -29.79
N ALA A 475 13.25 -33.30 -29.03
CA ALA A 475 13.21 -33.96 -27.73
C ALA A 475 12.26 -33.23 -26.79
N LEU A 476 12.20 -31.91 -26.91
CA LEU A 476 11.40 -31.11 -25.99
C LEU A 476 9.92 -31.41 -26.17
N LEU A 477 9.51 -31.61 -27.42
CA LEU A 477 8.11 -31.80 -27.77
C LEU A 477 7.68 -33.24 -27.62
N VAL A 478 8.63 -34.12 -27.36
CA VAL A 478 8.40 -35.56 -27.30
C VAL A 478 8.65 -36.09 -25.89
N GLU A 479 9.24 -35.24 -25.05
CA GLU A 479 9.66 -35.63 -23.71
C GLU A 479 8.50 -36.05 -22.83
N LYS A 480 8.77 -36.99 -21.94
CA LYS A 480 7.80 -37.39 -20.93
C LYS A 480 7.42 -36.20 -20.07
N PRO A 481 6.13 -35.86 -20.05
CA PRO A 481 5.71 -34.73 -19.21
C PRO A 481 5.87 -35.05 -17.74
N ARG A 482 6.00 -34.01 -16.91
CA ARG A 482 5.76 -34.17 -15.49
C ARG A 482 4.32 -34.66 -15.36
N PRO A 483 3.98 -35.29 -14.24
CA PRO A 483 2.64 -35.87 -14.10
C PRO A 483 1.54 -34.83 -14.33
N ASP A 484 0.69 -35.09 -15.31
CA ASP A 484 -0.40 -34.18 -15.63
C ASP A 484 0.10 -32.76 -15.92
N ALA A 485 1.32 -32.66 -16.42
CA ALA A 485 1.90 -31.36 -16.74
C ALA A 485 2.03 -31.12 -18.24
N ILE A 486 2.18 -29.84 -18.60
CA ILE A 486 2.26 -29.43 -19.99
C ILE A 486 3.67 -29.67 -20.58
N PHE A 487 4.68 -29.68 -19.70
CA PHE A 487 6.09 -29.80 -20.08
C PHE A 487 6.81 -30.91 -19.35
N GLY A 488 7.93 -31.36 -19.94
CA GLY A 488 8.87 -32.25 -19.25
C GLY A 488 10.02 -31.47 -18.62
N GLU A 489 10.89 -32.20 -17.94
CA GLU A 489 11.99 -31.64 -17.17
C GLU A 489 12.91 -30.68 -17.94
N THR A 490 13.23 -31.03 -19.17
CA THR A 490 14.22 -30.27 -19.93
C THR A 490 13.72 -28.87 -20.28
N MET A 491 12.44 -28.77 -20.65
CA MET A 491 11.81 -27.48 -20.97
C MET A 491 11.89 -26.50 -19.81
N VAL A 492 11.54 -26.98 -18.62
CA VAL A 492 11.48 -26.11 -17.46
C VAL A 492 12.87 -25.74 -17.01
N GLU A 493 13.77 -26.71 -16.99
CA GLU A 493 15.10 -26.50 -16.43
C GLU A 493 16.00 -25.62 -17.30
N LEU A 494 15.72 -25.57 -18.60
CA LEU A 494 16.40 -24.60 -19.48
C LEU A 494 15.63 -23.30 -19.53
N GLY A 495 14.31 -23.41 -19.60
CA GLY A 495 13.46 -22.24 -19.78
C GLY A 495 13.42 -21.29 -18.58
N ALA A 496 13.41 -21.87 -17.38
CA ALA A 496 13.26 -21.08 -16.16
C ALA A 496 14.41 -20.08 -16.00
N PRO A 497 15.66 -20.56 -16.10
CA PRO A 497 16.84 -19.71 -16.01
C PRO A 497 16.85 -18.56 -17.06
N PHE A 498 16.65 -18.92 -18.32
CA PHE A 498 16.61 -17.91 -19.37
C PHE A 498 15.57 -16.86 -19.04
N SER A 499 14.43 -17.33 -18.55
CA SER A 499 13.27 -16.47 -18.34
C SER A 499 13.46 -15.51 -17.18
N LEU A 500 13.73 -16.07 -16.00
CA LEU A 500 13.86 -15.24 -14.80
C LEU A 500 14.96 -14.18 -14.97
N LYS A 501 16.01 -14.55 -15.69
CA LYS A 501 17.13 -13.65 -15.94
C LYS A 501 16.72 -12.45 -16.78
N GLY A 502 15.87 -12.67 -17.77
CA GLY A 502 15.43 -11.59 -18.64
C GLY A 502 14.41 -10.71 -17.92
N LEU A 503 13.64 -11.33 -17.03
CA LEU A 503 12.65 -10.61 -16.23
C LEU A 503 13.36 -9.72 -15.19
N MET A 504 14.18 -10.34 -14.36
CA MET A 504 14.77 -9.63 -13.22
C MET A 504 15.95 -8.78 -13.66
N GLY A 505 16.54 -9.14 -14.80
CA GLY A 505 17.68 -8.41 -15.35
C GLY A 505 17.33 -7.05 -15.92
N ASN A 506 16.03 -6.78 -16.06
CA ASN A 506 15.54 -5.48 -16.56
C ASN A 506 16.00 -4.36 -15.65
N PRO A 507 16.38 -3.20 -16.22
CA PRO A 507 16.88 -2.10 -15.39
C PRO A 507 15.89 -1.58 -14.36
N ILE A 508 14.58 -1.68 -14.62
CA ILE A 508 13.63 -1.14 -13.67
C ILE A 508 13.71 -1.94 -12.39
N CYS A 509 14.36 -3.10 -12.45
CA CYS A 509 14.48 -3.96 -11.26
C CYS A 509 15.71 -3.65 -10.46
N SER A 510 16.55 -2.78 -11.00
CA SER A 510 17.76 -2.34 -10.30
C SER A 510 17.39 -1.32 -9.22
N PRO A 511 18.19 -1.28 -8.14
CA PRO A 511 17.97 -0.40 -6.99
C PRO A 511 17.76 1.08 -7.33
N GLN A 512 18.50 1.63 -8.27
CA GLN A 512 18.33 3.05 -8.56
C GLN A 512 17.03 3.31 -9.33
N TYR A 513 16.46 2.25 -9.92
CA TYR A 513 15.20 2.41 -10.66
C TYR A 513 13.99 2.02 -9.81
N TRP A 514 14.16 1.02 -8.95
CA TRP A 514 13.01 0.44 -8.27
C TRP A 514 12.59 1.28 -7.08
N LYS A 515 11.99 2.43 -7.38
CA LYS A 515 11.47 3.32 -6.37
C LYS A 515 10.31 4.11 -6.96
N PRO A 516 9.42 4.63 -6.10
CA PRO A 516 8.18 5.28 -6.54
C PRO A 516 8.36 6.40 -7.56
N SER A 517 9.40 7.23 -7.36
CA SER A 517 9.56 8.40 -8.21
C SER A 517 9.80 8.00 -9.65
N THR A 518 10.39 6.83 -9.86
CA THR A 518 10.67 6.35 -11.22
C THR A 518 9.37 6.23 -11.99
N PHE A 519 8.30 5.94 -11.26
CA PHE A 519 7.03 5.62 -11.87
C PHE A 519 5.98 6.70 -11.59
N GLY A 520 6.45 7.91 -11.36
CA GLY A 520 5.57 9.06 -11.16
C GLY A 520 4.97 9.15 -9.78
N GLY A 521 5.48 8.35 -8.84
CA GLY A 521 5.01 8.36 -7.46
C GLY A 521 4.30 7.09 -7.02
N GLU A 522 3.77 7.09 -5.79
CA GLU A 522 3.19 5.90 -5.17
C GLU A 522 2.01 5.35 -5.98
N VAL A 523 1.32 6.21 -6.70
CA VAL A 523 0.15 5.80 -7.46
C VAL A 523 0.59 4.98 -8.70
N GLY A 524 1.60 5.48 -9.40
CA GLY A 524 2.20 4.74 -10.52
C GLY A 524 2.86 3.46 -10.04
N PHE A 525 3.55 3.54 -8.91
CA PHE A 525 4.21 2.36 -8.37
C PHE A 525 3.16 1.27 -8.06
N LYS A 526 2.02 1.68 -7.54
CA LYS A 526 0.99 0.73 -7.13
C LYS A 526 0.43 0.00 -8.35
N ILE A 527 0.37 0.69 -9.48
CA ILE A 527 -0.15 0.08 -10.68
C ILE A 527 0.66 -1.18 -11.01
N ILE A 528 1.97 -1.09 -10.82
CA ILE A 528 2.84 -2.23 -11.07
C ILE A 528 2.59 -3.31 -10.03
N ASN A 529 2.62 -2.92 -8.77
CA ASN A 529 2.65 -3.90 -7.69
C ASN A 529 1.29 -4.57 -7.42
N THR A 530 0.25 -4.16 -8.13
CA THR A 530 -1.05 -4.82 -8.04
C THR A 530 -1.53 -5.36 -9.39
N ALA A 531 -0.67 -5.35 -10.39
CA ALA A 531 -1.06 -5.78 -11.73
C ALA A 531 -1.40 -7.28 -11.73
N SER A 532 -2.37 -7.66 -12.55
CA SER A 532 -2.69 -9.06 -12.77
C SER A 532 -3.33 -9.19 -14.14
N ILE A 533 -3.36 -10.40 -14.67
CA ILE A 533 -4.01 -10.61 -15.96
C ILE A 533 -5.49 -10.25 -15.86
N GLN A 534 -6.10 -10.50 -14.70
CA GLN A 534 -7.52 -10.15 -14.51
C GLN A 534 -7.76 -8.64 -14.42
N SER A 535 -6.90 -7.92 -13.72
CA SER A 535 -7.05 -6.47 -13.63
C SER A 535 -6.72 -5.82 -14.95
N LEU A 536 -5.76 -6.38 -15.69
CA LEU A 536 -5.48 -5.85 -17.04
C LEU A 536 -6.75 -5.93 -17.89
N ILE A 537 -7.41 -7.07 -17.88
CA ILE A 537 -8.62 -7.26 -18.68
C ILE A 537 -9.78 -6.45 -18.07
N CYS A 538 -9.83 -6.38 -16.74
CA CYS A 538 -10.94 -5.72 -16.07
C CYS A 538 -10.94 -4.21 -16.30
N ASN A 539 -9.76 -3.60 -16.36
CA ASN A 539 -9.68 -2.14 -16.53
C ASN A 539 -9.82 -1.72 -17.97
N ASN A 540 -9.72 -2.68 -18.87
CA ASN A 540 -9.54 -2.32 -20.26
C ASN A 540 -10.57 -2.94 -21.20
N VAL A 541 -11.35 -3.90 -20.71
CA VAL A 541 -12.33 -4.60 -21.55
C VAL A 541 -13.73 -4.43 -20.98
N LYS A 542 -14.66 -4.07 -21.85
CA LYS A 542 -16.01 -3.73 -21.42
C LYS A 542 -16.70 -4.89 -20.67
N GLY A 543 -17.27 -4.58 -19.50
CA GLY A 543 -17.99 -5.56 -18.69
C GLY A 543 -17.07 -6.23 -17.69
N CYS A 544 -15.79 -5.92 -17.78
CA CYS A 544 -14.80 -6.55 -16.91
C CYS A 544 -15.07 -8.04 -16.87
N PRO A 545 -15.01 -8.70 -18.03
CA PRO A 545 -15.21 -10.14 -18.10
C PRO A 545 -14.19 -10.90 -17.25
N PHE A 546 -14.57 -12.08 -16.80
CA PHE A 546 -13.68 -12.91 -16.00
C PHE A 546 -12.61 -13.49 -16.89
N THR A 547 -11.38 -13.58 -16.41
CA THR A 547 -10.36 -14.25 -17.20
C THR A 547 -9.33 -14.90 -16.34
N SER A 548 -8.55 -15.74 -16.99
CA SER A 548 -7.64 -16.65 -16.33
C SER A 548 -6.77 -17.26 -17.40
N PHE A 549 -5.64 -17.83 -16.99
CA PHE A 549 -4.79 -18.56 -17.93
C PHE A 549 -5.19 -20.04 -17.98
N ASN A 550 -6.23 -20.38 -17.21
CA ASN A 550 -6.76 -21.74 -17.22
C ASN A 550 -8.25 -21.80 -17.45
N VAL A 551 -8.65 -22.90 -18.07
CA VAL A 551 -10.05 -23.24 -18.25
C VAL A 551 -10.75 -23.45 -16.90
N GLN A 552 -11.97 -22.92 -16.79
CA GLN A 552 -12.71 -22.88 -15.53
C GLN A 552 -13.48 -24.17 -15.27
N ALA B 1 10.09 27.44 -13.42
CA ALA B 1 8.68 27.09 -13.08
C ALA B 1 8.67 25.71 -12.44
N ASN B 2 9.52 24.81 -12.93
CA ASN B 2 9.65 23.50 -12.32
C ASN B 2 10.07 23.59 -10.84
N PRO B 3 9.20 23.11 -9.93
CA PRO B 3 9.46 23.25 -8.50
C PRO B 3 10.67 22.47 -8.03
N CYS B 4 11.32 21.75 -8.93
CA CYS B 4 12.51 20.99 -8.59
C CYS B 4 13.74 21.77 -9.04
N CYS B 5 13.49 22.97 -9.56
CA CYS B 5 14.53 23.81 -10.11
C CYS B 5 15.61 24.19 -9.10
N SER B 6 15.26 24.19 -7.81
CA SER B 6 16.23 24.53 -6.76
C SER B 6 17.12 23.35 -6.36
N ASN B 7 16.82 22.16 -6.88
CA ASN B 7 17.54 20.93 -6.52
C ASN B 7 17.42 20.67 -5.03
N PRO B 8 16.17 20.66 -4.53
CA PRO B 8 15.74 20.61 -3.13
C PRO B 8 16.20 19.39 -2.38
N CYS B 9 16.24 18.26 -3.07
CA CYS B 9 16.47 16.98 -2.40
C CYS B 9 17.95 16.70 -2.22
N GLN B 10 18.32 16.36 -0.99
CA GLN B 10 19.71 16.11 -0.67
C GLN B 10 20.01 14.63 -0.55
N ASN B 11 21.29 14.31 -0.53
CA ASN B 11 21.76 12.96 -0.28
C ASN B 11 21.25 11.93 -1.30
N ARG B 12 21.10 12.36 -2.53
CA ARG B 12 20.76 11.48 -3.66
C ARG B 12 19.27 11.17 -3.69
N GLY B 13 18.52 11.87 -2.86
CA GLY B 13 17.07 11.83 -2.95
C GLY B 13 16.65 12.36 -4.31
N GLU B 14 15.55 11.83 -4.84
CA GLU B 14 15.09 12.25 -6.14
C GLU B 14 13.89 13.17 -6.03
N CYS B 15 13.95 14.28 -6.77
CA CYS B 15 12.89 15.25 -6.78
C CYS B 15 11.89 14.95 -7.88
N MET B 16 10.61 15.04 -7.53
CA MET B 16 9.54 14.85 -8.48
C MET B 16 8.53 15.93 -8.17
N SER B 17 7.99 16.55 -9.21
CA SER B 17 6.95 17.54 -9.03
C SER B 17 5.65 16.85 -8.69
N THR B 18 4.88 17.46 -7.81
CA THR B 18 3.58 16.94 -7.44
C THR B 18 2.53 18.02 -7.59
N GLY B 19 2.54 18.70 -8.72
CA GLY B 19 1.70 19.88 -8.92
C GLY B 19 2.58 20.97 -9.47
N PHE B 20 1.96 22.03 -9.97
CA PHE B 20 2.70 23.09 -10.66
C PHE B 20 3.73 23.78 -9.80
N ASP B 21 3.53 23.75 -8.49
CA ASP B 21 4.41 24.49 -7.58
C ASP B 21 4.72 23.70 -6.31
N GLN B 22 4.48 22.38 -6.37
CA GLN B 22 4.87 21.51 -5.26
C GLN B 22 5.80 20.43 -5.78
N TYR B 23 6.62 19.92 -4.86
CA TYR B 23 7.55 18.85 -5.18
C TYR B 23 7.58 17.84 -4.06
N LYS B 24 8.13 16.68 -4.35
CA LYS B 24 8.34 15.69 -3.34
C LYS B 24 9.69 15.01 -3.58
N CYS B 25 10.37 14.66 -2.48
CA CYS B 25 11.63 13.96 -2.57
C CYS B 25 11.43 12.49 -2.25
N ASP B 26 12.00 11.63 -3.08
CA ASP B 26 11.98 10.20 -2.85
C ASP B 26 13.31 9.81 -2.20
N CYS B 27 13.26 9.47 -0.92
CA CYS B 27 14.46 9.25 -0.12
C CYS B 27 14.79 7.78 0.00
N THR B 28 14.13 6.97 -0.82
CA THR B 28 14.32 5.53 -0.80
C THR B 28 15.81 5.18 -0.78
N ARG B 29 16.22 4.44 0.24
CA ARG B 29 17.58 3.92 0.34
C ARG B 29 18.69 4.98 0.41
N THR B 30 18.35 6.23 0.71
CA THR B 30 19.35 7.27 0.83
C THR B 30 20.06 7.23 2.19
N GLY B 31 19.37 6.68 3.19
CA GLY B 31 19.86 6.67 4.56
C GLY B 31 19.31 7.85 5.34
N PHE B 32 18.48 8.65 4.68
CA PHE B 32 17.85 9.81 5.30
C PHE B 32 16.36 9.86 5.00
N TYR B 33 15.66 10.67 5.75
CA TYR B 33 14.25 10.93 5.46
C TYR B 33 13.97 12.40 5.73
N GLY B 34 12.72 12.78 5.65
CA GLY B 34 12.32 14.18 5.79
C GLY B 34 12.01 14.78 4.45
N GLU B 35 11.43 15.97 4.43
CA GLU B 35 10.98 16.58 3.20
C GLU B 35 12.06 16.62 2.11
N ASN B 36 13.32 16.82 2.50
CA ASN B 36 14.41 16.98 1.54
C ASN B 36 15.51 15.94 1.75
N CYS B 37 15.15 14.85 2.43
CA CYS B 37 16.07 13.76 2.69
C CYS B 37 17.31 14.21 3.45
N THR B 38 17.11 15.11 4.43
CA THR B 38 18.22 15.65 5.21
C THR B 38 18.28 15.14 6.65
N THR B 39 17.27 14.37 7.06
CA THR B 39 17.25 13.80 8.40
C THR B 39 17.82 12.39 8.39
N PRO B 40 18.97 12.20 9.03
CA PRO B 40 19.67 10.91 8.96
C PRO B 40 19.07 9.83 9.84
N GLU B 41 19.11 8.59 9.34
CA GLU B 41 18.70 7.44 10.12
C GLU B 41 19.81 7.14 11.10
N PHE B 42 19.42 6.52 12.22
CA PHE B 42 20.36 6.22 13.29
C PHE B 42 21.68 5.69 12.77
N LEU B 43 21.62 4.56 12.07
CA LEU B 43 22.81 3.90 11.56
C LEU B 43 23.57 4.83 10.61
N THR B 44 22.85 5.74 9.97
CA THR B 44 23.46 6.69 9.05
C THR B 44 24.35 7.65 9.84
N ARG B 45 23.90 8.03 11.03
CA ARG B 45 24.65 8.98 11.84
C ARG B 45 25.97 8.37 12.29
N ILE B 46 25.92 7.10 12.66
CA ILE B 46 27.12 6.39 13.05
C ILE B 46 28.13 6.50 11.91
N LYS B 47 27.74 5.94 10.77
CA LYS B 47 28.61 5.87 9.60
C LYS B 47 29.23 7.24 9.28
N LEU B 48 28.44 8.30 9.44
CA LEU B 48 28.93 9.63 9.11
C LEU B 48 30.07 10.03 10.05
N LEU B 49 29.99 9.62 11.31
CA LEU B 49 31.05 9.92 12.29
C LEU B 49 32.34 9.18 11.97
N LEU B 50 32.21 7.91 11.62
CA LEU B 50 33.37 7.05 11.42
C LEU B 50 33.92 7.16 10.00
N LYS B 51 33.41 8.10 9.23
CA LYS B 51 33.84 8.25 7.84
C LYS B 51 34.86 9.37 7.72
N PRO B 52 36.09 9.01 7.34
CA PRO B 52 37.12 10.01 7.12
C PRO B 52 36.86 10.77 5.82
N THR B 53 37.30 12.03 5.77
CA THR B 53 37.16 12.82 4.55
C THR B 53 38.11 12.27 3.48
N PRO B 54 37.77 12.52 2.21
CA PRO B 54 38.67 12.16 1.10
C PRO B 54 40.07 12.73 1.26
N ASN B 55 40.19 13.94 1.81
CA ASN B 55 41.51 14.57 2.02
C ASN B 55 42.31 13.81 3.06
N THR B 56 41.61 13.28 4.06
CA THR B 56 42.26 12.51 5.12
C THR B 56 42.82 11.22 4.51
N VAL B 57 41.95 10.48 3.85
CA VAL B 57 42.36 9.23 3.22
C VAL B 57 43.50 9.45 2.24
N HIS B 58 43.40 10.51 1.43
CA HIS B 58 44.43 10.83 0.46
C HIS B 58 45.77 11.05 1.15
N TYR B 59 45.72 11.71 2.30
CA TYR B 59 46.92 11.97 3.08
C TYR B 59 47.57 10.66 3.49
N ILE B 60 46.75 9.74 3.99
CA ILE B 60 47.24 8.46 4.50
C ILE B 60 47.81 7.61 3.37
N LEU B 61 47.26 7.77 2.17
CA LEU B 61 47.70 6.99 1.01
C LEU B 61 49.02 7.53 0.46
N THR B 62 49.28 8.80 0.73
CA THR B 62 50.43 9.48 0.17
C THR B 62 51.48 9.73 1.23
N HIS B 63 51.28 9.14 2.41
CA HIS B 63 52.24 9.23 3.50
C HIS B 63 52.50 7.86 4.11
N PHE B 64 53.35 7.82 5.13
CA PHE B 64 53.69 6.57 5.83
C PHE B 64 54.26 5.55 4.87
N LYS B 65 55.20 6.00 4.05
CA LYS B 65 55.74 5.19 2.98
C LYS B 65 56.31 3.88 3.52
N GLY B 66 56.72 3.89 4.78
CA GLY B 66 57.35 2.73 5.40
C GLY B 66 56.36 1.63 5.70
N VAL B 67 55.18 2.03 6.12
CA VAL B 67 54.09 1.09 6.35
C VAL B 67 53.60 0.48 5.02
N TRP B 68 53.39 1.35 4.04
CA TRP B 68 52.86 0.90 2.74
C TRP B 68 53.84 -0.08 2.13
N ASN B 69 55.10 0.11 2.46
CA ASN B 69 56.16 -0.74 1.96
C ASN B 69 55.95 -2.16 2.43
N ILE B 70 55.49 -2.28 3.68
CA ILE B 70 55.19 -3.55 4.30
C ILE B 70 53.89 -4.11 3.73
N VAL B 71 52.84 -3.29 3.77
CA VAL B 71 51.54 -3.68 3.22
C VAL B 71 51.68 -4.19 1.78
N ASN B 72 52.42 -3.44 0.97
CA ASN B 72 52.55 -3.79 -0.45
C ASN B 72 53.17 -5.17 -0.65
N ASN B 73 53.81 -5.67 0.40
CA ASN B 73 54.51 -6.95 0.30
C ASN B 73 53.77 -8.08 1.00
N ILE B 74 52.61 -7.77 1.56
CA ILE B 74 51.75 -8.80 2.13
C ILE B 74 50.49 -9.01 1.26
N PRO B 75 50.60 -9.91 0.27
CA PRO B 75 49.58 -10.16 -0.75
C PRO B 75 48.14 -10.05 -0.27
N PHE B 76 47.82 -10.63 0.88
CA PHE B 76 46.42 -10.65 1.32
C PHE B 76 46.04 -9.27 1.84
N LEU B 77 47.01 -8.52 2.32
CA LEU B 77 46.79 -7.14 2.77
C LEU B 77 46.59 -6.19 1.58
N ARG B 78 47.50 -6.28 0.62
CA ARG B 78 47.39 -5.49 -0.60
C ARG B 78 46.03 -5.73 -1.28
N SER B 79 45.63 -6.99 -1.36
CA SER B 79 44.36 -7.37 -1.97
C SER B 79 43.18 -6.76 -1.21
N LEU B 80 43.30 -6.73 0.10
CA LEU B 80 42.25 -6.20 0.97
C LEU B 80 42.06 -4.70 0.73
N ILE B 81 43.18 -4.00 0.60
CA ILE B 81 43.13 -2.56 0.41
C ILE B 81 42.58 -2.22 -0.98
N MET B 82 43.08 -2.90 -2.00
CA MET B 82 42.66 -2.62 -3.37
C MET B 82 41.19 -2.95 -3.54
N LYS B 83 40.75 -4.04 -2.89
CA LYS B 83 39.34 -4.42 -2.96
C LYS B 83 38.46 -3.29 -2.42
N TYR B 84 38.96 -2.64 -1.37
CA TYR B 84 38.23 -1.54 -0.75
C TYR B 84 38.22 -0.29 -1.65
N VAL B 85 39.32 -0.03 -2.35
CA VAL B 85 39.34 1.17 -3.20
C VAL B 85 38.42 0.96 -4.39
N LEU B 86 38.37 -0.28 -4.89
CA LEU B 86 37.47 -0.64 -5.97
C LEU B 86 36.00 -0.45 -5.56
N THR B 87 35.63 -1.06 -4.43
CA THR B 87 34.23 -1.11 -4.02
C THR B 87 33.72 0.26 -3.55
N SER B 88 34.48 0.95 -2.72
CA SER B 88 34.06 2.25 -2.22
C SER B 88 33.81 3.23 -3.37
N ARG B 89 34.59 3.12 -4.43
CA ARG B 89 34.46 4.04 -5.57
C ARG B 89 33.21 3.77 -6.39
N SER B 90 33.00 2.50 -6.75
CA SER B 90 31.96 2.13 -7.71
C SER B 90 30.54 2.43 -7.21
N TYR B 91 30.35 2.45 -5.89
CA TYR B 91 29.01 2.70 -5.34
C TYR B 91 28.56 4.12 -5.65
N LEU B 92 29.47 4.95 -6.14
CA LEU B 92 29.11 6.34 -6.48
C LEU B 92 28.49 6.44 -7.88
N ILE B 93 28.59 5.37 -8.66
CA ILE B 93 28.10 5.40 -10.03
C ILE B 93 26.79 4.64 -10.15
N ASP B 94 25.80 5.24 -10.81
CA ASP B 94 24.55 4.56 -11.12
C ASP B 94 24.74 3.53 -12.24
N SER B 95 24.40 2.28 -11.98
CA SER B 95 24.59 1.22 -12.96
C SER B 95 23.61 0.09 -12.71
N PRO B 96 22.65 -0.14 -13.62
CA PRO B 96 22.38 0.53 -14.90
C PRO B 96 22.28 2.06 -14.83
N PRO B 97 22.63 2.74 -15.92
CA PRO B 97 22.67 4.20 -15.97
C PRO B 97 21.26 4.82 -16.00
N THR B 98 21.20 6.12 -15.75
CA THR B 98 19.93 6.80 -15.59
C THR B 98 19.79 7.94 -16.59
N TYR B 99 20.22 9.13 -16.18
CA TYR B 99 19.91 10.37 -16.90
C TYR B 99 20.81 10.64 -18.10
N ASN B 100 20.35 11.52 -18.96
CA ASN B 100 21.19 12.06 -20.02
C ASN B 100 20.80 13.52 -20.30
N VAL B 101 21.36 14.10 -21.35
CA VAL B 101 21.19 15.54 -21.57
C VAL B 101 19.73 15.90 -21.79
N HIS B 102 18.92 14.94 -22.23
CA HIS B 102 17.52 15.21 -22.57
C HIS B 102 16.53 14.73 -21.54
N TYR B 103 16.98 13.94 -20.57
CA TYR B 103 16.07 13.36 -19.59
C TYR B 103 16.57 13.59 -18.17
N GLY B 104 15.85 14.44 -17.43
CA GLY B 104 16.12 14.69 -16.03
C GLY B 104 15.31 13.80 -15.12
N TYR B 105 14.61 12.85 -15.75
CA TYR B 105 13.89 11.80 -15.06
C TYR B 105 14.20 10.49 -15.81
N LYS B 106 14.14 9.36 -15.11
CA LYS B 106 14.44 8.07 -15.75
C LYS B 106 13.43 7.73 -16.82
N SER B 107 13.93 7.17 -17.92
CA SER B 107 13.07 6.80 -19.03
C SER B 107 13.71 5.65 -19.79
N TRP B 108 12.89 4.89 -20.53
CA TRP B 108 13.43 3.81 -21.33
C TRP B 108 14.34 4.37 -22.42
N GLU B 109 14.03 5.57 -22.88
CA GLU B 109 14.80 6.21 -23.95
C GLU B 109 16.19 6.51 -23.46
N ALA B 110 16.29 7.06 -22.26
CA ALA B 110 17.58 7.38 -21.67
C ALA B 110 18.34 6.11 -21.33
N PHE B 111 17.64 5.09 -20.85
CA PHE B 111 18.31 3.82 -20.62
C PHE B 111 18.80 3.20 -21.91
N SER B 112 17.93 3.12 -22.91
CA SER B 112 18.22 2.26 -24.07
C SER B 112 19.08 2.88 -25.17
N ASN B 113 19.08 4.21 -25.26
CA ASN B 113 19.77 4.88 -26.36
C ASN B 113 21.26 5.07 -26.08
N LEU B 114 22.06 4.23 -26.71
CA LEU B 114 23.49 4.17 -26.47
C LEU B 114 24.27 5.32 -27.12
N SER B 115 23.57 6.15 -27.89
CA SER B 115 24.23 7.28 -28.59
C SER B 115 24.48 8.44 -27.65
N TYR B 116 23.81 8.45 -26.50
CA TYR B 116 24.01 9.50 -25.52
C TYR B 116 25.15 9.17 -24.57
N TYR B 117 25.89 10.20 -24.13
CA TYR B 117 26.64 10.08 -22.89
C TYR B 117 25.60 10.06 -21.75
N THR B 118 25.85 9.28 -20.69
CA THR B 118 24.93 9.31 -19.54
C THR B 118 25.29 10.51 -18.68
N ARG B 119 24.52 10.74 -17.63
CA ARG B 119 24.74 11.90 -16.76
C ARG B 119 24.72 11.50 -15.30
N ALA B 120 25.78 11.84 -14.57
CA ALA B 120 25.86 11.60 -13.13
C ALA B 120 24.82 12.45 -12.38
N LEU B 121 24.56 13.65 -12.90
CA LEU B 121 23.50 14.51 -12.40
C LEU B 121 22.62 14.95 -13.55
N PRO B 122 21.31 14.97 -13.32
CA PRO B 122 20.42 15.35 -14.41
C PRO B 122 20.63 16.80 -14.81
N PRO B 123 20.22 17.14 -16.03
CA PRO B 123 20.34 18.51 -16.47
C PRO B 123 19.37 19.42 -15.71
N VAL B 124 19.71 20.70 -15.65
CA VAL B 124 18.82 21.70 -15.12
C VAL B 124 17.69 21.84 -16.13
N ALA B 125 16.46 21.78 -15.66
CA ALA B 125 15.29 21.85 -16.53
C ALA B 125 15.28 23.16 -17.34
N ASP B 126 14.70 23.08 -18.53
CA ASP B 126 14.73 24.19 -19.47
C ASP B 126 13.97 25.41 -18.98
N ASP B 127 13.00 25.20 -18.09
CA ASP B 127 12.14 26.30 -17.69
C ASP B 127 12.51 26.79 -16.30
N CYS B 128 13.71 26.44 -15.85
CA CYS B 128 14.21 27.02 -14.62
C CYS B 128 14.61 28.48 -14.88
N PRO B 129 14.48 29.33 -13.87
CA PRO B 129 14.71 30.77 -14.03
C PRO B 129 16.17 31.14 -14.27
N THR B 130 17.09 30.35 -13.76
CA THR B 130 18.51 30.61 -14.00
C THR B 130 19.24 29.36 -14.51
N PRO B 131 20.42 29.56 -15.11
CA PRO B 131 21.19 28.45 -15.66
C PRO B 131 21.44 27.34 -14.64
N MET B 132 21.66 27.71 -13.37
CA MET B 132 21.97 26.71 -12.34
C MET B 132 20.72 26.26 -11.59
N GLY B 133 19.57 26.79 -11.97
CA GLY B 133 18.32 26.41 -11.33
C GLY B 133 17.57 27.64 -10.86
N VAL B 134 17.84 28.06 -9.63
CA VAL B 134 17.22 29.27 -9.11
C VAL B 134 18.26 30.32 -8.70
N LYS B 135 19.49 29.87 -8.41
CA LYS B 135 20.55 30.78 -7.96
C LYS B 135 21.25 31.50 -9.12
N GLY B 136 21.86 32.63 -8.78
CA GLY B 136 22.68 33.39 -9.72
C GLY B 136 21.85 34.31 -10.59
N ASN B 137 22.48 34.84 -11.63
CA ASN B 137 21.81 35.75 -12.56
C ASN B 137 21.27 35.01 -13.75
N LYS B 138 20.45 35.70 -14.54
CA LYS B 138 19.77 35.09 -15.67
C LYS B 138 20.78 34.47 -16.61
N GLU B 139 22.00 34.96 -16.54
CA GLU B 139 23.05 34.49 -17.43
C GLU B 139 24.36 34.32 -16.69
N LEU B 140 25.05 33.23 -17.01
CA LEU B 140 26.37 32.96 -16.48
C LEU B 140 27.33 34.00 -17.02
N PRO B 141 28.46 34.19 -16.34
CA PRO B 141 29.47 35.14 -16.81
C PRO B 141 30.02 34.81 -18.18
N ASP B 142 30.41 35.86 -18.90
CA ASP B 142 31.04 35.72 -20.22
C ASP B 142 32.14 34.67 -20.15
N SER B 143 32.02 33.64 -21.00
CA SER B 143 32.95 32.52 -20.93
C SER B 143 34.35 32.94 -21.35
N LYS B 144 34.43 33.88 -22.29
CA LYS B 144 35.71 34.42 -22.72
C LYS B 144 36.42 35.07 -21.53
N GLU B 145 35.64 35.73 -20.68
CA GLU B 145 36.15 36.42 -19.50
C GLU B 145 36.73 35.44 -18.49
N VAL B 146 36.00 34.35 -18.27
CA VAL B 146 36.44 33.30 -17.39
C VAL B 146 37.72 32.69 -17.96
N LEU B 147 37.67 32.37 -19.23
CA LEU B 147 38.82 31.79 -19.95
C LEU B 147 40.07 32.63 -19.68
N GLU B 148 39.98 33.91 -20.04
CA GLU B 148 41.14 34.79 -20.05
C GLU B 148 41.67 35.09 -18.65
N LYS B 149 40.76 35.27 -17.70
CA LYS B 149 41.16 35.71 -16.37
C LYS B 149 41.74 34.59 -15.50
N VAL B 150 41.21 33.37 -15.59
CA VAL B 150 41.68 32.34 -14.68
C VAL B 150 42.18 31.06 -15.37
N LEU B 151 41.93 30.89 -16.67
CA LEU B 151 42.31 29.64 -17.34
C LEU B 151 43.58 29.71 -18.18
N LEU B 152 43.76 30.81 -18.92
CA LEU B 152 44.87 30.90 -19.88
C LEU B 152 46.22 30.98 -19.21
N ARG B 153 47.17 30.24 -19.77
CA ARG B 153 48.54 30.22 -19.28
C ARG B 153 49.29 31.54 -19.55
N ARG B 154 49.96 32.07 -18.52
CA ARG B 154 50.90 33.15 -18.73
C ARG B 154 52.25 32.49 -18.88
N GLU B 155 52.77 32.00 -17.79
CA GLU B 155 53.99 31.23 -17.80
C GLU B 155 53.65 29.76 -17.59
N PHE B 156 54.36 28.89 -18.31
CA PHE B 156 54.18 27.43 -18.19
C PHE B 156 54.40 26.99 -16.74
N ILE B 157 53.42 26.30 -16.19
CA ILE B 157 53.51 25.76 -14.84
C ILE B 157 53.71 24.25 -14.94
N PRO B 158 54.90 23.77 -14.58
CA PRO B 158 55.14 22.35 -14.69
C PRO B 158 54.36 21.56 -13.65
N ASP B 159 54.10 20.30 -13.95
CA ASP B 159 53.48 19.41 -12.99
C ASP B 159 54.48 19.00 -11.91
N PRO B 160 54.17 19.32 -10.64
CA PRO B 160 55.04 18.94 -9.53
C PRO B 160 55.16 17.43 -9.41
N GLN B 161 54.18 16.68 -9.90
CA GLN B 161 54.25 15.22 -9.86
C GLN B 161 55.13 14.65 -10.97
N GLY B 162 55.70 15.52 -11.80
CA GLY B 162 56.68 15.09 -12.80
C GLY B 162 56.11 14.36 -14.01
N SER B 163 54.81 14.48 -14.22
CA SER B 163 54.18 13.88 -15.42
C SER B 163 54.92 14.34 -16.66
N ASN B 164 55.16 13.42 -17.58
CA ASN B 164 55.88 13.73 -18.82
C ASN B 164 54.96 13.64 -20.02
N MET B 165 55.54 13.74 -21.20
CA MET B 165 54.76 13.73 -22.45
C MET B 165 54.31 12.32 -22.82
N MET B 166 55.05 11.31 -22.37
CA MET B 166 54.61 9.93 -22.56
C MET B 166 53.27 9.77 -21.85
N PHE B 167 53.17 10.37 -20.67
CA PHE B 167 51.93 10.34 -19.91
C PHE B 167 50.83 11.10 -20.65
N ALA B 168 51.15 12.33 -21.04
CA ALA B 168 50.13 13.21 -21.64
C ALA B 168 49.49 12.54 -22.85
N PHE B 169 50.31 12.01 -23.73
CA PHE B 169 49.80 11.42 -24.98
C PHE B 169 49.16 10.06 -24.75
N PHE B 170 49.55 9.36 -23.69
CA PHE B 170 48.88 8.12 -23.33
C PHE B 170 47.45 8.43 -22.90
N ALA B 171 47.32 9.53 -22.15
CA ALA B 171 46.01 9.92 -21.63
C ALA B 171 45.10 10.25 -22.80
N GLN B 172 45.62 11.05 -23.73
CA GLN B 172 44.85 11.45 -24.92
C GLN B 172 44.45 10.21 -25.75
N HIS B 173 45.44 9.37 -26.04
CA HIS B 173 45.24 8.18 -26.88
C HIS B 173 44.26 7.20 -26.25
N PHE B 174 44.53 6.84 -25.01
CA PHE B 174 43.68 5.89 -24.30
C PHE B 174 42.22 6.39 -24.18
N THR B 175 42.04 7.61 -23.71
CA THR B 175 40.68 8.11 -23.43
C THR B 175 39.89 8.38 -24.70
N HIS B 176 40.59 8.59 -25.81
CA HIS B 176 39.90 8.97 -27.04
C HIS B 176 39.31 7.77 -27.75
N GLN B 177 39.32 6.64 -27.07
CA GLN B 177 38.56 5.50 -27.56
C GLN B 177 37.13 5.59 -27.05
N PHE B 178 36.94 6.19 -25.86
CA PHE B 178 35.58 6.31 -25.32
C PHE B 178 35.05 7.74 -25.21
N PHE B 179 35.93 8.73 -25.33
CA PHE B 179 35.51 10.10 -25.53
C PHE B 179 35.61 10.40 -27.02
N LYS B 180 34.45 10.38 -27.69
CA LYS B 180 34.33 10.56 -29.13
C LYS B 180 33.00 11.21 -29.44
N THR B 181 32.90 12.51 -29.18
CA THR B 181 31.65 13.23 -29.24
C THR B 181 31.13 13.27 -30.67
N ASP B 182 29.84 12.96 -30.82
CA ASP B 182 29.19 13.04 -32.12
C ASP B 182 28.71 14.46 -32.36
N HIS B 183 29.60 15.27 -32.93
CA HIS B 183 29.34 16.68 -33.11
C HIS B 183 28.20 16.93 -34.10
N LYS B 184 27.82 15.90 -34.84
CA LYS B 184 26.70 16.02 -35.75
C LYS B 184 25.42 16.05 -34.94
N ARG B 185 25.43 15.39 -33.79
CA ARG B 185 24.24 15.33 -32.97
C ARG B 185 24.30 16.41 -31.89
N GLY B 186 25.45 16.58 -31.25
CA GLY B 186 25.56 17.55 -30.16
C GLY B 186 26.51 17.05 -29.08
N PRO B 187 26.88 17.94 -28.14
CA PRO B 187 27.89 17.60 -27.14
C PRO B 187 27.49 16.47 -26.20
N GLY B 188 26.20 16.17 -26.11
CA GLY B 188 25.73 15.12 -25.21
C GLY B 188 25.68 13.74 -25.86
N PHE B 189 26.19 13.64 -27.08
CA PHE B 189 26.17 12.41 -27.85
C PHE B 189 27.54 11.87 -28.14
N THR B 190 27.64 10.55 -28.24
CA THR B 190 28.90 9.86 -28.47
C THR B 190 28.86 8.93 -29.67
N ARG B 191 30.01 8.74 -30.30
CA ARG B 191 30.18 7.75 -31.37
C ARG B 191 30.80 6.44 -30.86
N GLY B 192 31.25 6.44 -29.61
CA GLY B 192 31.83 5.22 -29.00
C GLY B 192 30.79 4.37 -28.26
N LEU B 193 30.11 3.51 -29.02
CA LEU B 193 28.93 2.80 -28.55
C LEU B 193 29.27 1.63 -27.65
N GLY B 194 30.56 1.33 -27.57
CA GLY B 194 31.05 0.34 -26.60
C GLY B 194 31.17 0.92 -25.20
N HIS B 195 31.08 2.25 -25.10
CA HIS B 195 31.11 2.93 -23.82
C HIS B 195 32.21 2.40 -22.87
N GLY B 196 33.40 2.18 -23.42
CA GLY B 196 34.52 1.77 -22.59
C GLY B 196 35.74 1.33 -23.35
N VAL B 197 36.48 0.43 -22.73
CA VAL B 197 37.78 0.02 -23.23
C VAL B 197 37.63 -1.15 -24.15
N ASP B 198 37.28 -0.88 -25.41
CA ASP B 198 37.09 -1.92 -26.40
C ASP B 198 38.18 -1.90 -27.49
N LEU B 199 39.06 -0.92 -27.37
CA LEU B 199 40.17 -0.67 -28.29
C LEU B 199 39.70 -0.40 -29.72
N ASN B 200 38.52 0.17 -29.86
CA ASN B 200 38.03 0.60 -31.18
C ASN B 200 38.99 1.63 -31.79
N HIS B 201 39.83 2.23 -30.94
CA HIS B 201 40.77 3.24 -31.42
C HIS B 201 41.97 2.60 -32.13
N ILE B 202 42.06 1.28 -32.02
CA ILE B 202 43.06 0.49 -32.74
C ILE B 202 42.37 -0.32 -33.85
N TYR B 203 41.25 -0.91 -33.49
CA TYR B 203 40.57 -1.89 -34.36
C TYR B 203 39.41 -1.32 -35.18
N GLY B 204 38.91 -0.14 -34.82
CA GLY B 204 37.74 0.46 -35.46
C GLY B 204 36.41 0.24 -34.74
N GLU B 205 35.52 1.23 -34.81
CA GLU B 205 34.17 1.14 -34.22
C GLU B 205 33.38 0.04 -34.86
N THR B 206 33.49 -0.04 -36.18
CA THR B 206 32.63 -0.91 -36.97
C THR B 206 33.40 -2.06 -37.60
N LEU B 207 32.67 -3.12 -37.94
CA LEU B 207 33.22 -4.33 -38.51
C LEU B 207 33.88 -4.04 -39.85
N ASP B 208 33.23 -3.18 -40.61
CA ASP B 208 33.69 -2.76 -41.93
C ASP B 208 35.05 -2.07 -41.87
N ARG B 209 35.19 -1.14 -40.94
CA ARG B 209 36.46 -0.47 -40.73
C ARG B 209 37.52 -1.49 -40.24
N GLN B 210 37.13 -2.34 -39.32
CA GLN B 210 38.05 -3.35 -38.78
C GLN B 210 38.60 -4.20 -39.91
N HIS B 211 37.71 -4.63 -40.79
CA HIS B 211 38.11 -5.55 -41.84
C HIS B 211 39.08 -4.89 -42.81
N LYS B 212 38.89 -3.61 -43.08
CA LYS B 212 39.85 -2.85 -43.92
C LYS B 212 41.23 -2.74 -43.25
N LEU B 213 41.26 -2.75 -41.93
CA LEU B 213 42.50 -2.59 -41.19
C LEU B 213 43.25 -3.91 -41.03
N ARG B 214 42.55 -5.02 -41.28
CA ARG B 214 43.09 -6.34 -41.02
C ARG B 214 43.81 -6.95 -42.21
N LEU B 215 44.84 -7.74 -41.93
CA LEU B 215 45.59 -8.41 -42.98
C LEU B 215 44.91 -9.73 -43.40
N PHE B 216 44.21 -10.35 -42.46
CA PHE B 216 43.56 -11.64 -42.70
C PHE B 216 44.56 -12.77 -42.92
N LYS B 217 45.77 -12.59 -42.41
CA LYS B 217 46.67 -13.70 -42.18
C LYS B 217 47.20 -13.62 -40.77
N ASP B 218 47.17 -14.74 -40.08
CA ASP B 218 47.80 -14.86 -38.78
C ASP B 218 47.23 -13.88 -37.76
N GLY B 219 46.07 -13.33 -38.07
CA GLY B 219 45.28 -12.56 -37.11
C GLY B 219 45.73 -11.11 -37.06
N LYS B 220 46.62 -10.75 -37.99
CA LYS B 220 47.34 -9.48 -37.92
C LYS B 220 46.60 -8.32 -38.56
N LEU B 221 47.07 -7.15 -38.19
CA LEU B 221 46.66 -5.87 -38.72
C LEU B 221 47.62 -5.52 -39.86
N LYS B 222 47.10 -4.93 -40.93
CA LYS B 222 47.93 -4.41 -42.00
C LYS B 222 48.95 -3.42 -41.45
N TYR B 223 50.10 -3.35 -42.12
CA TYR B 223 51.14 -2.40 -41.76
C TYR B 223 52.03 -2.15 -42.97
N GLN B 224 52.89 -1.15 -42.86
CA GLN B 224 53.90 -0.89 -43.88
C GLN B 224 55.28 -0.73 -43.23
N VAL B 225 56.32 -0.95 -44.01
CA VAL B 225 57.67 -0.82 -43.51
C VAL B 225 58.33 0.36 -44.21
N ILE B 226 58.77 1.31 -43.39
CA ILE B 226 59.44 2.52 -43.87
C ILE B 226 60.77 2.63 -43.15
N GLY B 227 61.86 2.62 -43.93
CA GLY B 227 63.18 2.72 -43.38
C GLY B 227 63.44 1.61 -42.38
N GLY B 228 62.89 0.44 -42.67
CA GLY B 228 63.10 -0.73 -41.81
C GLY B 228 62.19 -0.76 -40.59
N GLU B 229 61.29 0.22 -40.49
CA GLU B 229 60.44 0.33 -39.31
C GLU B 229 58.98 0.09 -39.64
N VAL B 230 58.26 -0.55 -38.73
CA VAL B 230 56.84 -0.85 -38.95
C VAL B 230 55.95 0.33 -38.57
N TYR B 231 55.13 0.75 -39.51
CA TYR B 231 54.15 1.81 -39.30
C TYR B 231 52.76 1.41 -39.78
N PRO B 232 51.73 2.12 -39.32
CA PRO B 232 50.40 1.80 -39.81
C PRO B 232 50.37 1.94 -41.32
N PRO B 233 49.38 1.30 -41.97
CA PRO B 233 49.22 1.39 -43.41
C PRO B 233 48.62 2.73 -43.80
N THR B 234 48.48 2.95 -45.11
CA THR B 234 47.99 4.22 -45.61
C THR B 234 46.48 4.16 -45.87
N VAL B 235 45.88 5.34 -45.94
CA VAL B 235 44.50 5.46 -46.36
C VAL B 235 44.38 4.92 -47.79
N LYS B 236 45.39 5.16 -48.60
CA LYS B 236 45.33 4.76 -50.01
C LYS B 236 45.27 3.25 -50.15
N ASP B 237 46.02 2.57 -49.30
CA ASP B 237 46.08 1.13 -49.34
C ASP B 237 44.81 0.50 -48.73
N THR B 238 44.24 1.12 -47.71
CA THR B 238 43.18 0.47 -46.95
C THR B 238 41.77 0.99 -47.22
N GLN B 239 41.67 2.23 -47.69
CA GLN B 239 40.37 2.89 -47.89
C GLN B 239 39.65 3.19 -46.59
N VAL B 240 40.37 3.26 -45.48
CA VAL B 240 39.70 3.66 -44.25
C VAL B 240 39.71 5.17 -44.19
N GLU B 241 38.60 5.74 -43.74
CA GLU B 241 38.47 7.17 -43.60
C GLU B 241 39.25 7.69 -42.42
N MET B 242 40.03 8.73 -42.69
CA MET B 242 40.82 9.41 -41.68
C MET B 242 40.61 10.88 -41.89
N ILE B 243 40.77 11.66 -40.82
CA ILE B 243 40.71 13.11 -40.93
C ILE B 243 42.12 13.65 -41.12
N TYR B 244 42.36 14.26 -42.28
CA TYR B 244 43.62 14.89 -42.59
C TYR B 244 43.35 16.18 -43.35
N PRO B 245 44.14 17.23 -43.09
CA PRO B 245 44.02 18.42 -43.93
C PRO B 245 44.42 18.08 -45.37
N PRO B 246 43.88 18.84 -46.33
CA PRO B 246 44.02 18.50 -47.74
C PRO B 246 45.44 18.53 -48.26
N HIS B 247 46.36 19.13 -47.51
CA HIS B 247 47.74 19.26 -47.98
C HIS B 247 48.60 18.06 -47.57
N ILE B 248 48.03 17.13 -46.83
CA ILE B 248 48.79 15.96 -46.42
C ILE B 248 48.91 14.97 -47.59
N PRO B 249 50.15 14.67 -48.00
CA PRO B 249 50.39 13.69 -49.05
C PRO B 249 49.91 12.30 -48.65
N GLU B 250 49.33 11.59 -49.61
CA GLU B 250 48.69 10.32 -49.36
C GLU B 250 49.60 9.30 -48.67
N ASN B 251 50.90 9.43 -48.87
CA ASN B 251 51.83 8.45 -48.34
C ASN B 251 52.13 8.76 -46.87
N LEU B 252 51.56 9.86 -46.40
CA LEU B 252 51.70 10.28 -45.01
C LEU B 252 50.35 10.21 -44.29
N GLN B 253 49.32 9.82 -45.02
CA GLN B 253 48.01 9.61 -44.41
C GLN B 253 47.93 8.22 -43.83
N PHE B 254 48.41 8.06 -42.59
CA PHE B 254 48.33 6.79 -41.87
C PHE B 254 46.89 6.45 -41.49
N ALA B 255 46.54 5.18 -41.65
CA ALA B 255 45.22 4.69 -41.33
C ALA B 255 45.25 3.88 -40.05
N VAL B 256 44.47 4.32 -39.06
CA VAL B 256 44.37 3.60 -37.79
C VAL B 256 42.92 3.54 -37.32
N GLY B 257 42.70 2.80 -36.23
CA GLY B 257 41.38 2.59 -35.70
C GLY B 257 40.57 3.86 -35.50
N GLN B 258 41.21 4.88 -34.92
CA GLN B 258 40.56 6.15 -34.59
C GLN B 258 40.87 7.21 -35.65
N GLU B 259 39.83 7.70 -36.29
CA GLU B 259 39.94 8.56 -37.47
C GLU B 259 40.66 9.87 -37.17
N VAL B 260 40.76 10.24 -35.90
CA VAL B 260 41.35 11.55 -35.56
C VAL B 260 42.83 11.47 -35.16
N PHE B 261 43.39 10.26 -35.14
CA PHE B 261 44.72 10.05 -34.54
C PHE B 261 45.88 10.50 -35.43
N GLY B 262 45.59 10.96 -36.64
CA GLY B 262 46.65 11.47 -37.52
C GLY B 262 46.96 12.94 -37.26
N LEU B 263 46.22 13.51 -36.32
CA LEU B 263 46.20 14.95 -36.09
C LEU B 263 47.34 15.37 -35.17
N VAL B 264 47.88 14.41 -34.41
CA VAL B 264 48.97 14.65 -33.49
C VAL B 264 49.96 13.49 -33.56
N PRO B 265 51.24 13.79 -33.82
CA PRO B 265 52.27 12.77 -33.91
C PRO B 265 52.42 11.95 -32.63
N GLY B 266 52.08 12.52 -31.49
CA GLY B 266 52.11 11.79 -30.22
C GLY B 266 51.05 10.69 -30.16
N LEU B 267 49.90 10.95 -30.79
CA LEU B 267 48.84 9.95 -30.94
C LEU B 267 49.28 8.84 -31.89
N MET B 268 49.87 9.24 -33.02
CA MET B 268 50.32 8.27 -34.01
C MET B 268 51.45 7.42 -33.45
N MET B 269 52.19 7.97 -32.49
CA MET B 269 53.24 7.20 -31.83
C MET B 269 52.62 6.04 -31.08
N TYR B 270 51.57 6.31 -30.31
CA TYR B 270 50.94 5.23 -29.54
C TYR B 270 50.16 4.29 -30.45
N ALA B 271 49.58 4.84 -31.52
CA ALA B 271 48.86 4.04 -32.50
C ALA B 271 49.79 2.97 -33.09
N THR B 272 51.03 3.38 -33.33
CA THR B 272 52.05 2.53 -33.93
C THR B 272 52.54 1.48 -32.92
N ILE B 273 52.78 1.93 -31.70
CA ILE B 273 53.21 1.02 -30.66
C ILE B 273 52.19 -0.11 -30.46
N TRP B 274 50.91 0.24 -30.40
CA TRP B 274 49.87 -0.76 -30.12
C TRP B 274 49.64 -1.67 -31.33
N LEU B 275 49.75 -1.12 -32.53
CA LEU B 275 49.65 -1.91 -33.72
C LEU B 275 50.70 -3.01 -33.65
N ARG B 276 51.92 -2.62 -33.31
CA ARG B 276 53.04 -3.56 -33.19
C ARG B 276 52.76 -4.62 -32.14
N GLU B 277 52.23 -4.18 -30.99
CA GLU B 277 51.90 -5.09 -29.90
C GLU B 277 50.91 -6.14 -30.36
N HIS B 278 49.91 -5.73 -31.13
CA HIS B 278 48.91 -6.67 -31.61
C HIS B 278 49.53 -7.76 -32.49
N ASN B 279 50.35 -7.36 -33.45
CA ASN B 279 50.98 -8.32 -34.35
C ASN B 279 51.97 -9.21 -33.61
N ARG B 280 52.58 -8.62 -32.58
CA ARG B 280 53.50 -9.32 -31.71
C ARG B 280 52.79 -10.45 -30.97
N VAL B 281 51.62 -10.13 -30.41
CA VAL B 281 50.85 -11.10 -29.67
C VAL B 281 50.33 -12.18 -30.63
N CYS B 282 50.03 -11.79 -31.86
CA CYS B 282 49.63 -12.75 -32.89
C CYS B 282 50.71 -13.80 -33.13
N ASP B 283 51.98 -13.37 -33.19
CA ASP B 283 53.09 -14.31 -33.40
C ASP B 283 53.19 -15.27 -32.21
N ILE B 284 52.97 -14.74 -31.01
CA ILE B 284 53.06 -15.56 -29.81
C ILE B 284 51.96 -16.61 -29.81
N LEU B 285 50.74 -16.18 -30.12
CA LEU B 285 49.60 -17.10 -30.15
C LEU B 285 49.73 -18.19 -31.22
N LYS B 286 50.23 -17.81 -32.40
CA LYS B 286 50.38 -18.74 -33.52
C LYS B 286 51.35 -19.85 -33.14
N GLN B 287 52.36 -19.45 -32.39
CA GLN B 287 53.35 -20.38 -31.91
C GLN B 287 52.70 -21.38 -30.95
N GLU B 288 51.80 -20.89 -30.11
CA GLU B 288 51.12 -21.75 -29.14
C GLU B 288 50.02 -22.56 -29.82
N HIS B 289 49.49 -22.02 -30.91
CA HIS B 289 48.32 -22.59 -31.58
C HIS B 289 48.49 -22.62 -33.09
N PRO B 290 49.36 -23.51 -33.59
CA PRO B 290 49.50 -23.63 -35.05
C PRO B 290 48.21 -24.10 -35.72
N GLU B 291 47.28 -24.64 -34.94
CA GLU B 291 45.96 -25.09 -35.45
C GLU B 291 44.96 -23.98 -35.63
N TRP B 292 45.26 -22.81 -35.09
CA TRP B 292 44.31 -21.71 -35.10
C TRP B 292 44.31 -21.00 -36.43
N GLY B 293 43.15 -20.45 -36.79
CA GLY B 293 43.03 -19.62 -37.99
C GLY B 293 43.20 -18.14 -37.69
N ASP B 294 43.15 -17.35 -38.75
CA ASP B 294 43.25 -15.89 -38.66
C ASP B 294 42.23 -15.24 -37.72
N GLU B 295 40.95 -15.61 -37.82
CA GLU B 295 39.91 -14.98 -36.98
C GLU B 295 40.23 -15.14 -35.52
N GLN B 296 40.53 -16.37 -35.13
CA GLN B 296 40.72 -16.68 -33.73
C GLN B 296 42.00 -16.05 -33.20
N LEU B 297 43.00 -15.91 -34.06
CA LEU B 297 44.23 -15.24 -33.67
C LEU B 297 43.95 -13.75 -33.47
N PHE B 298 43.17 -13.17 -34.37
CA PHE B 298 42.85 -11.75 -34.29
C PHE B 298 42.01 -11.45 -33.04
N GLN B 299 40.97 -12.26 -32.82
CA GLN B 299 40.03 -12.00 -31.73
C GLN B 299 40.71 -12.20 -30.38
N THR B 300 41.51 -13.24 -30.27
CA THR B 300 42.17 -13.54 -29.00
C THR B 300 43.19 -12.45 -28.67
N SER B 301 43.94 -12.02 -29.68
CA SER B 301 44.92 -10.95 -29.49
C SER B 301 44.22 -9.66 -29.00
N ARG B 302 43.11 -9.30 -29.63
CA ARG B 302 42.35 -8.13 -29.20
C ARG B 302 41.96 -8.25 -27.73
N LEU B 303 41.55 -9.43 -27.31
CA LEU B 303 41.15 -9.61 -25.91
C LEU B 303 42.36 -9.41 -24.99
N ILE B 304 43.51 -9.90 -25.44
CA ILE B 304 44.74 -9.79 -24.65
C ILE B 304 45.16 -8.33 -24.52
N LEU B 305 45.13 -7.59 -25.63
CA LEU B 305 45.46 -6.15 -25.60
C LEU B 305 44.51 -5.33 -24.73
N ILE B 306 43.24 -5.71 -24.68
CA ILE B 306 42.27 -5.06 -23.77
C ILE B 306 42.76 -5.26 -22.32
N GLY B 307 43.17 -6.48 -22.01
CA GLY B 307 43.71 -6.81 -20.70
C GLY B 307 44.98 -6.05 -20.38
N GLU B 308 45.91 -5.98 -21.34
CA GLU B 308 47.16 -5.25 -21.14
C GLU B 308 46.84 -3.77 -20.87
N THR B 309 45.86 -3.27 -21.59
CA THR B 309 45.49 -1.87 -21.49
C THR B 309 45.02 -1.54 -20.09
N ILE B 310 44.08 -2.33 -19.58
CA ILE B 310 43.52 -2.13 -18.25
C ILE B 310 44.60 -2.30 -17.17
N LYS B 311 45.47 -3.29 -17.37
CA LYS B 311 46.60 -3.55 -16.48
C LYS B 311 47.51 -2.33 -16.34
N ILE B 312 47.85 -1.74 -17.47
CA ILE B 312 48.76 -0.60 -17.54
C ILE B 312 48.09 0.66 -17.01
N VAL B 313 46.80 0.81 -17.33
CA VAL B 313 46.07 1.97 -16.85
C VAL B 313 46.00 2.00 -15.30
N ILE B 314 45.75 0.86 -14.69
CA ILE B 314 45.65 0.83 -13.22
C ILE B 314 47.03 0.91 -12.55
N GLU B 315 47.96 0.07 -12.98
CA GLU B 315 49.18 -0.14 -12.22
C GLU B 315 50.34 0.80 -12.57
N ASP B 316 50.25 1.46 -13.72
CA ASP B 316 51.22 2.45 -14.14
C ASP B 316 50.62 3.83 -14.20
N TYR B 317 49.56 3.98 -14.98
CA TYR B 317 48.96 5.28 -15.29
C TYR B 317 48.27 5.91 -14.06
N VAL B 318 47.28 5.22 -13.53
CA VAL B 318 46.60 5.69 -12.34
C VAL B 318 47.52 5.65 -11.12
N GLN B 319 48.45 4.70 -11.10
CA GLN B 319 49.41 4.62 -10.02
C GLN B 319 50.19 5.94 -9.94
N HIS B 320 50.71 6.39 -11.07
CA HIS B 320 51.46 7.62 -11.13
C HIS B 320 50.61 8.82 -10.73
N LEU B 321 49.40 8.88 -11.25
CA LEU B 321 48.53 10.03 -11.07
C LEU B 321 48.18 10.16 -9.59
N SER B 322 47.98 9.02 -8.94
CA SER B 322 47.50 8.99 -7.55
C SER B 322 48.53 9.54 -6.57
N GLY B 323 49.80 9.28 -6.85
CA GLY B 323 50.88 9.57 -5.89
C GLY B 323 50.82 8.67 -4.66
N TYR B 324 50.05 7.60 -4.73
CA TYR B 324 49.93 6.69 -3.60
C TYR B 324 51.21 5.91 -3.39
N HIS B 325 51.52 5.62 -2.13
CA HIS B 325 52.60 4.72 -1.79
C HIS B 325 52.08 3.29 -1.80
N PHE B 326 50.78 3.16 -1.65
CA PHE B 326 50.11 1.88 -1.85
C PHE B 326 50.18 1.49 -3.33
N LYS B 327 50.48 0.22 -3.57
CA LYS B 327 50.66 -0.29 -4.92
C LYS B 327 49.36 -0.87 -5.46
N LEU B 328 48.73 -0.11 -6.35
CA LEU B 328 47.46 -0.51 -6.95
C LEU B 328 47.63 -1.80 -7.73
N LYS B 329 46.54 -2.56 -7.82
CA LYS B 329 46.59 -3.87 -8.46
C LYS B 329 45.43 -4.09 -9.42
N PHE B 330 45.74 -4.61 -10.61
CA PHE B 330 44.71 -5.08 -11.54
C PHE B 330 44.43 -6.56 -11.28
N ASP B 331 43.31 -6.82 -10.61
CA ASP B 331 42.96 -8.18 -10.22
C ASP B 331 41.45 -8.33 -10.16
N PRO B 332 40.83 -8.79 -11.27
CA PRO B 332 39.40 -9.04 -11.34
C PRO B 332 38.84 -9.90 -10.19
N GLU B 333 39.61 -10.87 -9.73
CA GLU B 333 39.14 -11.79 -8.68
C GLU B 333 38.70 -11.07 -7.42
N LEU B 334 39.26 -9.89 -7.18
CA LEU B 334 38.95 -9.11 -5.99
C LEU B 334 37.48 -8.75 -5.89
N LEU B 335 36.80 -8.77 -7.03
CA LEU B 335 35.39 -8.37 -7.06
C LEU B 335 34.45 -9.57 -7.10
N PHE B 336 35.00 -10.78 -7.19
CA PHE B 336 34.16 -11.99 -7.42
C PHE B 336 33.21 -12.34 -6.28
N ASN B 337 33.54 -11.95 -5.06
CA ASN B 337 32.67 -12.20 -3.91
C ASN B 337 31.99 -10.91 -3.51
N GLN B 338 31.88 -10.01 -4.47
CA GLN B 338 31.40 -8.66 -4.19
C GLN B 338 30.22 -8.36 -5.11
N GLN B 339 29.35 -7.44 -4.70
CA GLN B 339 28.29 -6.97 -5.59
C GLN B 339 28.86 -5.93 -6.53
N PHE B 340 28.71 -6.16 -7.83
CA PHE B 340 29.33 -5.31 -8.84
C PHE B 340 28.73 -5.59 -10.19
N GLN B 341 28.43 -4.53 -10.93
CA GLN B 341 27.80 -4.66 -12.24
C GLN B 341 28.84 -4.60 -13.35
N TYR B 342 28.99 -5.71 -14.07
CA TYR B 342 29.90 -5.75 -15.20
C TYR B 342 29.29 -5.07 -16.41
N GLN B 343 29.17 -3.75 -16.29
CA GLN B 343 28.72 -2.90 -17.37
C GLN B 343 29.07 -1.45 -17.06
N ASN B 344 28.99 -0.60 -18.07
CA ASN B 344 29.32 0.78 -17.92
C ASN B 344 28.73 1.61 -19.04
N ARG B 345 28.44 2.86 -18.72
CA ARG B 345 27.99 3.84 -19.70
C ARG B 345 28.83 5.09 -19.46
N ILE B 346 29.47 5.60 -20.51
CA ILE B 346 30.34 6.77 -20.35
C ILE B 346 29.53 8.02 -20.02
N ALA B 347 29.96 8.68 -18.94
CA ALA B 347 29.31 9.89 -18.44
C ALA B 347 29.85 11.17 -19.08
N SER B 348 28.94 12.04 -19.44
CA SER B 348 29.30 13.33 -20.00
C SER B 348 30.29 14.06 -19.11
N GLU B 349 30.03 14.02 -17.81
CA GLU B 349 30.86 14.72 -16.84
C GLU B 349 32.28 14.14 -16.79
N PHE B 350 32.42 12.84 -17.02
CA PHE B 350 33.74 12.21 -17.04
C PHE B 350 34.52 12.79 -18.21
N ASN B 351 33.83 12.95 -19.33
CA ASN B 351 34.43 13.53 -20.54
C ASN B 351 34.87 14.97 -20.26
N THR B 352 33.98 15.75 -19.63
CA THR B 352 34.25 17.16 -19.36
C THR B 352 35.48 17.31 -18.47
N LEU B 353 35.53 16.52 -17.40
CA LEU B 353 36.60 16.67 -16.42
C LEU B 353 37.95 16.26 -17.02
N TYR B 354 37.91 15.43 -18.06
CA TYR B 354 39.12 14.85 -18.63
C TYR B 354 39.78 15.75 -19.69
N HIS B 355 39.27 16.98 -19.84
CA HIS B 355 39.88 17.94 -20.76
C HIS B 355 41.12 18.51 -20.10
N TRP B 356 42.19 17.73 -20.16
CA TRP B 356 43.42 18.04 -19.42
C TRP B 356 44.43 18.77 -20.29
N HIS B 357 43.97 19.76 -21.04
CA HIS B 357 44.83 20.46 -21.98
C HIS B 357 45.98 21.25 -21.36
N PRO B 358 45.86 21.64 -20.09
CA PRO B 358 47.03 22.25 -19.42
C PRO B 358 48.26 21.36 -19.40
N LEU B 359 48.08 20.06 -19.65
CA LEU B 359 49.21 19.14 -19.73
C LEU B 359 50.18 19.58 -20.82
N LEU B 360 49.63 20.18 -21.86
CA LEU B 360 50.39 20.45 -23.07
C LEU B 360 51.44 21.52 -22.83
N PRO B 361 52.66 21.29 -23.36
CA PRO B 361 53.77 22.24 -23.23
C PRO B 361 53.63 23.36 -24.23
N ASP B 362 54.50 24.37 -24.15
CA ASP B 362 54.49 25.48 -25.10
C ASP B 362 55.10 25.05 -26.44
N THR B 363 56.04 24.12 -26.38
CA THR B 363 56.59 23.48 -27.59
C THR B 363 56.82 21.99 -27.34
N PHE B 364 56.82 21.21 -28.41
CA PHE B 364 57.07 19.79 -28.32
C PHE B 364 58.52 19.51 -28.70
N ASN B 365 59.27 19.00 -27.73
CA ASN B 365 60.71 18.92 -27.86
C ASN B 365 61.19 17.50 -28.14
N ILE B 366 61.56 17.28 -29.40
CA ILE B 366 62.07 15.98 -29.86
C ILE B 366 63.50 16.12 -30.33
N GLU B 367 64.39 15.38 -29.69
CA GLU B 367 65.81 15.49 -29.98
C GLU B 367 66.30 16.92 -29.78
N ASP B 368 66.82 17.52 -30.85
CA ASP B 368 67.34 18.88 -30.79
C ASP B 368 66.28 19.90 -31.16
N GLN B 369 65.15 19.41 -31.66
CA GLN B 369 64.08 20.28 -32.18
C GLN B 369 63.10 20.67 -31.10
N GLU B 370 62.52 21.85 -31.28
CA GLU B 370 61.41 22.33 -30.47
C GLU B 370 60.29 22.78 -31.36
N TYR B 371 59.28 21.94 -31.53
CA TYR B 371 58.20 22.25 -32.48
C TYR B 371 57.09 23.06 -31.83
N SER B 372 56.59 24.02 -32.60
CA SER B 372 55.42 24.79 -32.21
C SER B 372 54.18 23.95 -32.48
N PHE B 373 53.06 24.34 -31.91
CA PHE B 373 51.81 23.64 -32.19
C PHE B 373 51.61 23.56 -33.69
N LYS B 374 51.74 24.71 -34.33
CA LYS B 374 51.53 24.84 -35.77
C LYS B 374 52.33 23.79 -36.51
N GLN B 375 53.57 23.58 -36.10
CA GLN B 375 54.45 22.64 -36.78
C GLN B 375 54.17 21.21 -36.36
N PHE B 376 53.66 21.04 -35.16
CA PHE B 376 53.45 19.71 -34.62
C PHE B 376 52.17 19.06 -35.16
N LEU B 377 51.09 19.81 -35.21
CA LEU B 377 49.79 19.28 -35.62
C LEU B 377 49.81 18.73 -37.04
N TYR B 378 49.12 17.61 -37.21
CA TYR B 378 48.99 16.90 -38.47
C TYR B 378 50.31 16.67 -39.17
N ASN B 379 51.40 16.56 -38.42
CA ASN B 379 52.71 16.44 -39.05
C ASN B 379 53.42 15.13 -38.74
N ASN B 380 53.05 14.09 -39.46
CA ASN B 380 53.63 12.75 -39.25
C ASN B 380 55.06 12.62 -39.78
N SER B 381 55.52 13.60 -40.57
CA SER B 381 56.92 13.59 -41.03
C SER B 381 57.86 13.64 -39.84
N ILE B 382 57.40 14.29 -38.78
CA ILE B 382 58.24 14.43 -37.60
C ILE B 382 58.46 13.04 -37.01
N LEU B 383 57.39 12.25 -36.99
CA LEU B 383 57.50 10.90 -36.47
C LEU B 383 58.47 10.11 -37.34
N LEU B 384 58.28 10.17 -38.66
CA LEU B 384 59.15 9.44 -39.57
C LEU B 384 60.58 9.95 -39.45
N GLU B 385 60.67 11.25 -39.23
CA GLU B 385 61.96 11.93 -39.13
C GLU B 385 62.83 11.36 -38.01
N HIS B 386 62.28 11.37 -36.80
CA HIS B 386 63.05 11.02 -35.61
C HIS B 386 62.91 9.54 -35.27
N GLY B 387 61.78 8.96 -35.65
CA GLY B 387 61.49 7.57 -35.32
C GLY B 387 60.97 7.39 -33.90
N LEU B 388 60.39 6.21 -33.66
CA LEU B 388 59.76 5.88 -32.38
C LEU B 388 60.72 5.97 -31.19
N THR B 389 61.91 5.40 -31.35
CA THR B 389 62.86 5.34 -30.23
C THR B 389 63.13 6.75 -29.69
N GLN B 390 63.38 7.67 -30.61
CA GLN B 390 63.69 9.05 -30.25
C GLN B 390 62.45 9.76 -29.66
N PHE B 391 61.27 9.45 -30.20
CA PHE B 391 60.02 9.99 -29.62
C PHE B 391 59.90 9.57 -28.16
N VAL B 392 60.12 8.29 -27.89
CA VAL B 392 59.97 7.77 -26.53
C VAL B 392 61.00 8.43 -25.60
N GLU B 393 62.25 8.47 -26.04
CA GLU B 393 63.32 9.05 -25.24
C GLU B 393 63.03 10.52 -24.92
N SER B 394 62.60 11.28 -25.93
CA SER B 394 62.35 12.71 -25.77
C SER B 394 61.12 12.99 -24.92
N PHE B 395 60.05 12.27 -25.21
CA PHE B 395 58.80 12.47 -24.50
C PHE B 395 58.86 12.01 -23.05
N THR B 396 59.76 11.06 -22.77
CA THR B 396 59.97 10.59 -21.42
C THR B 396 60.68 11.66 -20.60
N ARG B 397 61.47 12.52 -21.27
CA ARG B 397 62.25 13.57 -20.62
C ARG B 397 61.48 14.90 -20.48
N GLN B 398 60.51 15.15 -21.36
CA GLN B 398 59.84 16.44 -21.37
C GLN B 398 58.68 16.46 -20.37
N ILE B 399 58.73 17.43 -19.48
CA ILE B 399 57.71 17.58 -18.45
C ILE B 399 56.41 18.17 -18.98
N ALA B 400 55.31 17.72 -18.40
CA ALA B 400 53.98 18.17 -18.77
C ALA B 400 53.52 19.24 -17.80
N GLY B 401 52.51 20.01 -18.20
CA GLY B 401 51.95 21.05 -17.33
C GLY B 401 51.02 20.55 -16.21
N ARG B 402 50.98 21.33 -15.14
CA ARG B 402 50.04 21.09 -14.04
C ARG B 402 48.62 21.37 -14.53
N VAL B 403 47.67 20.57 -14.07
CA VAL B 403 46.29 20.70 -14.55
C VAL B 403 45.44 21.60 -13.64
N ALA B 404 45.34 21.28 -12.36
CA ALA B 404 44.64 22.15 -11.41
C ALA B 404 45.56 23.32 -11.06
N GLY B 405 45.08 24.24 -10.23
CA GLY B 405 45.93 25.34 -9.77
C GLY B 405 45.77 26.65 -10.55
N GLY B 406 45.10 26.57 -11.69
CA GLY B 406 44.77 27.76 -12.47
C GLY B 406 45.78 28.17 -13.54
N ARG B 407 45.28 28.96 -14.48
CA ARG B 407 46.09 29.66 -15.48
C ARG B 407 47.20 28.83 -16.12
N ASN B 408 46.86 27.65 -16.65
CA ASN B 408 47.87 26.86 -17.35
C ASN B 408 47.38 26.23 -18.64
N VAL B 409 46.27 26.75 -19.19
CA VAL B 409 45.76 26.28 -20.48
C VAL B 409 46.52 26.99 -21.58
N PRO B 410 47.20 26.21 -22.43
CA PRO B 410 47.96 26.80 -23.55
C PRO B 410 47.06 27.64 -24.45
N ILE B 411 47.57 28.79 -24.87
CA ILE B 411 46.82 29.73 -25.70
C ILE B 411 46.44 29.09 -27.02
N ALA B 412 47.31 28.21 -27.52
CA ALA B 412 47.11 27.53 -28.81
C ALA B 412 45.78 26.79 -28.85
N VAL B 413 45.26 26.48 -27.67
CA VAL B 413 44.11 25.61 -27.57
C VAL B 413 42.98 26.29 -26.77
N GLN B 414 43.02 27.61 -26.74
CA GLN B 414 42.06 28.40 -25.99
C GLN B 414 40.63 28.18 -26.48
N ALA B 415 40.46 27.94 -27.77
CA ALA B 415 39.13 27.70 -28.33
C ALA B 415 38.50 26.44 -27.75
N VAL B 416 39.34 25.45 -27.47
CA VAL B 416 38.87 24.18 -26.92
C VAL B 416 38.38 24.40 -25.49
N ALA B 417 39.14 25.17 -24.70
CA ALA B 417 38.75 25.50 -23.34
C ALA B 417 37.44 26.31 -23.31
N LYS B 418 37.28 27.25 -24.25
CA LYS B 418 36.08 28.05 -24.25
C LYS B 418 34.88 27.16 -24.58
N ALA B 419 35.08 26.25 -25.52
CA ALA B 419 34.03 25.31 -25.92
C ALA B 419 33.65 24.36 -24.77
N SER B 420 34.60 24.00 -23.93
CA SER B 420 34.28 23.16 -22.79
C SER B 420 33.32 23.91 -21.88
N ILE B 421 33.56 25.20 -21.70
CA ILE B 421 32.71 26.02 -20.85
C ILE B 421 31.35 26.14 -21.51
N ASP B 422 31.34 26.52 -22.79
CA ASP B 422 30.09 26.82 -23.48
C ASP B 422 29.21 25.58 -23.65
N GLN B 423 29.85 24.44 -23.89
CA GLN B 423 29.09 23.21 -24.12
C GLN B 423 28.55 22.62 -22.82
N SER B 424 29.28 22.81 -21.72
CA SER B 424 28.78 22.44 -20.39
C SER B 424 27.45 23.14 -20.14
N ARG B 425 27.41 24.42 -20.46
CA ARG B 425 26.21 25.23 -20.23
C ARG B 425 25.13 24.77 -21.17
N GLU B 426 25.53 24.49 -22.40
CA GLU B 426 24.61 24.03 -23.42
C GLU B 426 23.92 22.74 -22.96
N MET B 427 24.66 21.92 -22.24
CA MET B 427 24.15 20.64 -21.75
C MET B 427 23.46 20.81 -20.39
N LYS B 428 23.34 22.06 -19.95
CA LYS B 428 22.64 22.39 -18.71
C LYS B 428 23.21 21.70 -17.47
N TYR B 429 24.52 21.74 -17.33
CA TYR B 429 25.18 21.20 -16.15
C TYR B 429 24.76 21.94 -14.88
N GLN B 430 24.54 21.19 -13.81
CA GLN B 430 24.41 21.79 -12.49
C GLN B 430 25.77 22.32 -12.02
N SER B 431 25.76 23.01 -10.88
CA SER B 431 26.93 23.75 -10.41
C SER B 431 27.99 22.82 -9.85
N LEU B 432 29.18 23.39 -9.64
CA LEU B 432 30.30 22.67 -9.02
C LEU B 432 29.88 22.06 -7.69
N ASN B 433 29.19 22.85 -6.86
CA ASN B 433 28.84 22.40 -5.51
C ASN B 433 27.79 21.30 -5.51
N GLU B 434 26.88 21.33 -6.47
CA GLU B 434 25.92 20.22 -6.62
C GLU B 434 26.70 18.94 -6.93
N TYR B 435 27.66 19.05 -7.85
CA TYR B 435 28.49 17.90 -8.19
C TYR B 435 29.30 17.42 -7.01
N ARG B 436 29.78 18.37 -6.20
CA ARG B 436 30.55 18.01 -5.00
C ARG B 436 29.70 17.21 -4.03
N LYS B 437 28.49 17.66 -3.82
CA LYS B 437 27.57 16.93 -2.96
C LYS B 437 27.31 15.54 -3.55
N ARG B 438 27.11 15.50 -4.86
CA ARG B 438 26.76 14.25 -5.56
C ARG B 438 27.85 13.20 -5.31
N PHE B 439 29.08 13.66 -5.09
CA PHE B 439 30.18 12.73 -4.86
C PHE B 439 30.71 12.79 -3.42
N SER B 440 29.80 13.13 -2.50
CA SER B 440 30.05 13.06 -1.07
C SER B 440 31.16 13.99 -0.61
N LEU B 441 31.27 15.14 -1.25
CA LEU B 441 32.24 16.15 -0.86
C LEU B 441 31.50 17.38 -0.31
N LYS B 442 32.20 18.13 0.54
CA LYS B 442 31.63 19.30 1.18
C LYS B 442 31.60 20.47 0.20
N PRO B 443 30.44 21.11 0.05
CA PRO B 443 30.36 22.28 -0.80
C PRO B 443 31.39 23.32 -0.38
N TYR B 444 31.99 23.99 -1.37
CA TYR B 444 32.89 25.10 -1.09
C TYR B 444 32.06 26.30 -0.63
N THR B 445 32.58 27.00 0.37
CA THR B 445 31.86 28.10 0.99
C THR B 445 32.38 29.46 0.55
N SER B 446 33.48 29.46 -0.21
CA SER B 446 34.00 30.69 -0.83
C SER B 446 34.91 30.35 -2.01
N PHE B 447 35.17 31.33 -2.86
CA PHE B 447 36.05 31.14 -4.01
C PHE B 447 37.47 30.94 -3.53
N GLU B 448 37.79 31.55 -2.39
CA GLU B 448 39.14 31.44 -1.84
C GLU B 448 39.37 30.03 -1.33
N GLU B 449 38.32 29.40 -0.80
CA GLU B 449 38.42 28.02 -0.37
C GLU B 449 38.69 27.14 -1.58
N LEU B 450 38.07 27.47 -2.71
CA LEU B 450 38.22 26.69 -3.93
C LEU B 450 39.65 26.73 -4.48
N THR B 451 40.22 27.93 -4.59
CA THR B 451 41.51 28.12 -5.25
C THR B 451 42.66 28.01 -4.26
N GLY B 452 42.40 28.32 -3.00
CA GLY B 452 43.44 28.30 -1.98
C GLY B 452 44.35 29.52 -2.12
N GLU B 453 43.90 30.49 -2.90
CA GLU B 453 44.63 31.74 -3.06
C GLU B 453 43.66 32.92 -3.09
N LYS B 454 44.15 34.11 -3.44
CA LYS B 454 43.33 35.32 -3.35
C LYS B 454 43.01 35.99 -4.68
N GLU B 455 43.95 35.95 -5.61
CA GLU B 455 43.81 36.74 -6.85
C GLU B 455 42.78 36.19 -7.81
N MET B 456 42.94 34.92 -8.18
CA MET B 456 41.98 34.26 -9.07
C MET B 456 40.62 34.17 -8.37
N ALA B 457 40.67 33.94 -7.06
CA ALA B 457 39.45 33.89 -6.25
C ALA B 457 38.65 35.17 -6.42
N ALA B 458 39.34 36.30 -6.37
CA ALA B 458 38.67 37.60 -6.46
C ALA B 458 38.09 37.82 -7.83
N GLU B 459 38.82 37.40 -8.86
CA GLU B 459 38.33 37.51 -10.23
C GLU B 459 37.06 36.67 -10.40
N LEU B 460 37.09 35.45 -9.87
CA LEU B 460 35.94 34.54 -9.98
C LEU B 460 34.75 35.10 -9.22
N LYS B 461 35.03 35.68 -8.05
CA LYS B 461 33.98 36.21 -7.23
C LYS B 461 33.29 37.39 -7.92
N ALA B 462 34.08 38.23 -8.57
CA ALA B 462 33.52 39.36 -9.31
C ALA B 462 32.67 38.86 -10.48
N LEU B 463 33.07 37.73 -11.05
CA LEU B 463 32.36 37.18 -12.21
C LEU B 463 31.08 36.45 -11.83
N TYR B 464 31.15 35.61 -10.79
CA TYR B 464 30.05 34.70 -10.45
C TYR B 464 29.22 35.17 -9.25
N SER B 465 29.83 36.00 -8.40
CA SER B 465 29.16 36.56 -7.21
C SER B 465 28.92 35.53 -6.12
N ASP B 466 28.38 34.37 -6.50
CA ASP B 466 27.99 33.33 -5.56
C ASP B 466 28.77 32.03 -5.83
N ILE B 467 29.39 31.49 -4.80
CA ILE B 467 30.17 30.27 -4.94
C ILE B 467 29.28 29.10 -5.41
N ASP B 468 28.00 29.14 -5.02
CA ASP B 468 27.06 28.07 -5.35
C ASP B 468 26.65 28.10 -6.81
N VAL B 469 27.15 29.11 -7.53
CA VAL B 469 26.83 29.33 -8.93
C VAL B 469 28.06 29.00 -9.80
N MET B 470 29.19 28.74 -9.14
CA MET B 470 30.43 28.41 -9.85
C MET B 470 30.26 27.12 -10.65
N GLU B 471 30.94 27.05 -11.79
CA GLU B 471 30.80 25.93 -12.72
C GLU B 471 31.88 24.87 -12.55
N LEU B 472 31.48 23.63 -12.82
CA LEU B 472 32.34 22.47 -12.60
C LEU B 472 33.65 22.58 -13.37
N TYR B 473 33.57 22.76 -14.68
CA TYR B 473 34.77 22.67 -15.52
C TYR B 473 35.85 23.71 -15.17
N PRO B 474 35.49 25.00 -15.13
CA PRO B 474 36.49 26.00 -14.76
C PRO B 474 37.02 25.76 -13.35
N ALA B 475 36.17 25.27 -12.48
CA ALA B 475 36.55 25.02 -11.10
C ALA B 475 37.64 23.97 -11.03
N LEU B 476 37.54 22.96 -11.89
CA LEU B 476 38.49 21.86 -11.87
C LEU B 476 39.90 22.33 -12.18
N LEU B 477 40.02 23.26 -13.13
CA LEU B 477 41.31 23.72 -13.61
C LEU B 477 41.88 24.84 -12.73
N VAL B 478 41.07 25.31 -11.79
CA VAL B 478 41.45 26.44 -10.96
C VAL B 478 41.58 26.01 -9.49
N GLU B 479 41.14 24.79 -9.23
CA GLU B 479 41.08 24.27 -7.86
C GLU B 479 42.46 24.20 -7.21
N LYS B 480 42.49 24.45 -5.91
CA LYS B 480 43.69 24.24 -5.11
C LYS B 480 44.16 22.79 -5.21
N PRO B 481 45.37 22.58 -5.72
CA PRO B 481 45.88 21.21 -5.86
C PRO B 481 46.11 20.58 -4.50
N ARG B 482 46.10 19.25 -4.45
CA ARG B 482 46.69 18.57 -3.30
C ARG B 482 48.14 19.02 -3.26
N PRO B 483 48.80 18.88 -2.09
CA PRO B 483 50.17 19.36 -1.97
C PRO B 483 51.08 18.75 -3.02
N ASP B 484 51.69 19.59 -3.85
CA ASP B 484 52.59 19.14 -4.89
C ASP B 484 51.94 18.16 -5.85
N ALA B 485 50.62 18.27 -5.97
CA ALA B 485 49.88 17.35 -6.85
C ALA B 485 49.42 18.03 -8.13
N ILE B 486 49.05 17.21 -9.11
CA ILE B 486 48.60 17.70 -10.41
C ILE B 486 47.13 18.13 -10.39
N PHE B 487 46.36 17.52 -9.49
CA PHE B 487 44.92 17.74 -9.39
C PHE B 487 44.50 18.17 -7.99
N GLY B 488 43.32 18.78 -7.91
CA GLY B 488 42.64 18.98 -6.63
C GLY B 488 41.64 17.88 -6.30
N GLU B 489 40.98 18.03 -5.17
CA GLU B 489 40.05 17.05 -4.64
C GLU B 489 38.94 16.65 -5.61
N THR B 490 38.33 17.63 -6.27
CA THR B 490 37.13 17.39 -7.07
C THR B 490 37.41 16.55 -8.31
N MET B 491 38.57 16.77 -8.92
CA MET B 491 39.00 15.98 -10.07
C MET B 491 39.11 14.50 -9.71
N VAL B 492 39.76 14.20 -8.60
CA VAL B 492 40.03 12.82 -8.22
C VAL B 492 38.75 12.13 -7.76
N GLU B 493 37.96 12.82 -6.95
CA GLU B 493 36.77 12.23 -6.36
C GLU B 493 35.62 11.99 -7.35
N LEU B 494 35.57 12.74 -8.44
CA LEU B 494 34.63 12.41 -9.52
C LEU B 494 35.27 11.44 -10.52
N GLY B 495 36.55 11.67 -10.82
CA GLY B 495 37.24 10.92 -11.87
C GLY B 495 37.46 9.47 -11.52
N ALA B 496 37.86 9.20 -10.28
CA ALA B 496 38.23 7.86 -9.86
C ALA B 496 37.06 6.87 -10.04
N PRO B 497 35.88 7.21 -9.51
CA PRO B 497 34.68 6.38 -9.65
C PRO B 497 34.33 6.09 -11.12
N PHE B 498 34.22 7.13 -11.93
CA PHE B 498 33.94 6.94 -13.35
C PHE B 498 34.97 5.96 -13.96
N SER B 499 36.23 6.17 -13.60
CA SER B 499 37.32 5.45 -14.22
C SER B 499 37.34 3.97 -13.85
N LEU B 500 37.34 3.69 -12.55
CA LEU B 500 37.48 2.32 -12.08
C LEU B 500 36.31 1.50 -12.55
N LYS B 501 35.15 2.15 -12.67
CA LYS B 501 33.94 1.48 -13.10
C LYS B 501 34.04 1.05 -14.57
N GLY B 502 34.64 1.89 -15.40
CA GLY B 502 34.79 1.55 -16.81
C GLY B 502 35.88 0.52 -17.04
N LEU B 503 36.86 0.51 -16.13
CA LEU B 503 37.96 -0.45 -16.17
C LEU B 503 37.48 -1.83 -15.74
N MET B 504 36.92 -1.90 -14.53
CA MET B 504 36.56 -3.19 -13.95
C MET B 504 35.24 -3.71 -14.51
N GLY B 505 34.43 -2.79 -15.03
CA GLY B 505 33.15 -3.15 -15.62
C GLY B 505 33.24 -3.89 -16.95
N ASN B 506 34.43 -3.87 -17.54
CA ASN B 506 34.68 -4.57 -18.81
C ASN B 506 34.34 -6.06 -18.64
N PRO B 507 33.74 -6.67 -19.68
CA PRO B 507 33.37 -8.09 -19.58
C PRO B 507 34.55 -9.03 -19.33
N ILE B 508 35.76 -8.71 -19.79
CA ILE B 508 36.87 -9.64 -19.59
C ILE B 508 37.19 -9.76 -18.11
N CYS B 509 36.64 -8.86 -17.32
CA CYS B 509 36.86 -8.88 -15.86
C CYS B 509 35.82 -9.72 -15.14
N SER B 510 34.80 -10.14 -15.88
CA SER B 510 33.78 -11.01 -15.32
C SER B 510 34.33 -12.42 -15.15
N PRO B 511 33.83 -13.15 -14.14
CA PRO B 511 34.22 -14.51 -13.84
C PRO B 511 34.21 -15.46 -15.03
N GLN B 512 33.22 -15.40 -15.92
CA GLN B 512 33.20 -16.37 -17.03
C GLN B 512 34.25 -16.04 -18.09
N TYR B 513 34.76 -14.80 -18.06
CA TYR B 513 35.78 -14.37 -19.00
C TYR B 513 37.20 -14.46 -18.42
N TRP B 514 37.34 -14.16 -17.13
CA TRP B 514 38.66 -14.04 -16.51
C TRP B 514 39.27 -15.41 -16.19
N LYS B 515 39.69 -16.10 -17.22
CA LYS B 515 40.34 -17.39 -17.09
C LYS B 515 41.24 -17.57 -18.29
N PRO B 516 42.29 -18.41 -18.15
CA PRO B 516 43.33 -18.59 -19.17
C PRO B 516 42.81 -18.89 -20.56
N SER B 517 41.82 -19.78 -20.67
CA SER B 517 41.36 -20.21 -21.99
C SER B 517 40.83 -19.05 -22.82
N THR B 518 40.29 -18.04 -22.14
CA THR B 518 39.73 -16.89 -22.84
C THR B 518 40.81 -16.23 -23.66
N PHE B 519 42.06 -16.31 -23.18
CA PHE B 519 43.16 -15.58 -23.77
C PHE B 519 44.18 -16.53 -24.43
N GLY B 520 43.70 -17.68 -24.86
CA GLY B 520 44.50 -18.66 -25.59
C GLY B 520 45.39 -19.52 -24.71
N GLY B 521 45.14 -19.49 -23.40
CA GLY B 521 45.94 -20.28 -22.46
C GLY B 521 46.82 -19.44 -21.53
N GLU B 522 47.63 -20.12 -20.71
CA GLU B 522 48.42 -19.48 -19.65
C GLU B 522 49.41 -18.48 -20.23
N VAL B 523 49.85 -18.70 -21.47
CA VAL B 523 50.85 -17.84 -22.08
C VAL B 523 50.21 -16.49 -22.44
N GLY B 524 49.02 -16.56 -23.05
CA GLY B 524 48.25 -15.34 -23.34
C GLY B 524 47.84 -14.64 -22.05
N PHE B 525 47.42 -15.43 -21.07
CA PHE B 525 46.98 -14.86 -19.80
C PHE B 525 48.13 -14.10 -19.16
N LYS B 526 49.34 -14.62 -19.29
CA LYS B 526 50.51 -14.01 -18.64
C LYS B 526 50.86 -12.67 -19.26
N ILE B 527 50.62 -12.54 -20.56
CA ILE B 527 50.87 -11.28 -21.24
C ILE B 527 50.08 -10.16 -20.53
N ILE B 528 48.85 -10.45 -20.16
CA ILE B 528 48.03 -9.48 -19.47
C ILE B 528 48.59 -9.20 -18.10
N ASN B 529 48.85 -10.26 -17.36
CA ASN B 529 49.16 -10.12 -15.94
C ASN B 529 50.56 -9.61 -15.64
N THR B 530 51.38 -9.46 -16.69
CA THR B 530 52.71 -8.89 -16.54
C THR B 530 52.91 -7.64 -17.38
N ALA B 531 51.84 -7.11 -17.95
CA ALA B 531 51.94 -5.93 -18.81
C ALA B 531 52.38 -4.70 -18.01
N SER B 532 53.15 -3.84 -18.65
CA SER B 532 53.52 -2.55 -18.07
C SER B 532 53.85 -1.59 -19.19
N ILE B 533 53.84 -0.29 -18.88
CA ILE B 533 54.17 0.72 -19.89
C ILE B 533 55.60 0.49 -20.37
N GLN B 534 56.49 0.04 -19.49
CA GLN B 534 57.88 -0.22 -19.93
C GLN B 534 57.98 -1.43 -20.86
N SER B 535 57.31 -2.53 -20.53
CA SER B 535 57.42 -3.72 -21.35
C SER B 535 56.78 -3.43 -22.70
N LEU B 536 55.71 -2.65 -22.69
CA LEU B 536 55.01 -2.28 -23.92
C LEU B 536 55.97 -1.60 -24.89
N ILE B 537 56.82 -0.73 -24.35
CA ILE B 537 57.78 0.00 -25.18
C ILE B 537 59.01 -0.86 -25.47
N CYS B 538 59.44 -1.65 -24.51
CA CYS B 538 60.62 -2.48 -24.69
C CYS B 538 60.43 -3.45 -25.84
N ASN B 539 59.28 -4.13 -25.83
CA ASN B 539 58.99 -5.16 -26.84
C ASN B 539 58.74 -4.62 -28.24
N ASN B 540 58.34 -3.35 -28.33
CA ASN B 540 57.82 -2.81 -29.59
C ASN B 540 58.58 -1.61 -30.13
N VAL B 541 59.54 -1.09 -29.36
CA VAL B 541 60.32 0.05 -29.81
C VAL B 541 61.79 -0.33 -29.88
N LYS B 542 62.41 0.00 -31.00
CA LYS B 542 63.80 -0.40 -31.22
C LYS B 542 64.72 0.11 -30.09
N GLY B 543 65.55 -0.80 -29.60
CA GLY B 543 66.53 -0.51 -28.58
C GLY B 543 65.96 -0.61 -27.19
N CYS B 544 64.67 -0.94 -27.11
CA CYS B 544 64.02 -1.06 -25.82
C CYS B 544 64.45 0.07 -24.88
N PRO B 545 64.24 1.33 -25.31
CA PRO B 545 64.58 2.49 -24.47
C PRO B 545 63.82 2.44 -23.17
N PHE B 546 64.38 3.04 -22.14
CA PHE B 546 63.69 3.11 -20.86
C PHE B 546 62.51 4.09 -20.99
N THR B 547 61.40 3.79 -20.33
CA THR B 547 60.33 4.77 -20.32
C THR B 547 59.55 4.74 -19.04
N SER B 548 58.74 5.76 -18.86
CA SER B 548 57.98 5.94 -17.64
C SER B 548 56.97 7.05 -17.86
N PHE B 549 56.08 7.25 -16.90
CA PHE B 549 55.10 8.33 -16.96
C PHE B 549 55.55 9.54 -16.16
N ASN B 550 56.72 9.44 -15.54
CA ASN B 550 57.29 10.57 -14.81
C ASN B 550 58.69 10.90 -15.28
N VAL B 551 59.00 12.19 -15.28
CA VAL B 551 60.34 12.67 -15.62
C VAL B 551 61.39 12.16 -14.62
N GLN B 552 62.41 11.50 -15.14
CA GLN B 552 63.39 10.80 -14.30
C GLN B 552 64.25 11.81 -13.56
N ALA C 1 -28.92 -22.82 44.01
CA ALA C 1 -28.38 -22.15 45.23
C ALA C 1 -28.79 -20.68 45.25
N ASN C 2 -28.55 -19.99 44.15
CA ASN C 2 -28.97 -18.61 44.01
C ASN C 2 -30.47 -18.46 44.29
N PRO C 3 -30.82 -17.68 45.33
CA PRO C 3 -32.22 -17.50 45.76
C PRO C 3 -33.10 -16.78 44.72
N CYS C 4 -32.50 -16.39 43.60
CA CYS C 4 -33.26 -15.78 42.52
C CYS C 4 -33.52 -16.83 41.44
N CYS C 5 -33.12 -18.06 41.71
CA CYS C 5 -33.28 -19.15 40.74
C CYS C 5 -34.71 -19.38 40.34
N SER C 6 -35.65 -19.06 41.23
CA SER C 6 -37.05 -19.27 40.97
C SER C 6 -37.68 -18.15 40.15
N ASN C 7 -36.92 -17.12 39.82
CA ASN C 7 -37.47 -15.95 39.10
C ASN C 7 -38.64 -15.35 39.85
N PRO C 8 -38.44 -15.07 41.14
CA PRO C 8 -39.44 -14.65 42.11
C PRO C 8 -40.15 -13.36 41.76
N CYS C 9 -39.40 -12.42 41.18
CA CYS C 9 -39.92 -11.06 41.00
C CYS C 9 -40.71 -10.95 39.73
N GLN C 10 -41.92 -10.42 39.85
CA GLN C 10 -42.83 -10.27 38.72
C GLN C 10 -42.89 -8.85 38.20
N ASN C 11 -43.46 -8.69 37.00
CA ASN C 11 -43.72 -7.40 36.42
C ASN C 11 -42.47 -6.55 36.21
N ARG C 12 -41.38 -7.23 35.90
CA ARG C 12 -40.11 -6.58 35.52
C ARG C 12 -39.34 -6.09 36.73
N GLY C 13 -39.80 -6.49 37.90
CA GLY C 13 -39.03 -6.27 39.12
C GLY C 13 -37.73 -7.01 38.98
N GLU C 14 -36.68 -6.51 39.62
CA GLU C 14 -35.38 -7.15 39.54
C GLU C 14 -35.02 -7.85 40.83
N CYS C 15 -34.55 -9.08 40.69
CA CYS C 15 -34.18 -9.89 41.83
C CYS C 15 -32.70 -9.70 42.15
N MET C 16 -32.43 -9.54 43.43
CA MET C 16 -31.07 -9.43 43.92
C MET C 16 -31.02 -10.28 45.17
N SER C 17 -29.94 -11.04 45.32
CA SER C 17 -29.72 -11.82 46.53
C SER C 17 -29.32 -10.89 47.65
N THR C 18 -29.82 -11.19 48.84
CA THR C 18 -29.47 -10.43 50.03
C THR C 18 -28.98 -11.38 51.11
N GLY C 19 -28.07 -12.28 50.75
CA GLY C 19 -27.66 -13.34 51.65
C GLY C 19 -27.77 -14.65 50.89
N PHE C 20 -27.18 -15.71 51.45
CA PHE C 20 -27.06 -16.98 50.73
C PHE C 20 -28.40 -17.61 50.36
N ASP C 21 -29.45 -17.25 51.10
CA ASP C 21 -30.75 -17.88 50.89
C ASP C 21 -31.89 -16.88 50.98
N GLN C 22 -31.56 -15.59 50.89
CA GLN C 22 -32.58 -14.56 50.85
C GLN C 22 -32.43 -13.74 49.57
N TYR C 23 -33.54 -13.15 49.16
CA TYR C 23 -33.55 -12.30 47.98
C TYR C 23 -34.41 -11.09 48.22
N LYS C 24 -34.27 -10.12 47.34
CA LYS C 24 -35.11 -8.95 47.39
C LYS C 24 -35.43 -8.52 45.97
N CYS C 25 -36.65 -8.04 45.78
CA CYS C 25 -37.07 -7.54 44.48
C CYS C 25 -37.07 -6.02 44.47
N ASP C 26 -36.48 -5.46 43.43
CA ASP C 26 -36.51 -4.01 43.24
C ASP C 26 -37.63 -3.68 42.26
N CYS C 27 -38.69 -3.05 42.79
CA CYS C 27 -39.93 -2.84 42.05
C CYS C 27 -39.98 -1.45 41.48
N THR C 28 -38.86 -0.74 41.56
CA THR C 28 -38.79 0.63 41.08
C THR C 28 -39.46 0.76 39.71
N ARG C 29 -40.42 1.67 39.63
CA ARG C 29 -41.10 2.02 38.37
C ARG C 29 -41.81 0.85 37.66
N THR C 30 -42.08 -0.23 38.38
CA THR C 30 -42.81 -1.35 37.78
C THR C 30 -44.31 -1.09 37.75
N GLY C 31 -44.78 -0.26 38.67
CA GLY C 31 -46.21 -0.01 38.83
C GLY C 31 -46.79 -0.90 39.92
N PHE C 32 -45.93 -1.72 40.52
CA PHE C 32 -46.33 -2.63 41.60
C PHE C 32 -45.38 -2.53 42.78
N TYR C 33 -45.81 -3.08 43.90
CA TYR C 33 -44.94 -3.20 45.05
C TYR C 33 -45.22 -4.52 45.71
N GLY C 34 -44.62 -4.73 46.88
CA GLY C 34 -44.73 -6.00 47.58
C GLY C 34 -43.49 -6.84 47.41
N GLU C 35 -43.37 -7.92 48.17
CA GLU C 35 -42.16 -8.73 48.15
C GLU C 35 -41.72 -9.15 46.73
N ASN C 36 -42.69 -9.42 45.85
CA ASN C 36 -42.39 -9.93 44.52
C ASN C 36 -42.95 -9.02 43.44
N CYS C 37 -43.22 -7.77 43.80
CA CYS C 37 -43.74 -6.76 42.88
C CYS C 37 -45.05 -7.21 42.24
N THR C 38 -45.93 -7.84 43.04
CA THR C 38 -47.21 -8.34 42.51
C THR C 38 -48.42 -7.53 42.98
N THR C 39 -48.19 -6.58 43.88
CA THR C 39 -49.27 -5.71 44.36
C THR C 39 -49.33 -4.43 43.53
N PRO C 40 -50.41 -4.26 42.76
CA PRO C 40 -50.51 -3.12 41.86
C PRO C 40 -50.85 -1.81 42.54
N GLU C 41 -50.28 -0.73 42.01
CA GLU C 41 -50.61 0.60 42.46
C GLU C 41 -51.95 0.98 41.84
N PHE C 42 -52.64 1.88 42.51
CA PHE C 42 -53.99 2.27 42.12
C PHE C 42 -54.09 2.49 40.62
N LEU C 43 -53.29 3.44 40.13
CA LEU C 43 -53.32 3.79 38.71
C LEU C 43 -52.97 2.60 37.84
N THR C 44 -52.20 1.68 38.40
CA THR C 44 -51.82 0.47 37.68
C THR C 44 -53.05 -0.39 37.45
N ARG C 45 -53.92 -0.46 38.45
CA ARG C 45 -55.13 -1.29 38.37
C ARG C 45 -56.07 -0.76 37.29
N ILE C 46 -56.18 0.55 37.20
CA ILE C 46 -56.99 1.16 36.16
C ILE C 46 -56.48 0.67 34.81
N LYS C 47 -55.23 1.01 34.52
CA LYS C 47 -54.62 0.70 33.24
C LYS C 47 -54.84 -0.76 32.86
N LEU C 48 -54.73 -1.64 33.83
CA LEU C 48 -54.85 -3.07 33.56
C LEU C 48 -56.26 -3.39 33.06
N LEU C 49 -57.27 -2.72 33.61
CA LEU C 49 -58.66 -2.94 33.18
C LEU C 49 -58.89 -2.47 31.76
N LEU C 50 -58.35 -1.30 31.44
CA LEU C 50 -58.59 -0.66 30.15
C LEU C 50 -57.64 -1.15 29.08
N LYS C 51 -56.85 -2.17 29.39
CA LYS C 51 -55.86 -2.68 28.44
C LYS C 51 -56.39 -3.91 27.74
N PRO C 52 -56.58 -3.82 26.42
CA PRO C 52 -57.01 -4.97 25.64
C PRO C 52 -55.86 -5.97 25.49
N THR C 53 -56.19 -7.24 25.34
CA THR C 53 -55.16 -8.24 25.11
C THR C 53 -54.61 -8.08 23.69
N PRO C 54 -53.37 -8.56 23.47
CA PRO C 54 -52.79 -8.57 22.13
C PRO C 54 -53.67 -9.28 21.10
N ASN C 55 -54.36 -10.35 21.50
CA ASN C 55 -55.24 -11.08 20.58
C ASN C 55 -56.43 -10.21 20.17
N THR C 56 -56.91 -9.40 21.10
CA THR C 56 -58.03 -8.51 20.82
C THR C 56 -57.59 -7.48 19.79
N VAL C 57 -56.50 -6.80 20.10
CA VAL C 57 -55.97 -5.78 19.20
C VAL C 57 -55.69 -6.37 17.82
N HIS C 58 -55.08 -7.54 17.80
CA HIS C 58 -54.76 -8.19 16.54
C HIS C 58 -56.02 -8.43 15.73
N TYR C 59 -57.09 -8.80 16.42
CA TYR C 59 -58.37 -9.05 15.76
C TYR C 59 -58.86 -7.77 15.07
N ILE C 60 -58.77 -6.66 15.81
CA ILE C 60 -59.27 -5.38 15.32
C ILE C 60 -58.44 -4.90 14.14
N LEU C 61 -57.16 -5.24 14.15
CA LEU C 61 -56.25 -4.80 13.08
C LEU C 61 -56.46 -5.63 11.83
N THR C 62 -56.99 -6.84 11.98
CA THR C 62 -57.14 -7.75 10.88
C THR C 62 -58.62 -7.90 10.49
N HIS C 63 -59.46 -7.05 11.05
CA HIS C 63 -60.88 -7.01 10.70
C HIS C 63 -61.34 -5.58 10.43
N PHE C 64 -62.63 -5.42 10.15
CA PHE C 64 -63.23 -4.10 9.88
C PHE C 64 -62.50 -3.40 8.75
N LYS C 65 -62.29 -4.15 7.67
CA LYS C 65 -61.53 -3.66 6.53
C LYS C 65 -62.08 -2.34 6.01
N GLY C 66 -63.37 -2.14 6.18
CA GLY C 66 -64.07 -0.97 5.64
C GLY C 66 -63.73 0.29 6.40
N VAL C 67 -63.59 0.15 7.71
CA VAL C 67 -63.14 1.25 8.56
C VAL C 67 -61.69 1.60 8.29
N TRP C 68 -60.84 0.58 8.21
CA TRP C 68 -59.41 0.80 8.01
C TRP C 68 -59.22 1.49 6.69
N ASN C 69 -60.13 1.21 5.77
CA ASN C 69 -60.05 1.78 4.44
C ASN C 69 -60.17 3.29 4.53
N ILE C 70 -61.03 3.73 5.44
CA ILE C 70 -61.25 5.14 5.70
C ILE C 70 -60.07 5.73 6.46
N VAL C 71 -59.70 5.08 7.56
CA VAL C 71 -58.57 5.52 8.36
C VAL C 71 -57.31 5.67 7.51
N ASN C 72 -57.05 4.67 6.68
CA ASN C 72 -55.83 4.68 5.86
C ASN C 72 -55.77 5.89 4.95
N ASN C 73 -56.92 6.53 4.74
CA ASN C 73 -57.00 7.63 3.79
C ASN C 73 -57.12 8.99 4.49
N ILE C 74 -57.11 8.97 5.82
CA ILE C 74 -57.04 10.22 6.59
C ILE C 74 -55.66 10.35 7.25
N PRO C 75 -54.71 11.00 6.54
CA PRO C 75 -53.32 11.15 6.92
C PRO C 75 -53.06 11.34 8.41
N PHE C 76 -53.83 12.21 9.06
CA PHE C 76 -53.56 12.49 10.46
C PHE C 76 -54.00 11.32 11.32
N LEU C 77 -55.00 10.58 10.85
CA LEU C 77 -55.46 9.38 11.55
C LEU C 77 -54.46 8.23 11.42
N ARG C 78 -54.05 7.98 10.18
CA ARG C 78 -53.04 6.97 9.91
C ARG C 78 -51.79 7.22 10.75
N SER C 79 -51.37 8.49 10.80
CA SER C 79 -50.17 8.87 11.56
C SER C 79 -50.33 8.63 13.05
N LEU C 80 -51.55 8.88 13.53
CA LEU C 80 -51.88 8.68 14.94
C LEU C 80 -51.78 7.20 15.31
N ILE C 81 -52.29 6.35 14.44
CA ILE C 81 -52.29 4.91 14.71
C ILE C 81 -50.87 4.35 14.66
N MET C 82 -50.12 4.72 13.62
CA MET C 82 -48.78 4.20 13.44
C MET C 82 -47.88 4.68 14.58
N LYS C 83 -48.10 5.91 15.02
CA LYS C 83 -47.34 6.47 16.13
C LYS C 83 -47.54 5.61 17.37
N TYR C 84 -48.79 5.15 17.56
CA TYR C 84 -49.13 4.32 18.70
C TYR C 84 -48.48 2.93 18.58
N VAL C 85 -48.44 2.36 17.37
CA VAL C 85 -47.88 1.02 17.24
C VAL C 85 -46.37 1.08 17.48
N LEU C 86 -45.76 2.17 17.04
CA LEU C 86 -44.34 2.40 17.27
C LEU C 86 -44.03 2.51 18.77
N THR C 87 -44.75 3.38 19.46
CA THR C 87 -44.44 3.71 20.84
C THR C 87 -44.79 2.56 21.79
N SER C 88 -45.98 1.98 21.65
CA SER C 88 -46.39 0.88 22.51
C SER C 88 -45.39 -0.29 22.45
N ARG C 89 -44.81 -0.52 21.29
CA ARG C 89 -43.89 -1.65 21.10
C ARG C 89 -42.54 -1.41 21.77
N SER C 90 -41.97 -0.23 21.51
CA SER C 90 -40.60 0.06 21.92
C SER C 90 -40.41 0.06 23.44
N TYR C 91 -41.47 0.37 24.19
CA TYR C 91 -41.35 0.44 25.65
C TYR C 91 -41.06 -0.95 26.23
N LEU C 92 -41.16 -1.98 25.39
CA LEU C 92 -40.90 -3.36 25.86
C LEU C 92 -39.42 -3.67 25.83
N ILE C 93 -38.63 -2.84 25.14
CA ILE C 93 -37.20 -3.11 25.00
C ILE C 93 -36.39 -2.23 25.93
N ASP C 94 -35.41 -2.83 26.60
CA ASP C 94 -34.46 -2.05 27.41
C ASP C 94 -33.45 -1.34 26.53
N SER C 95 -33.35 -0.01 26.67
CA SER C 95 -32.45 0.76 25.85
C SER C 95 -32.04 2.04 26.56
N PRO C 96 -30.75 2.18 26.93
CA PRO C 96 -29.59 1.29 26.75
C PRO C 96 -29.83 -0.14 27.21
N PRO C 97 -29.15 -1.11 26.56
CA PRO C 97 -29.31 -2.53 26.85
C PRO C 97 -28.71 -2.94 28.19
N THR C 98 -29.08 -4.14 28.65
CA THR C 98 -28.71 -4.60 29.97
C THR C 98 -27.94 -5.90 29.92
N TYR C 99 -28.64 -7.02 29.99
CA TYR C 99 -28.02 -8.32 30.22
C TYR C 99 -27.45 -8.97 28.97
N ASN C 100 -26.59 -9.96 29.18
CA ASN C 100 -26.13 -10.83 28.10
C ASN C 100 -25.88 -12.24 28.62
N VAL C 101 -25.32 -13.12 27.79
CA VAL C 101 -25.24 -14.52 28.17
C VAL C 101 -24.40 -14.74 29.43
N HIS C 102 -23.52 -13.80 29.75
CA HIS C 102 -22.60 -13.96 30.89
C HIS C 102 -22.97 -13.11 32.10
N TYR C 103 -23.92 -12.18 31.93
CA TYR C 103 -24.29 -11.30 33.02
C TYR C 103 -25.80 -11.25 33.27
N GLY C 104 -26.21 -11.82 34.40
CA GLY C 104 -27.60 -11.81 34.83
C GLY C 104 -27.88 -10.65 35.75
N TYR C 105 -26.87 -9.79 35.89
CA TYR C 105 -26.98 -8.50 36.57
C TYR C 105 -26.30 -7.45 35.68
N LYS C 106 -26.72 -6.19 35.80
CA LYS C 106 -26.13 -5.14 34.98
C LYS C 106 -24.67 -4.93 35.29
N SER C 107 -23.88 -4.68 34.26
CA SER C 107 -22.46 -4.46 34.44
C SER C 107 -21.94 -3.57 33.32
N TRP C 108 -20.79 -2.93 33.54
CA TRP C 108 -20.21 -2.12 32.50
C TRP C 108 -19.73 -3.00 31.35
N GLU C 109 -19.35 -4.22 31.68
CA GLU C 109 -18.89 -5.18 30.68
C GLU C 109 -20.03 -5.55 29.73
N ALA C 110 -21.20 -5.83 30.29
CA ALA C 110 -22.36 -6.19 29.49
C ALA C 110 -22.83 -4.98 28.70
N PHE C 111 -22.81 -3.80 29.30
CA PHE C 111 -23.16 -2.61 28.53
C PHE C 111 -22.17 -2.33 27.40
N SER C 112 -20.87 -2.40 27.70
CA SER C 112 -19.87 -1.85 26.77
C SER C 112 -19.40 -2.80 25.66
N ASN C 113 -19.49 -4.10 25.90
CA ASN C 113 -18.95 -5.10 24.98
C ASN C 113 -19.92 -5.44 23.84
N LEU C 114 -19.65 -4.85 22.68
CA LEU C 114 -20.53 -4.93 21.53
C LEU C 114 -20.49 -6.30 20.83
N SER C 115 -19.60 -7.18 21.27
CA SER C 115 -19.45 -8.50 20.64
C SER C 115 -20.53 -9.46 21.09
N TYR C 116 -21.21 -9.11 22.18
CA TYR C 116 -22.31 -9.93 22.67
C TYR C 116 -23.64 -9.54 22.02
N TYR C 117 -24.51 -10.53 21.81
CA TYR C 117 -25.94 -10.25 21.67
C TYR C 117 -26.44 -9.83 23.05
N THR C 118 -27.36 -8.88 23.12
CA THR C 118 -27.95 -8.54 24.42
C THR C 118 -29.01 -9.58 24.75
N ARG C 119 -29.63 -9.47 25.93
CA ARG C 119 -30.65 -10.42 26.38
C ARG C 119 -31.86 -9.74 26.99
N ALA C 120 -33.04 -10.04 26.44
CA ALA C 120 -34.30 -9.47 26.95
C ALA C 120 -34.59 -10.00 28.35
N LEU C 121 -34.17 -11.23 28.61
CA LEU C 121 -34.21 -11.81 29.95
C LEU C 121 -32.84 -12.35 30.29
N PRO C 122 -32.42 -12.19 31.55
CA PRO C 122 -31.11 -12.67 31.94
C PRO C 122 -31.05 -14.19 31.91
N PRO C 123 -29.84 -14.74 31.81
CA PRO C 123 -29.69 -16.17 31.82
C PRO C 123 -30.02 -16.76 33.19
N VAL C 124 -30.41 -18.02 33.18
CA VAL C 124 -30.59 -18.76 34.42
C VAL C 124 -29.19 -18.96 34.99
N ALA C 125 -29.02 -18.62 36.26
CA ALA C 125 -27.71 -18.74 36.90
C ALA C 125 -27.19 -20.18 36.84
N ASP C 126 -25.87 -20.29 36.79
CA ASP C 126 -25.21 -21.58 36.60
C ASP C 126 -25.44 -22.55 37.75
N ASP C 127 -25.69 -22.02 38.94
CA ASP C 127 -25.80 -22.88 40.12
C ASP C 127 -27.25 -23.12 40.52
N CYS C 128 -28.16 -22.84 39.60
CA CYS C 128 -29.57 -23.17 39.81
C CYS C 128 -29.75 -24.68 39.63
N PRO C 129 -30.67 -25.27 40.41
CA PRO C 129 -30.80 -26.73 40.47
C PRO C 129 -31.34 -27.33 39.16
N THR C 130 -32.13 -26.56 38.42
CA THR C 130 -32.62 -27.07 37.13
C THR C 130 -32.34 -26.08 36.00
N PRO C 131 -32.40 -26.56 34.76
CA PRO C 131 -32.14 -25.71 33.60
C PRO C 131 -33.01 -24.44 33.57
N MET C 132 -34.25 -24.54 34.03
CA MET C 132 -35.16 -23.39 33.98
C MET C 132 -35.18 -22.60 35.30
N GLY C 133 -34.37 -23.06 36.25
CA GLY C 133 -34.29 -22.39 37.56
C GLY C 133 -34.52 -23.38 38.68
N VAL C 134 -35.78 -23.54 39.06
CA VAL C 134 -36.11 -24.53 40.09
C VAL C 134 -37.10 -25.59 39.60
N LYS C 135 -37.86 -25.26 38.55
CA LYS C 135 -38.86 -26.18 38.02
C LYS C 135 -38.30 -27.21 37.06
N GLY C 136 -39.03 -28.30 36.92
CA GLY C 136 -38.69 -29.37 35.98
C GLY C 136 -37.67 -30.36 36.51
N ASN C 137 -37.11 -31.17 35.61
CA ASN C 137 -36.11 -32.15 35.98
C ASN C 137 -34.70 -31.63 35.79
N LYS C 138 -33.73 -32.37 36.31
CA LYS C 138 -32.36 -31.93 36.29
C LYS C 138 -31.91 -31.68 34.86
N GLU C 139 -32.61 -32.30 33.92
CA GLU C 139 -32.26 -32.17 32.52
C GLU C 139 -33.50 -32.03 31.66
N LEU C 140 -33.40 -31.12 30.70
CA LEU C 140 -34.45 -30.92 29.71
C LEU C 140 -34.57 -32.18 28.86
N PRO C 141 -35.73 -32.35 28.20
CA PRO C 141 -35.92 -33.51 27.33
C PRO C 141 -34.93 -33.58 26.18
N ASP C 142 -34.66 -34.79 25.74
CA ASP C 142 -33.80 -35.04 24.59
C ASP C 142 -34.23 -34.16 23.42
N SER C 143 -33.31 -33.33 22.94
CA SER C 143 -33.63 -32.34 21.91
C SER C 143 -33.98 -33.03 20.59
N LYS C 144 -33.33 -34.16 20.33
CA LYS C 144 -33.62 -34.96 19.15
C LYS C 144 -35.06 -35.42 19.17
N GLU C 145 -35.53 -35.76 20.38
CA GLU C 145 -36.90 -36.24 20.59
C GLU C 145 -37.91 -35.13 20.32
N VAL C 146 -37.59 -33.93 20.80
CA VAL C 146 -38.46 -32.78 20.58
C VAL C 146 -38.51 -32.50 19.08
N LEU C 147 -37.34 -32.43 18.49
CA LEU C 147 -37.16 -32.19 17.07
C LEU C 147 -38.07 -33.12 16.27
N GLU C 148 -37.89 -34.41 16.47
CA GLU C 148 -38.56 -35.43 15.66
C GLU C 148 -40.08 -35.49 15.88
N LYS C 149 -40.51 -35.33 17.13
CA LYS C 149 -41.90 -35.51 17.47
C LYS C 149 -42.79 -34.33 17.08
N VAL C 150 -42.29 -33.11 17.22
CA VAL C 150 -43.16 -31.96 17.00
C VAL C 150 -42.63 -30.93 15.98
N LEU C 151 -41.36 -31.03 15.59
CA LEU C 151 -40.78 -30.01 14.69
C LEU C 151 -40.66 -30.43 13.23
N LEU C 152 -40.24 -31.67 12.99
CA LEU C 152 -39.94 -32.13 11.63
C LEU C 152 -41.18 -32.24 10.77
N ARG C 153 -41.05 -31.78 9.53
CA ARG C 153 -42.11 -31.83 8.54
C ARG C 153 -42.41 -33.27 8.08
N ARG C 154 -43.70 -33.63 8.06
CA ARG C 154 -44.09 -34.85 7.37
C ARG C 154 -44.48 -34.42 5.97
N GLU C 155 -45.64 -33.78 5.89
CA GLU C 155 -46.10 -33.20 4.65
C GLU C 155 -45.94 -31.68 4.71
N PHE C 156 -45.51 -31.09 3.61
CA PHE C 156 -45.33 -29.64 3.50
C PHE C 156 -46.64 -28.93 3.85
N ILE C 157 -46.57 -28.02 4.82
CA ILE C 157 -47.72 -27.20 5.19
C ILE C 157 -47.52 -25.79 4.64
N PRO C 158 -48.34 -25.41 3.65
CA PRO C 158 -48.16 -24.08 3.08
C PRO C 158 -48.60 -22.99 4.06
N ASP C 159 -48.03 -21.80 3.90
CA ASP C 159 -48.46 -20.65 4.64
C ASP C 159 -49.82 -20.16 4.14
N PRO C 160 -50.82 -20.12 5.03
CA PRO C 160 -52.14 -19.62 4.68
C PRO C 160 -52.12 -18.15 4.30
N GLN C 161 -51.12 -17.41 4.78
CA GLN C 161 -50.99 -16.01 4.40
C GLN C 161 -50.38 -15.82 3.01
N GLY C 162 -50.03 -16.91 2.35
CA GLY C 162 -49.55 -16.85 0.97
C GLY C 162 -48.12 -16.35 0.78
N SER C 163 -47.34 -16.31 1.85
CA SER C 163 -45.93 -15.92 1.74
C SER C 163 -45.26 -16.73 0.66
N ASN C 164 -44.44 -16.08 -0.16
CA ASN C 164 -43.73 -16.75 -1.25
C ASN C 164 -42.22 -16.82 -1.01
N MET C 165 -41.49 -17.23 -2.02
CA MET C 165 -40.04 -17.40 -1.88
C MET C 165 -39.33 -16.05 -1.96
N MET C 166 -39.94 -15.07 -2.60
CA MET C 166 -39.38 -13.71 -2.62
C MET C 166 -39.35 -13.24 -1.18
N PHE C 167 -40.40 -13.57 -0.43
CA PHE C 167 -40.48 -13.21 0.97
C PHE C 167 -39.44 -13.98 1.80
N ALA C 168 -39.41 -15.28 1.62
CA ALA C 168 -38.51 -16.14 2.39
C ALA C 168 -37.06 -15.67 2.27
N PHE C 169 -36.61 -15.44 1.04
CA PHE C 169 -35.22 -15.07 0.82
C PHE C 169 -34.92 -13.63 1.18
N PHE C 170 -35.94 -12.78 1.16
CA PHE C 170 -35.78 -11.40 1.63
C PHE C 170 -35.51 -11.44 3.14
N ALA C 171 -36.22 -12.31 3.84
CA ALA C 171 -36.11 -12.39 5.29
C ALA C 171 -34.71 -12.86 5.66
N GLN C 172 -34.25 -13.89 4.94
CA GLN C 172 -32.93 -14.44 5.19
C GLN C 172 -31.86 -13.36 4.91
N HIS C 173 -31.95 -12.72 3.75
CA HIS C 173 -30.96 -11.76 3.28
C HIS C 173 -30.90 -10.54 4.17
N PHE C 174 -32.07 -9.97 4.43
CA PHE C 174 -32.18 -8.77 5.26
C PHE C 174 -31.66 -9.03 6.68
N THR C 175 -32.14 -10.10 7.32
CA THR C 175 -31.82 -10.33 8.74
C THR C 175 -30.37 -10.77 8.94
N HIS C 176 -29.76 -11.30 7.89
CA HIS C 176 -28.41 -11.84 8.01
C HIS C 176 -27.35 -10.76 7.93
N GLN C 177 -27.79 -9.51 8.00
CA GLN C 177 -26.87 -8.44 8.22
C GLN C 177 -26.65 -8.23 9.70
N PHE C 178 -27.66 -8.53 10.52
CA PHE C 178 -27.52 -8.34 11.96
C PHE C 178 -27.56 -9.61 12.80
N PHE C 179 -27.99 -10.71 12.19
CA PHE C 179 -27.82 -12.03 12.77
C PHE C 179 -26.60 -12.66 12.08
N LYS C 180 -25.47 -12.62 12.80
CA LYS C 180 -24.18 -13.10 12.32
C LYS C 180 -23.38 -13.64 13.51
N THR C 181 -23.75 -14.82 13.97
CA THR C 181 -23.19 -15.36 15.19
C THR C 181 -21.70 -15.64 15.03
N ASP C 182 -20.92 -15.22 16.02
CA ASP C 182 -19.49 -15.48 16.02
C ASP C 182 -19.25 -16.84 16.66
N HIS C 183 -19.28 -17.86 15.82
CA HIS C 183 -19.18 -19.24 16.28
C HIS C 183 -17.83 -19.52 16.92
N LYS C 184 -16.86 -18.65 16.69
CA LYS C 184 -15.53 -18.82 17.30
C LYS C 184 -15.64 -18.49 18.77
N ARG C 185 -16.56 -17.61 19.11
CA ARG C 185 -16.74 -17.21 20.50
C ARG C 185 -17.84 -18.02 21.17
N GLY C 186 -18.96 -18.22 20.48
CA GLY C 186 -20.10 -18.92 21.05
C GLY C 186 -21.42 -18.33 20.58
N PRO C 187 -22.53 -19.03 20.86
CA PRO C 187 -23.83 -18.63 20.34
C PRO C 187 -24.33 -17.28 20.86
N GLY C 188 -23.73 -16.80 21.96
CA GLY C 188 -24.15 -15.52 22.52
C GLY C 188 -23.40 -14.33 21.98
N PHE C 189 -22.55 -14.57 20.97
CA PHE C 189 -21.70 -13.54 20.40
C PHE C 189 -22.01 -13.26 18.95
N THR C 190 -21.78 -12.00 18.56
CA THR C 190 -22.09 -11.57 17.20
C THR C 190 -20.88 -10.92 16.49
N ARG C 191 -20.88 -11.04 15.17
CA ARG C 191 -19.88 -10.35 14.35
C ARG C 191 -20.45 -9.04 13.76
N GLY C 192 -21.74 -8.82 13.93
CA GLY C 192 -22.39 -7.60 13.42
C GLY C 192 -22.41 -6.49 14.46
N LEU C 193 -21.32 -5.75 14.53
CA LEU C 193 -21.09 -4.79 15.59
C LEU C 193 -21.89 -3.50 15.41
N GLY C 194 -22.52 -3.35 14.26
CA GLY C 194 -23.46 -2.25 14.04
C GLY C 194 -24.81 -2.51 14.67
N HIS C 195 -25.03 -3.76 15.09
CA HIS C 195 -26.25 -4.14 15.79
C HIS C 195 -27.53 -3.61 15.13
N GLY C 196 -27.60 -3.66 13.80
CA GLY C 196 -28.81 -3.24 13.11
C GLY C 196 -28.67 -3.13 11.61
N VAL C 197 -29.41 -2.19 11.05
CA VAL C 197 -29.55 -2.06 9.61
C VAL C 197 -28.51 -1.12 9.07
N ASP C 198 -27.30 -1.63 8.89
CA ASP C 198 -26.19 -0.81 8.41
C ASP C 198 -25.74 -1.21 6.99
N LEU C 199 -26.40 -2.25 6.47
CA LEU C 199 -26.14 -2.83 5.15
C LEU C 199 -24.71 -3.34 4.98
N ASN C 200 -24.10 -3.77 6.07
CA ASN C 200 -22.79 -4.42 5.99
C ASN C 200 -22.85 -5.66 5.10
N HIS C 201 -24.06 -6.16 4.88
CA HIS C 201 -24.21 -7.40 4.10
C HIS C 201 -24.09 -7.11 2.60
N ILE C 202 -24.06 -5.82 2.27
CA ILE C 202 -23.79 -5.35 0.91
C ILE C 202 -22.40 -4.73 0.86
N TYR C 203 -22.09 -3.92 1.87
CA TYR C 203 -20.89 -3.08 1.87
C TYR C 203 -19.71 -3.62 2.67
N GLY C 204 -19.96 -4.63 3.51
CA GLY C 204 -18.91 -5.21 4.37
C GLY C 204 -18.88 -4.65 5.80
N GLU C 205 -18.53 -5.51 6.75
CA GLU C 205 -18.41 -5.10 8.17
C GLU C 205 -17.33 -4.05 8.35
N THR C 206 -16.22 -4.27 7.65
CA THR C 206 -15.01 -3.50 7.86
C THR C 206 -14.66 -2.63 6.64
N LEU C 207 -13.88 -1.60 6.92
CA LEU C 207 -13.48 -0.63 5.91
C LEU C 207 -12.66 -1.31 4.82
N ASP C 208 -11.80 -2.22 5.25
CA ASP C 208 -10.94 -2.98 4.36
C ASP C 208 -11.73 -3.79 3.35
N ARG C 209 -12.72 -4.51 3.83
CA ARG C 209 -13.59 -5.28 2.97
C ARG C 209 -14.36 -4.35 2.04
N GLN C 210 -14.87 -3.25 2.60
CA GLN C 210 -15.63 -2.29 1.82
C GLN C 210 -14.81 -1.79 0.64
N HIS C 211 -13.58 -1.43 0.93
CA HIS C 211 -12.73 -0.85 -0.08
C HIS C 211 -12.41 -1.83 -1.20
N LYS C 212 -12.26 -3.11 -0.87
CA LYS C 212 -12.08 -4.15 -1.89
C LYS C 212 -13.31 -4.28 -2.79
N LEU C 213 -14.48 -3.98 -2.23
CA LEU C 213 -15.76 -4.14 -2.95
C LEU C 213 -16.07 -2.93 -3.82
N ARG C 214 -15.38 -1.82 -3.56
CA ARG C 214 -15.68 -0.54 -4.23
C ARG C 214 -14.88 -0.31 -5.51
N LEU C 215 -15.49 0.39 -6.45
CA LEU C 215 -14.86 0.70 -7.72
C LEU C 215 -13.99 1.95 -7.60
N PHE C 216 -14.40 2.85 -6.73
CA PHE C 216 -13.72 4.13 -6.53
C PHE C 216 -13.83 5.06 -7.73
N LYS C 217 -14.87 4.84 -8.53
CA LYS C 217 -15.35 5.84 -9.46
C LYS C 217 -16.85 5.99 -9.29
N ASP C 218 -17.28 7.23 -9.21
CA ASP C 218 -18.70 7.55 -9.22
C ASP C 218 -19.46 6.95 -8.05
N GLY C 219 -18.71 6.45 -7.06
CA GLY C 219 -19.29 6.02 -5.78
C GLY C 219 -19.73 4.57 -5.84
N LYS C 220 -19.38 3.93 -6.93
CA LYS C 220 -19.94 2.62 -7.26
C LYS C 220 -19.22 1.43 -6.63
N LEU C 221 -19.94 0.32 -6.64
CA LEU C 221 -19.43 -0.97 -6.23
C LEU C 221 -18.93 -1.69 -7.50
N LYS C 222 -17.84 -2.43 -7.37
CA LYS C 222 -17.35 -3.28 -8.45
C LYS C 222 -18.45 -4.26 -8.89
N TYR C 223 -18.41 -4.64 -10.16
CA TYR C 223 -19.34 -5.61 -10.71
C TYR C 223 -18.75 -6.21 -11.98
N GLN C 224 -19.38 -7.28 -12.46
CA GLN C 224 -19.01 -7.88 -13.72
C GLN C 224 -20.25 -8.05 -14.59
N VAL C 225 -20.03 -8.17 -15.89
CA VAL C 225 -21.13 -8.35 -16.83
C VAL C 225 -21.00 -9.73 -17.45
N ILE C 226 -22.04 -10.53 -17.27
CA ILE C 226 -22.09 -11.88 -17.79
C ILE C 226 -23.36 -12.02 -18.62
N GLY C 227 -23.18 -12.32 -19.90
CA GLY C 227 -24.31 -12.47 -20.81
C GLY C 227 -25.15 -11.22 -20.85
N GLY C 228 -24.49 -10.07 -20.75
CA GLY C 228 -25.17 -8.79 -20.79
C GLY C 228 -25.80 -8.39 -19.46
N GLU C 229 -25.60 -9.19 -18.43
CA GLU C 229 -26.23 -8.92 -17.14
C GLU C 229 -25.23 -8.56 -16.04
N VAL C 230 -25.61 -7.65 -15.16
CA VAL C 230 -24.70 -7.22 -14.09
C VAL C 230 -24.78 -8.14 -12.88
N TYR C 231 -23.62 -8.67 -12.50
CA TYR C 231 -23.49 -9.52 -11.31
C TYR C 231 -22.37 -9.02 -10.40
N PRO C 232 -22.35 -9.51 -9.15
CA PRO C 232 -21.25 -9.14 -8.30
C PRO C 232 -19.91 -9.59 -8.90
N PRO C 233 -18.82 -8.97 -8.46
CA PRO C 233 -17.51 -9.35 -8.92
C PRO C 233 -17.07 -10.66 -8.27
N THR C 234 -15.89 -11.14 -8.67
CA THR C 234 -15.37 -12.41 -8.19
C THR C 234 -14.43 -12.22 -7.02
N VAL C 235 -14.25 -13.30 -6.26
CA VAL C 235 -13.27 -13.34 -5.21
C VAL C 235 -11.88 -13.13 -5.81
N LYS C 236 -11.67 -13.65 -7.01
CA LYS C 236 -10.37 -13.57 -7.67
C LYS C 236 -10.04 -12.12 -8.01
N ASP C 237 -11.04 -11.38 -8.46
CA ASP C 237 -10.83 -10.01 -8.83
C ASP C 237 -10.70 -9.09 -7.60
N THR C 238 -11.39 -9.41 -6.51
CA THR C 238 -11.48 -8.47 -5.40
C THR C 238 -10.63 -8.83 -4.19
N GLN C 239 -10.34 -10.12 -4.04
CA GLN C 239 -9.64 -10.62 -2.84
C GLN C 239 -10.46 -10.53 -1.57
N VAL C 240 -11.78 -10.45 -1.68
CA VAL C 240 -12.59 -10.48 -0.48
C VAL C 240 -12.87 -11.93 -0.14
N GLU C 241 -12.80 -12.23 1.15
CA GLU C 241 -13.06 -13.56 1.63
C GLU C 241 -14.54 -13.91 1.57
N MET C 242 -14.82 -15.08 1.00
CA MET C 242 -16.15 -15.62 0.91
C MET C 242 -16.07 -17.07 1.32
N ILE C 243 -17.17 -17.61 1.82
CA ILE C 243 -17.25 -19.02 2.15
C ILE C 243 -17.83 -19.77 0.96
N TYR C 244 -16.99 -20.63 0.37
CA TYR C 244 -17.41 -21.49 -0.74
C TYR C 244 -16.78 -22.85 -0.57
N PRO C 245 -17.51 -23.92 -0.93
CA PRO C 245 -16.90 -25.24 -0.92
C PRO C 245 -15.79 -25.31 -1.96
N PRO C 246 -14.81 -26.18 -1.74
CA PRO C 246 -13.58 -26.17 -2.56
C PRO C 246 -13.82 -26.49 -4.03
N HIS C 247 -14.98 -27.04 -4.35
CA HIS C 247 -15.24 -27.45 -5.72
C HIS C 247 -15.82 -26.32 -6.57
N ILE C 248 -16.09 -25.16 -5.95
CA ILE C 248 -16.64 -24.04 -6.69
C ILE C 248 -15.57 -23.33 -7.52
N PRO C 249 -15.76 -23.29 -8.84
CA PRO C 249 -14.82 -22.62 -9.73
C PRO C 249 -14.75 -21.12 -9.46
N GLU C 250 -13.53 -20.58 -9.53
CA GLU C 250 -13.28 -19.21 -9.12
C GLU C 250 -14.16 -18.20 -9.84
N ASN C 251 -14.63 -18.55 -11.02
CA ASN C 251 -15.40 -17.62 -11.81
C ASN C 251 -16.85 -17.62 -11.37
N LEU C 252 -17.16 -18.49 -10.42
CA LEU C 252 -18.49 -18.61 -9.85
C LEU C 252 -18.47 -18.20 -8.38
N GLN C 253 -17.28 -17.85 -7.89
CA GLN C 253 -17.16 -17.35 -6.52
C GLN C 253 -17.46 -15.86 -6.48
N PHE C 254 -18.75 -15.52 -6.41
CA PHE C 254 -19.17 -14.12 -6.31
C PHE C 254 -18.78 -13.52 -4.96
N ALA C 255 -18.29 -12.29 -5.01
CA ALA C 255 -17.88 -11.56 -3.81
C ALA C 255 -18.89 -10.49 -3.44
N VAL C 256 -19.46 -10.60 -2.25
CA VAL C 256 -20.43 -9.62 -1.75
C VAL C 256 -20.17 -9.27 -0.29
N GLY C 257 -20.92 -8.29 0.21
CA GLY C 257 -20.72 -7.81 1.55
C GLY C 257 -20.67 -8.90 2.62
N GLN C 258 -21.60 -9.84 2.53
CA GLN C 258 -21.76 -10.88 3.53
C GLN C 258 -21.13 -12.18 3.03
N GLU C 259 -20.14 -12.66 3.77
CA GLU C 259 -19.30 -13.77 3.35
C GLU C 259 -20.07 -15.07 3.13
N VAL C 260 -21.28 -15.16 3.69
CA VAL C 260 -22.03 -16.42 3.60
C VAL C 260 -23.06 -16.44 2.46
N PHE C 261 -23.18 -15.34 1.73
CA PHE C 261 -24.29 -15.17 0.78
C PHE C 261 -24.11 -15.96 -0.52
N GLY C 262 -22.98 -16.64 -0.70
CA GLY C 262 -22.77 -17.45 -1.90
C GLY C 262 -23.35 -18.86 -1.74
N LEU C 263 -23.91 -19.11 -0.57
CA LEU C 263 -24.29 -20.45 -0.13
C LEU C 263 -25.69 -20.80 -0.64
N VAL C 264 -26.47 -19.78 -0.97
CA VAL C 264 -27.84 -19.96 -1.45
C VAL C 264 -28.11 -18.99 -2.60
N PRO C 265 -28.46 -19.50 -3.77
CA PRO C 265 -28.76 -18.66 -4.93
C PRO C 265 -29.84 -17.61 -4.69
N GLY C 266 -30.74 -17.88 -3.75
CA GLY C 266 -31.78 -16.91 -3.38
C GLY C 266 -31.18 -15.69 -2.68
N LEU C 267 -30.13 -15.92 -1.91
CA LEU C 267 -29.36 -14.85 -1.28
C LEU C 267 -28.61 -14.05 -2.33
N MET C 268 -27.95 -14.75 -3.24
CA MET C 268 -27.16 -14.10 -4.27
C MET C 268 -28.04 -13.30 -5.21
N MET C 269 -29.30 -13.70 -5.31
CA MET C 269 -30.27 -12.96 -6.10
C MET C 269 -30.46 -11.57 -5.47
N TYR C 270 -30.69 -11.53 -4.17
CA TYR C 270 -30.93 -10.25 -3.50
C TYR C 270 -29.65 -9.44 -3.42
N ALA C 271 -28.52 -10.12 -3.30
CA ALA C 271 -27.21 -9.46 -3.27
C ALA C 271 -27.02 -8.68 -4.57
N THR C 272 -27.45 -9.29 -5.67
CA THR C 272 -27.27 -8.73 -7.00
C THR C 272 -28.24 -7.57 -7.22
N ILE C 273 -29.48 -7.76 -6.79
CA ILE C 273 -30.48 -6.71 -6.90
C ILE C 273 -30.03 -5.45 -6.16
N TRP C 274 -29.53 -5.63 -4.93
CA TRP C 274 -29.11 -4.46 -4.13
C TRP C 274 -27.83 -3.82 -4.67
N LEU C 275 -26.91 -4.64 -5.17
CA LEU C 275 -25.70 -4.10 -5.79
C LEU C 275 -26.11 -3.17 -6.93
N ARG C 276 -27.06 -3.62 -7.74
CA ARG C 276 -27.56 -2.84 -8.87
C ARG C 276 -28.22 -1.55 -8.40
N GLU C 277 -28.99 -1.65 -7.34
CA GLU C 277 -29.69 -0.50 -6.77
C GLU C 277 -28.68 0.56 -6.36
N HIS C 278 -27.59 0.13 -5.72
CA HIS C 278 -26.58 1.09 -5.26
C HIS C 278 -26.00 1.85 -6.42
N ASN C 279 -25.56 1.15 -7.45
CA ASN C 279 -24.94 1.79 -8.62
C ASN C 279 -25.95 2.66 -9.37
N ARG C 280 -27.21 2.25 -9.31
CA ARG C 280 -28.30 2.99 -9.89
C ARG C 280 -28.44 4.32 -9.18
N VAL C 281 -28.41 4.28 -7.85
CA VAL C 281 -28.56 5.50 -7.05
C VAL C 281 -27.36 6.43 -7.27
N CYS C 282 -26.19 5.83 -7.45
CA CYS C 282 -24.97 6.58 -7.77
C CYS C 282 -25.15 7.40 -9.04
N ASP C 283 -25.73 6.79 -10.07
CA ASP C 283 -25.96 7.48 -11.34
C ASP C 283 -26.89 8.66 -11.09
N ILE C 284 -27.91 8.46 -10.28
CA ILE C 284 -28.88 9.50 -10.00
C ILE C 284 -28.20 10.67 -9.31
N LEU C 285 -27.43 10.36 -8.27
CA LEU C 285 -26.75 11.40 -7.49
C LEU C 285 -25.73 12.19 -8.32
N LYS C 286 -25.01 11.49 -9.20
CA LYS C 286 -23.97 12.12 -10.01
C LYS C 286 -24.61 13.16 -10.92
N GLN C 287 -25.78 12.80 -11.42
CA GLN C 287 -26.57 13.66 -12.27
C GLN C 287 -26.99 14.92 -11.50
N GLU C 288 -27.33 14.75 -10.23
CA GLU C 288 -27.74 15.89 -9.40
C GLU C 288 -26.52 16.67 -8.90
N HIS C 289 -25.39 15.96 -8.78
CA HIS C 289 -24.17 16.54 -8.19
C HIS C 289 -22.94 16.20 -9.02
N PRO C 290 -22.79 16.84 -10.19
CA PRO C 290 -21.58 16.61 -10.98
C PRO C 290 -20.31 17.06 -10.24
N GLU C 291 -20.48 17.89 -9.22
CA GLU C 291 -19.35 18.39 -8.39
C GLU C 291 -18.86 17.41 -7.36
N TRP C 292 -19.64 16.36 -7.14
CA TRP C 292 -19.33 15.43 -6.06
C TRP C 292 -18.30 14.43 -6.49
N GLY C 293 -17.49 14.00 -5.53
CA GLY C 293 -16.49 12.95 -5.76
C GLY C 293 -17.02 11.57 -5.44
N ASP C 294 -16.18 10.57 -5.70
CA ASP C 294 -16.51 9.18 -5.43
C ASP C 294 -16.93 8.89 -3.97
N GLU C 295 -16.19 9.40 -2.99
CA GLU C 295 -16.52 9.11 -1.57
C GLU C 295 -17.94 9.55 -1.24
N GLN C 296 -18.24 10.79 -1.60
CA GLN C 296 -19.51 11.35 -1.20
C GLN C 296 -20.65 10.65 -1.93
N LEU C 297 -20.41 10.24 -3.17
CA LEU C 297 -21.43 9.51 -3.95
C LEU C 297 -21.67 8.16 -3.32
N PHE C 298 -20.60 7.49 -2.90
CA PHE C 298 -20.71 6.18 -2.28
C PHE C 298 -21.45 6.28 -0.93
N GLN C 299 -21.03 7.23 -0.09
CA GLN C 299 -21.57 7.36 1.27
C GLN C 299 -23.05 7.75 1.22
N THR C 300 -23.37 8.69 0.36
CA THR C 300 -24.75 9.17 0.27
C THR C 300 -25.64 8.02 -0.23
N SER C 301 -25.17 7.30 -1.24
CA SER C 301 -25.94 6.19 -1.78
C SER C 301 -26.22 5.15 -0.71
N ARG C 302 -25.21 4.83 0.10
CA ARG C 302 -25.39 3.89 1.20
C ARG C 302 -26.49 4.38 2.13
N LEU C 303 -26.50 5.66 2.46
CA LEU C 303 -27.51 6.19 3.38
C LEU C 303 -28.89 6.05 2.76
N ILE C 304 -28.97 6.27 1.45
CA ILE C 304 -30.24 6.16 0.73
C ILE C 304 -30.74 4.71 0.75
N LEU C 305 -29.86 3.77 0.47
CA LEU C 305 -30.23 2.35 0.50
C LEU C 305 -30.67 1.87 1.90
N ILE C 306 -30.07 2.43 2.94
CA ILE C 306 -30.49 2.12 4.31
C ILE C 306 -31.94 2.57 4.47
N GLY C 307 -32.25 3.76 3.98
CA GLY C 307 -33.60 4.28 4.02
C GLY C 307 -34.58 3.44 3.24
N GLU C 308 -34.21 3.07 2.02
CA GLU C 308 -35.07 2.22 1.18
C GLU C 308 -35.35 0.93 1.94
N THR C 309 -34.31 0.39 2.57
CA THR C 309 -34.44 -0.89 3.22
C THR C 309 -35.46 -0.83 4.34
N ILE C 310 -35.38 0.18 5.18
CA ILE C 310 -36.29 0.35 6.32
C ILE C 310 -37.71 0.61 5.79
N LYS C 311 -37.80 1.39 4.72
CA LYS C 311 -39.09 1.69 4.08
C LYS C 311 -39.80 0.41 3.63
N ILE C 312 -39.06 -0.44 2.94
CA ILE C 312 -39.59 -1.66 2.36
C ILE C 312 -39.90 -2.66 3.45
N VAL C 313 -39.05 -2.71 4.47
CA VAL C 313 -39.28 -3.64 5.57
C VAL C 313 -40.58 -3.32 6.31
N ILE C 314 -40.84 -2.05 6.57
CA ILE C 314 -42.06 -1.69 7.29
C ILE C 314 -43.31 -1.82 6.41
N GLU C 315 -43.27 -1.21 5.23
CA GLU C 315 -44.48 -1.01 4.43
C GLU C 315 -44.82 -2.16 3.48
N ASP C 316 -43.86 -3.04 3.20
CA ASP C 316 -44.11 -4.21 2.38
C ASP C 316 -43.95 -5.50 3.19
N TYR C 317 -42.79 -5.65 3.79
CA TYR C 317 -42.43 -6.89 4.46
C TYR C 317 -43.28 -7.12 5.71
N VAL C 318 -43.19 -6.20 6.67
CA VAL C 318 -43.96 -6.33 7.90
C VAL C 318 -45.44 -6.15 7.62
N GLN C 319 -45.78 -5.34 6.62
CA GLN C 319 -47.16 -5.16 6.25
C GLN C 319 -47.75 -6.53 5.88
N HIS C 320 -47.06 -7.27 5.03
CA HIS C 320 -47.54 -8.58 4.61
C HIS C 320 -47.65 -9.55 5.80
N LEU C 321 -46.61 -9.56 6.62
CA LEU C 321 -46.54 -10.50 7.74
C LEU C 321 -47.68 -10.24 8.73
N SER C 322 -48.00 -8.97 8.92
CA SER C 322 -48.98 -8.58 9.94
C SER C 322 -50.39 -9.01 9.59
N GLY C 323 -50.72 -9.01 8.31
CA GLY C 323 -52.10 -9.22 7.85
C GLY C 323 -53.02 -8.08 8.23
N TYR C 324 -52.45 -6.96 8.65
CA TYR C 324 -53.26 -5.80 9.05
C TYR C 324 -53.94 -5.19 7.84
N HIS C 325 -55.13 -4.66 8.07
CA HIS C 325 -55.82 -3.85 7.06
C HIS C 325 -55.36 -2.41 7.19
N PHE C 326 -54.86 -2.08 8.38
CA PHE C 326 -54.21 -0.80 8.60
C PHE C 326 -52.91 -0.75 7.82
N LYS C 327 -52.68 0.37 7.17
CA LYS C 327 -51.53 0.55 6.29
C LYS C 327 -50.37 1.16 7.08
N LEU C 328 -49.40 0.32 7.40
CA LEU C 328 -48.23 0.73 8.16
C LEU C 328 -47.44 1.79 7.39
N LYS C 329 -46.75 2.65 8.13
CA LYS C 329 -46.02 3.77 7.52
C LYS C 329 -44.60 3.91 8.07
N PHE C 330 -43.65 4.12 7.16
CA PHE C 330 -42.30 4.50 7.55
C PHE C 330 -42.21 6.01 7.58
N ASP C 331 -42.23 6.56 8.79
CA ASP C 331 -42.21 8.01 8.97
C ASP C 331 -41.51 8.36 10.30
N PRO C 332 -40.20 8.66 10.23
CA PRO C 332 -39.43 9.08 11.41
C PRO C 332 -40.05 10.23 12.20
N GLU C 333 -40.70 11.16 11.51
CA GLU C 333 -41.26 12.35 12.19
C GLU C 333 -42.26 11.99 13.28
N LEU C 334 -42.90 10.84 13.17
CA LEU C 334 -43.90 10.39 14.14
C LEU C 334 -43.31 10.26 15.53
N LEU C 335 -41.98 10.12 15.61
CA LEU C 335 -41.36 9.90 16.91
C LEU C 335 -40.72 11.17 17.46
N PHE C 336 -40.72 12.25 16.68
CA PHE C 336 -39.98 13.49 17.04
C PHE C 336 -40.50 14.22 18.27
N ASN C 337 -41.77 14.06 18.60
CA ASN C 337 -42.31 14.67 19.82
C ASN C 337 -42.50 13.60 20.89
N GLN C 338 -41.75 12.52 20.76
CA GLN C 338 -41.95 11.35 21.61
C GLN C 338 -40.64 11.01 22.29
N GLN C 339 -40.71 10.33 23.43
CA GLN C 339 -39.50 9.81 24.08
C GLN C 339 -39.08 8.52 23.39
N PHE C 340 -37.85 8.48 22.89
CA PHE C 340 -37.38 7.35 22.09
C PHE C 340 -35.88 7.42 21.96
N GLN C 341 -35.23 6.26 22.14
CA GLN C 341 -33.78 6.18 22.07
C GLN C 341 -33.32 5.74 20.68
N TYR C 342 -32.61 6.61 20.00
CA TYR C 342 -32.04 6.29 18.70
C TYR C 342 -30.77 5.44 18.87
N GLN C 343 -31.00 4.21 19.28
CA GLN C 343 -29.96 3.21 19.40
C GLN C 343 -30.60 1.85 19.56
N ASN C 344 -29.80 0.82 19.37
CA ASN C 344 -30.28 -0.54 19.45
C ASN C 344 -29.13 -1.50 19.65
N ARG C 345 -29.44 -2.61 20.31
CA ARG C 345 -28.51 -3.71 20.50
C ARG C 345 -29.28 -4.97 20.15
N ILE C 346 -28.73 -5.80 19.26
CA ILE C 346 -29.43 -7.00 18.80
C ILE C 346 -29.52 -8.03 19.93
N ALA C 347 -30.75 -8.47 20.19
CA ALA C 347 -31.04 -9.44 21.24
C ALA C 347 -30.90 -10.88 20.75
N SER C 348 -30.27 -11.71 21.58
CA SER C 348 -30.13 -13.14 21.31
C SER C 348 -31.49 -13.78 21.00
N GLU C 349 -32.50 -13.40 21.77
CA GLU C 349 -33.82 -13.96 21.63
C GLU C 349 -34.46 -13.58 20.30
N PHE C 350 -34.14 -12.39 19.79
CA PHE C 350 -34.65 -11.96 18.48
C PHE C 350 -34.09 -12.89 17.42
N ASN C 351 -32.80 -13.19 17.53
CA ASN C 351 -32.13 -14.11 16.64
C ASN C 351 -32.78 -15.50 16.70
N THR C 352 -33.01 -15.99 17.93
CA THR C 352 -33.55 -17.32 18.12
C THR C 352 -34.91 -17.43 17.48
N LEU C 353 -35.77 -16.45 17.76
CA LEU C 353 -37.14 -16.52 17.28
C LEU C 353 -37.21 -16.45 15.74
N TYR C 354 -36.16 -15.89 15.12
CA TYR C 354 -36.17 -15.59 13.68
C TYR C 354 -35.69 -16.78 12.84
N HIS C 355 -35.48 -17.92 13.50
CA HIS C 355 -35.09 -19.13 12.78
C HIS C 355 -36.32 -19.69 12.12
N TRP C 356 -36.66 -19.09 10.98
CA TRP C 356 -37.91 -19.39 10.28
C TRP C 356 -37.74 -20.43 9.19
N HIS C 357 -37.00 -21.48 9.47
CA HIS C 357 -36.69 -22.49 8.45
C HIS C 357 -37.88 -23.28 7.91
N PRO C 358 -39.00 -23.33 8.65
CA PRO C 358 -40.18 -23.96 8.05
C PRO C 358 -40.66 -23.26 6.79
N LEU C 359 -40.21 -22.03 6.56
CA LEU C 359 -40.55 -21.30 5.33
C LEU C 359 -40.09 -22.08 4.09
N LEU C 360 -39.01 -22.84 4.27
CA LEU C 360 -38.35 -23.47 3.14
C LEU C 360 -39.20 -24.60 2.55
N PRO C 361 -39.29 -24.64 1.20
CA PRO C 361 -40.05 -25.66 0.51
C PRO C 361 -39.26 -26.94 0.43
N ASP C 362 -39.87 -28.02 -0.08
CA ASP C 362 -39.19 -29.30 -0.23
C ASP C 362 -38.26 -29.26 -1.44
N THR C 363 -38.63 -28.47 -2.43
CA THR C 363 -37.77 -28.19 -3.59
C THR C 363 -37.90 -26.73 -4.00
N PHE C 364 -36.86 -26.21 -4.66
CA PHE C 364 -36.85 -24.85 -5.14
C PHE C 364 -37.18 -24.85 -6.64
N ASN C 365 -38.31 -24.25 -6.97
CA ASN C 365 -38.86 -24.39 -8.31
C ASN C 365 -38.62 -23.14 -9.14
N ILE C 366 -37.67 -23.24 -10.07
CA ILE C 366 -37.33 -22.17 -10.99
C ILE C 366 -37.61 -22.61 -12.42
N GLU C 367 -38.50 -21.87 -13.08
CA GLU C 367 -38.93 -22.24 -14.42
C GLU C 367 -39.52 -23.64 -14.42
N ASP C 368 -38.91 -24.51 -15.23
CA ASP C 368 -39.39 -25.89 -15.37
C ASP C 368 -38.68 -26.82 -14.41
N GLN C 369 -37.67 -26.30 -13.73
CA GLN C 369 -36.84 -27.10 -12.83
C GLN C 369 -37.36 -27.11 -11.40
N GLU C 370 -37.09 -28.21 -10.72
CA GLU C 370 -37.36 -28.35 -9.30
C GLU C 370 -36.10 -28.85 -8.62
N TYR C 371 -35.35 -27.94 -8.01
CA TYR C 371 -34.07 -28.31 -7.43
C TYR C 371 -34.23 -28.80 -6.00
N SER C 372 -33.45 -29.83 -5.69
CA SER C 372 -33.35 -30.32 -4.32
C SER C 372 -32.42 -29.40 -3.54
N PHE C 373 -32.43 -29.51 -2.22
CA PHE C 373 -31.50 -28.72 -1.40
C PHE C 373 -30.08 -28.97 -1.90
N LYS C 374 -29.74 -30.24 -2.04
CA LYS C 374 -28.41 -30.65 -2.46
C LYS C 374 -28.01 -29.90 -3.72
N GLN C 375 -28.93 -29.77 -4.65
CA GLN C 375 -28.62 -29.13 -5.92
C GLN C 375 -28.62 -27.62 -5.81
N PHE C 376 -29.43 -27.11 -4.89
CA PHE C 376 -29.62 -25.67 -4.78
C PHE C 376 -28.46 -25.00 -4.02
N LEU C 377 -28.02 -25.61 -2.93
CA LEU C 377 -26.98 -25.02 -2.10
C LEU C 377 -25.69 -24.80 -2.88
N TYR C 378 -25.05 -23.67 -2.58
CA TYR C 378 -23.79 -23.24 -3.16
C TYR C 378 -23.77 -23.33 -4.68
N ASN C 379 -24.92 -23.22 -5.32
CA ASN C 379 -24.99 -23.41 -6.76
C ASN C 379 -25.43 -22.17 -7.54
N ASN C 380 -24.48 -21.26 -7.75
CA ASN C 380 -24.75 -20.01 -8.44
C ASN C 380 -24.95 -20.18 -9.95
N SER C 381 -24.62 -21.36 -10.50
CA SER C 381 -24.87 -21.64 -11.93
C SER C 381 -26.35 -21.55 -12.21
N ILE C 382 -27.14 -21.88 -11.20
CA ILE C 382 -28.58 -21.88 -11.37
C ILE C 382 -29.03 -20.45 -11.62
N LEU C 383 -28.44 -19.52 -10.86
CA LEU C 383 -28.76 -18.11 -11.02
C LEU C 383 -28.34 -17.65 -12.42
N LEU C 384 -27.12 -17.98 -12.81
CA LEU C 384 -26.62 -17.60 -14.14
C LEU C 384 -27.48 -18.25 -15.20
N GLU C 385 -27.88 -19.47 -14.93
CA GLU C 385 -28.65 -20.28 -15.86
C GLU C 385 -29.98 -19.60 -16.24
N HIS C 386 -30.78 -19.28 -15.24
CA HIS C 386 -32.12 -18.78 -15.47
C HIS C 386 -32.17 -17.26 -15.51
N GLY C 387 -31.23 -16.62 -14.81
CA GLY C 387 -31.20 -15.17 -14.73
C GLY C 387 -32.16 -14.62 -13.69
N LEU C 388 -31.93 -13.35 -13.33
CA LEU C 388 -32.70 -12.65 -12.30
C LEU C 388 -34.21 -12.61 -12.59
N THR C 389 -34.56 -12.26 -13.82
CA THR C 389 -35.97 -12.09 -14.19
C THR C 389 -36.73 -13.36 -13.88
N GLN C 390 -36.19 -14.48 -14.31
CA GLN C 390 -36.83 -15.77 -14.10
C GLN C 390 -36.86 -16.16 -12.61
N PHE C 391 -35.80 -15.84 -11.88
CA PHE C 391 -35.79 -16.07 -10.43
C PHE C 391 -36.94 -15.32 -9.76
N VAL C 392 -37.11 -14.05 -10.13
CA VAL C 392 -38.15 -13.23 -9.52
C VAL C 392 -39.53 -13.83 -9.86
N GLU C 393 -39.75 -14.11 -11.14
CA GLU C 393 -41.03 -14.63 -11.58
C GLU C 393 -41.37 -15.93 -10.86
N SER C 394 -40.40 -16.83 -10.77
CA SER C 394 -40.61 -18.15 -10.17
C SER C 394 -40.81 -18.07 -8.67
N PHE C 395 -39.94 -17.32 -8.01
CA PHE C 395 -39.99 -17.19 -6.56
C PHE C 395 -41.22 -16.42 -6.10
N THR C 396 -41.74 -15.58 -6.97
CA THR C 396 -42.97 -14.85 -6.65
C THR C 396 -44.17 -15.79 -6.68
N ARG C 397 -44.07 -16.86 -7.47
CA ARG C 397 -45.16 -17.85 -7.64
C ARG C 397 -45.08 -19.01 -6.64
N GLN C 398 -43.89 -19.29 -6.11
CA GLN C 398 -43.75 -20.45 -5.24
C GLN C 398 -44.08 -20.11 -3.79
N ILE C 399 -45.02 -20.85 -3.23
CA ILE C 399 -45.46 -20.62 -1.85
C ILE C 399 -44.47 -21.15 -0.81
N ALA C 400 -44.39 -20.43 0.30
CA ALA C 400 -43.47 -20.78 1.37
C ALA C 400 -44.26 -21.53 2.45
N GLY C 401 -43.54 -22.24 3.33
CA GLY C 401 -44.15 -22.97 4.43
C GLY C 401 -44.63 -22.13 5.61
N ARG C 402 -45.66 -22.64 6.30
CA ARG C 402 -46.14 -22.04 7.53
C ARG C 402 -45.11 -22.26 8.63
N VAL C 403 -44.94 -21.25 9.49
CA VAL C 403 -43.89 -21.30 10.51
C VAL C 403 -44.40 -21.84 11.85
N ALA C 404 -45.44 -21.23 12.40
CA ALA C 404 -46.05 -21.78 13.61
C ALA C 404 -46.95 -22.95 13.23
N GLY C 405 -47.55 -23.60 14.22
CA GLY C 405 -48.49 -24.69 13.92
C GLY C 405 -47.91 -26.10 14.00
N GLY C 406 -46.59 -26.18 14.04
CA GLY C 406 -45.92 -27.46 14.25
C GLY C 406 -45.51 -28.24 13.01
N ARG C 407 -44.58 -29.14 13.22
CA ARG C 407 -44.17 -30.12 12.23
C ARG C 407 -44.04 -29.59 10.80
N ASN C 408 -43.24 -28.54 10.60
CA ASN C 408 -43.01 -28.06 9.25
C ASN C 408 -41.56 -27.66 8.96
N VAL C 409 -40.63 -28.13 9.80
CA VAL C 409 -39.21 -27.91 9.58
C VAL C 409 -38.70 -28.93 8.58
N PRO C 410 -38.19 -28.46 7.44
CA PRO C 410 -37.65 -29.37 6.43
C PRO C 410 -36.56 -30.29 7.00
N ILE C 411 -36.59 -31.55 6.62
CA ILE C 411 -35.64 -32.53 7.12
C ILE C 411 -34.20 -32.17 6.74
N ALA C 412 -34.06 -31.54 5.56
CA ALA C 412 -32.76 -31.14 5.02
C ALA C 412 -32.01 -30.25 5.99
N VAL C 413 -32.74 -29.63 6.92
CA VAL C 413 -32.17 -28.61 7.77
C VAL C 413 -32.40 -28.93 9.26
N GLN C 414 -32.64 -30.21 9.51
CA GLN C 414 -32.95 -30.68 10.87
C GLN C 414 -31.82 -30.39 11.84
N ALA C 415 -30.58 -30.39 11.37
CA ALA C 415 -29.45 -30.14 12.25
C ALA C 415 -29.48 -28.71 12.77
N VAL C 416 -29.96 -27.80 11.94
CA VAL C 416 -30.05 -26.40 12.32
C VAL C 416 -31.09 -26.26 13.44
N ALA C 417 -32.22 -26.93 13.28
CA ALA C 417 -33.30 -26.88 14.26
C ALA C 417 -32.84 -27.46 15.60
N LYS C 418 -32.10 -28.57 15.55
CA LYS C 418 -31.62 -29.18 16.77
C LYS C 418 -30.65 -28.24 17.48
N ALA C 419 -29.80 -27.58 16.69
CA ALA C 419 -28.83 -26.61 17.23
C ALA C 419 -29.53 -25.40 17.85
N SER C 420 -30.66 -24.99 17.31
CA SER C 420 -31.39 -23.88 17.89
C SER C 420 -31.83 -24.27 19.29
N ILE C 421 -32.28 -25.51 19.44
CA ILE C 421 -32.71 -26.01 20.74
C ILE C 421 -31.52 -26.11 21.66
N ASP C 422 -30.46 -26.75 21.21
CA ASP C 422 -29.30 -27.04 22.05
C ASP C 422 -28.57 -25.76 22.46
N GLN C 423 -28.48 -24.80 21.55
CA GLN C 423 -27.78 -23.56 21.86
C GLN C 423 -28.59 -22.64 22.75
N SER C 424 -29.92 -22.70 22.64
CA SER C 424 -30.77 -21.95 23.57
C SER C 424 -30.47 -22.40 25.00
N ARG C 425 -30.33 -23.70 25.17
CA ARG C 425 -30.08 -24.26 26.49
C ARG C 425 -28.70 -23.88 26.94
N GLU C 426 -27.77 -23.94 25.99
CA GLU C 426 -26.39 -23.59 26.25
C GLU C 426 -26.31 -22.16 26.77
N MET C 427 -27.17 -21.29 26.24
CA MET C 427 -27.20 -19.88 26.63
C MET C 427 -28.09 -19.65 27.83
N LYS C 428 -28.57 -20.75 28.42
CA LYS C 428 -29.35 -20.71 29.66
C LYS C 428 -30.61 -19.84 29.56
N TYR C 429 -31.36 -20.03 28.49
CA TYR C 429 -32.62 -19.33 28.31
C TYR C 429 -33.64 -19.73 29.38
N GLN C 430 -34.36 -18.74 29.91
CA GLN C 430 -35.52 -19.01 30.72
C GLN C 430 -36.66 -19.58 29.86
N SER C 431 -37.74 -19.99 30.52
CA SER C 431 -38.79 -20.74 29.86
C SER C 431 -39.66 -19.88 28.96
N LEU C 432 -40.48 -20.55 28.15
CA LEU C 432 -41.45 -19.86 27.30
C LEU C 432 -42.33 -18.92 28.10
N ASN C 433 -42.83 -19.40 29.23
CA ASN C 433 -43.78 -18.62 30.05
C ASN C 433 -43.14 -17.42 30.74
N GLU C 434 -41.87 -17.54 31.12
CA GLU C 434 -41.13 -16.38 31.63
C GLU C 434 -41.06 -15.33 30.54
N TYR C 435 -40.73 -15.76 29.32
CA TYR C 435 -40.65 -14.83 28.19
C TYR C 435 -42.03 -14.22 27.91
N ARG C 436 -43.08 -15.02 28.03
CA ARG C 436 -44.42 -14.51 27.82
C ARG C 436 -44.76 -13.39 28.81
N LYS C 437 -44.45 -13.62 30.07
CA LYS C 437 -44.67 -12.60 31.09
C LYS C 437 -43.84 -11.37 30.77
N ARG C 438 -42.60 -11.59 30.34
CA ARG C 438 -41.67 -10.50 30.07
C ARG C 438 -42.25 -9.58 28.99
N PHE C 439 -43.09 -10.13 28.12
CA PHE C 439 -43.67 -9.34 27.05
C PHE C 439 -45.18 -9.14 27.23
N SER C 440 -45.60 -9.13 28.50
CA SER C 440 -46.96 -8.79 28.88
C SER C 440 -48.02 -9.72 28.31
N LEU C 441 -47.67 -10.99 28.20
CA LEU C 441 -48.60 -12.01 27.74
C LEU C 441 -48.87 -12.98 28.89
N LYS C 442 -50.05 -13.60 28.82
CA LYS C 442 -50.49 -14.53 29.86
C LYS C 442 -49.79 -15.87 29.69
N PRO C 443 -49.21 -16.38 30.79
CA PRO C 443 -48.59 -17.68 30.75
C PRO C 443 -49.57 -18.73 30.25
N TYR C 444 -49.08 -19.66 29.42
CA TYR C 444 -49.89 -20.80 29.01
C TYR C 444 -50.05 -21.75 30.20
N THR C 445 -51.25 -22.29 30.36
CA THR C 445 -51.59 -23.10 31.51
C THR C 445 -51.64 -24.59 31.15
N SER C 446 -51.50 -24.90 29.85
CA SER C 446 -51.39 -26.28 29.39
C SER C 446 -50.77 -26.34 27.99
N PHE C 447 -50.27 -27.51 27.62
CA PHE C 447 -49.66 -27.70 26.31
C PHE C 447 -50.71 -27.61 25.22
N GLU C 448 -51.94 -27.98 25.58
CA GLU C 448 -53.05 -27.91 24.63
C GLU C 448 -53.42 -26.47 24.35
N GLU C 449 -53.30 -25.62 25.36
CA GLU C 449 -53.51 -24.20 25.16
C GLU C 449 -52.47 -23.66 24.19
N LEU C 450 -51.25 -24.14 24.33
CA LEU C 450 -50.14 -23.66 23.48
C LEU C 450 -50.36 -24.02 22.01
N THR C 451 -50.67 -25.29 21.74
CA THR C 451 -50.75 -25.79 20.37
C THR C 451 -52.13 -25.60 19.75
N GLY C 452 -53.14 -25.58 20.61
CA GLY C 452 -54.52 -25.48 20.13
C GLY C 452 -55.00 -26.81 19.55
N GLU C 453 -54.25 -27.87 19.81
CA GLU C 453 -54.63 -29.20 19.37
C GLU C 453 -54.29 -30.22 20.47
N LYS C 454 -54.36 -31.52 20.14
CA LYS C 454 -54.21 -32.55 21.16
C LYS C 454 -52.99 -33.43 21.00
N GLU C 455 -52.62 -33.76 19.77
CA GLU C 455 -51.59 -34.77 19.52
C GLU C 455 -50.17 -34.32 19.88
N MET C 456 -49.76 -33.19 19.32
CA MET C 456 -48.45 -32.61 19.63
C MET C 456 -48.43 -32.21 21.11
N ALA C 457 -49.56 -31.70 21.60
CA ALA C 457 -49.66 -31.29 23.00
C ALA C 457 -49.30 -32.46 23.90
N ALA C 458 -49.83 -33.64 23.57
CA ALA C 458 -49.63 -34.84 24.38
C ALA C 458 -48.19 -35.29 24.32
N GLU C 459 -47.58 -35.19 23.15
CA GLU C 459 -46.17 -35.52 23.01
C GLU C 459 -45.32 -34.58 23.86
N LEU C 460 -45.62 -33.29 23.78
CA LEU C 460 -44.86 -32.30 24.54
C LEU C 460 -45.04 -32.50 26.03
N LYS C 461 -46.25 -32.84 26.43
CA LYS C 461 -46.55 -33.02 27.84
C LYS C 461 -45.79 -34.23 28.40
N ALA C 462 -45.69 -35.30 27.61
CA ALA C 462 -44.93 -36.47 28.02
C ALA C 462 -43.44 -36.13 28.13
N LEU C 463 -42.98 -35.22 27.28
CA LEU C 463 -41.56 -34.86 27.26
C LEU C 463 -41.19 -33.89 28.40
N TYR C 464 -42.03 -32.88 28.61
CA TYR C 464 -41.70 -31.77 29.50
C TYR C 464 -42.40 -31.84 30.85
N SER C 465 -43.54 -32.54 30.89
CA SER C 465 -44.32 -32.73 32.12
C SER C 465 -45.03 -31.48 32.59
N ASP C 466 -44.30 -30.37 32.62
CA ASP C 466 -44.79 -29.10 33.14
C ASP C 466 -44.75 -28.01 32.07
N ILE C 467 -45.86 -27.32 31.87
CA ILE C 467 -45.96 -26.28 30.85
C ILE C 467 -44.99 -25.13 31.16
N ASP C 468 -44.73 -24.91 32.45
CA ASP C 468 -43.84 -23.83 32.89
C ASP C 468 -42.37 -24.14 32.60
N VAL C 469 -42.12 -25.34 32.10
CA VAL C 469 -40.75 -25.81 31.80
C VAL C 469 -40.54 -25.85 30.28
N MET C 470 -41.60 -25.61 29.52
CA MET C 470 -41.53 -25.61 28.06
C MET C 470 -40.58 -24.50 27.58
N GLU C 471 -39.90 -24.77 26.48
CA GLU C 471 -38.87 -23.88 25.95
C GLU C 471 -39.39 -22.96 24.85
N LEU C 472 -38.80 -21.77 24.80
CA LEU C 472 -39.23 -20.73 23.89
C LEU C 472 -39.21 -21.18 22.44
N TYR C 473 -38.05 -21.62 21.98
CA TYR C 473 -37.86 -21.88 20.54
C TYR C 473 -38.82 -22.95 19.97
N PRO C 474 -38.87 -24.13 20.59
CA PRO C 474 -39.79 -25.16 20.11
C PRO C 474 -41.22 -24.69 20.20
N ALA C 475 -41.52 -23.92 21.23
CA ALA C 475 -42.88 -23.44 21.45
C ALA C 475 -43.31 -22.54 20.29
N LEU C 476 -42.37 -21.75 19.79
CA LEU C 476 -42.70 -20.78 18.73
C LEU C 476 -43.16 -21.49 17.45
N LEU C 477 -42.51 -22.61 17.14
CA LEU C 477 -42.76 -23.34 15.91
C LEU C 477 -43.93 -24.32 16.05
N VAL C 478 -44.43 -24.47 17.27
CA VAL C 478 -45.50 -25.42 17.54
C VAL C 478 -46.78 -24.69 17.96
N GLU C 479 -46.66 -23.39 18.21
CA GLU C 479 -47.75 -22.59 18.74
C GLU C 479 -48.94 -22.55 17.80
N LYS C 480 -50.13 -22.48 18.40
CA LYS C 480 -51.35 -22.28 17.65
C LYS C 480 -51.26 -20.96 16.89
N PRO C 481 -51.37 -21.04 15.56
CA PRO C 481 -51.34 -19.81 14.75
C PRO C 481 -52.56 -18.93 14.98
N ARG C 482 -52.41 -17.63 14.75
CA ARG C 482 -53.58 -16.79 14.61
C ARG C 482 -54.37 -17.41 13.46
N PRO C 483 -55.67 -17.11 13.36
CA PRO C 483 -56.49 -17.73 12.32
C PRO C 483 -55.94 -17.49 10.92
N ASP C 484 -55.63 -18.57 10.22
CA ASP C 484 -55.08 -18.50 8.87
C ASP C 484 -53.80 -17.67 8.81
N ALA C 485 -53.07 -17.61 9.92
CA ALA C 485 -51.84 -16.82 9.98
C ALA C 485 -50.60 -17.70 9.99
N ILE C 486 -49.47 -17.08 9.68
CA ILE C 486 -48.19 -17.77 9.62
C ILE C 486 -47.57 -18.00 11.01
N PHE C 487 -47.91 -17.11 11.94
CA PHE C 487 -47.35 -17.11 13.30
C PHE C 487 -48.42 -17.14 14.38
N GLY C 488 -48.03 -17.57 15.58
CA GLY C 488 -48.84 -17.41 16.77
C GLY C 488 -48.49 -16.13 17.53
N GLU C 489 -49.22 -15.91 18.63
CA GLU C 489 -49.10 -14.72 19.46
C GLU C 489 -47.67 -14.39 19.94
N THR C 490 -46.94 -15.42 20.38
CA THR C 490 -45.65 -15.21 21.05
C THR C 490 -44.60 -14.69 20.06
N MET C 491 -44.63 -15.21 18.82
CA MET C 491 -43.72 -14.77 17.78
C MET C 491 -43.88 -13.28 17.51
N VAL C 492 -45.12 -12.83 17.37
CA VAL C 492 -45.39 -11.43 17.00
C VAL C 492 -45.10 -10.50 18.15
N GLU C 493 -45.50 -10.90 19.35
CA GLU C 493 -45.40 -10.02 20.52
C GLU C 493 -43.96 -9.86 21.04
N LEU C 494 -43.09 -10.82 20.76
CA LEU C 494 -41.67 -10.63 21.04
C LEU C 494 -40.97 -9.99 19.83
N GLY C 495 -41.33 -10.45 18.64
CA GLY C 495 -40.65 -10.03 17.41
C GLY C 495 -40.86 -8.57 17.06
N ALA C 496 -42.10 -8.09 17.22
CA ALA C 496 -42.47 -6.76 16.80
C ALA C 496 -41.65 -5.69 17.50
N PRO C 497 -41.55 -5.76 18.84
CA PRO C 497 -40.75 -4.84 19.63
C PRO C 497 -39.27 -4.82 19.25
N PHE C 498 -38.66 -6.00 19.18
CA PHE C 498 -37.26 -6.10 18.77
C PHE C 498 -37.07 -5.45 17.39
N SER C 499 -38.02 -5.71 16.51
CA SER C 499 -37.91 -5.30 15.11
C SER C 499 -38.05 -3.79 14.92
N LEU C 500 -39.15 -3.23 15.43
CA LEU C 500 -39.44 -1.82 15.23
C LEU C 500 -38.36 -0.95 15.87
N LYS C 501 -37.79 -1.44 16.96
CA LYS C 501 -36.73 -0.75 17.68
C LYS C 501 -35.45 -0.67 16.86
N GLY C 502 -35.13 -1.74 16.17
CA GLY C 502 -33.91 -1.74 15.35
C GLY C 502 -34.10 -0.93 14.07
N LEU C 503 -35.35 -0.88 13.60
CA LEU C 503 -35.70 -0.11 12.41
C LEU C 503 -35.67 1.39 12.72
N MET C 504 -36.42 1.79 13.73
CA MET C 504 -36.60 3.22 14.02
C MET C 504 -35.41 3.78 14.80
N GLY C 505 -34.70 2.88 15.48
CA GLY C 505 -33.53 3.26 16.27
C GLY C 505 -32.32 3.65 15.44
N ASN C 506 -32.36 3.37 14.14
CA ASN C 506 -31.30 3.75 13.22
C ASN C 506 -31.09 5.27 13.24
N PRO C 507 -29.83 5.72 13.19
CA PRO C 507 -29.56 7.15 13.23
C PRO C 507 -30.17 7.96 12.09
N ILE C 508 -30.39 7.37 10.92
CA ILE C 508 -30.97 8.16 9.84
C ILE C 508 -32.38 8.59 10.20
N CYS C 509 -32.97 7.95 11.21
CA CYS C 509 -34.32 8.26 11.67
C CYS C 509 -34.34 9.37 12.72
N SER C 510 -33.16 9.75 13.17
CA SER C 510 -33.05 10.85 14.13
C SER C 510 -33.26 12.19 13.43
N PRO C 511 -33.76 13.19 14.17
CA PRO C 511 -34.06 14.52 13.64
C PRO C 511 -32.90 15.20 12.90
N GLN C 512 -31.67 15.08 13.40
CA GLN C 512 -30.58 15.75 12.71
C GLN C 512 -30.21 15.06 11.40
N TYR C 513 -30.63 13.80 11.24
CA TYR C 513 -30.34 13.04 10.02
C TYR C 513 -31.51 13.07 9.04
N TRP C 514 -32.73 13.06 9.56
CA TRP C 514 -33.91 12.89 8.70
C TRP C 514 -34.29 14.19 8.00
N LYS C 515 -33.49 14.57 7.02
CA LYS C 515 -33.73 15.75 6.23
C LYS C 515 -33.10 15.54 4.86
N PRO C 516 -33.59 16.27 3.84
CA PRO C 516 -33.18 16.06 2.46
C PRO C 516 -31.66 16.12 2.22
N SER C 517 -30.98 17.07 2.85
CA SER C 517 -29.56 17.25 2.58
C SER C 517 -28.74 16.02 2.97
N THR C 518 -29.22 15.28 3.96
CA THR C 518 -28.52 14.07 4.36
C THR C 518 -28.40 13.12 3.19
N PHE C 519 -29.40 13.15 2.31
CA PHE C 519 -29.51 12.17 1.24
C PHE C 519 -29.28 12.82 -0.13
N GLY C 520 -28.52 13.91 -0.15
CA GLY C 520 -28.12 14.58 -1.38
C GLY C 520 -29.19 15.48 -1.97
N GLY C 521 -30.24 15.76 -1.20
CA GLY C 521 -31.33 16.62 -1.65
C GLY C 521 -32.66 15.90 -1.84
N GLU C 522 -33.66 16.64 -2.34
CA GLU C 522 -35.04 16.14 -2.41
C GLU C 522 -35.14 14.90 -3.30
N VAL C 523 -34.24 14.78 -4.26
CA VAL C 523 -34.28 13.67 -5.22
C VAL C 523 -33.85 12.39 -4.51
N GLY C 524 -32.76 12.48 -3.76
CA GLY C 524 -32.30 11.36 -2.93
C GLY C 524 -33.31 11.01 -1.86
N PHE C 525 -33.86 12.04 -1.24
CA PHE C 525 -34.86 11.82 -0.18
C PHE C 525 -36.08 11.07 -0.74
N LYS C 526 -36.46 11.41 -1.97
CA LYS C 526 -37.65 10.81 -2.58
C LYS C 526 -37.44 9.32 -2.86
N ILE C 527 -36.21 8.95 -3.18
CA ILE C 527 -35.90 7.55 -3.43
C ILE C 527 -36.29 6.70 -2.21
N ILE C 528 -36.02 7.23 -1.02
CA ILE C 528 -36.35 6.53 0.21
C ILE C 528 -37.85 6.51 0.37
N ASN C 529 -38.47 7.66 0.24
CA ASN C 529 -39.88 7.81 0.63
C ASN C 529 -40.87 7.19 -0.35
N THR C 530 -40.37 6.69 -1.47
CA THR C 530 -41.20 6.00 -2.44
C THR C 530 -40.72 4.58 -2.72
N ALA C 531 -39.78 4.11 -1.91
CA ALA C 531 -39.25 2.76 -2.13
C ALA C 531 -40.32 1.70 -1.88
N SER C 532 -40.25 0.61 -2.65
CA SER C 532 -41.10 -0.55 -2.43
C SER C 532 -40.41 -1.76 -2.98
N ILE C 533 -40.84 -2.95 -2.55
CA ILE C 533 -40.26 -4.17 -3.08
C ILE C 533 -40.48 -4.23 -4.58
N GLN C 534 -41.60 -3.69 -5.06
CA GLN C 534 -41.85 -3.71 -6.52
C GLN C 534 -40.90 -2.79 -7.28
N SER C 535 -40.71 -1.55 -6.84
CA SER C 535 -39.82 -0.65 -7.58
C SER C 535 -38.38 -1.18 -7.53
N LEU C 536 -37.99 -1.69 -6.39
CA LEU C 536 -36.64 -2.24 -6.23
C LEU C 536 -36.38 -3.26 -7.33
N ILE C 537 -37.40 -4.07 -7.61
CA ILE C 537 -37.24 -5.12 -8.60
C ILE C 537 -37.46 -4.57 -10.00
N CYS C 538 -38.44 -3.70 -10.15
CA CYS C 538 -38.70 -3.06 -11.44
C CYS C 538 -37.47 -2.34 -11.95
N ASN C 539 -36.81 -1.57 -11.09
CA ASN C 539 -35.66 -0.74 -11.48
C ASN C 539 -34.40 -1.53 -11.78
N ASN C 540 -34.32 -2.74 -11.24
CA ASN C 540 -33.04 -3.45 -11.28
C ASN C 540 -33.08 -4.81 -11.96
N VAL C 541 -34.27 -5.27 -12.36
CA VAL C 541 -34.40 -6.55 -13.05
C VAL C 541 -34.97 -6.36 -14.45
N LYS C 542 -34.36 -7.05 -15.42
CA LYS C 542 -34.73 -6.88 -16.81
C LYS C 542 -36.19 -7.25 -17.05
N GLY C 543 -36.89 -6.37 -17.74
CA GLY C 543 -38.29 -6.59 -18.09
C GLY C 543 -39.20 -6.14 -16.97
N CYS C 544 -38.61 -5.63 -15.90
CA CYS C 544 -39.39 -5.14 -14.75
C CYS C 544 -40.54 -6.10 -14.41
N PRO C 545 -40.22 -7.35 -14.08
CA PRO C 545 -41.27 -8.34 -13.73
C PRO C 545 -42.06 -7.90 -12.50
N PHE C 546 -43.29 -8.38 -12.41
CA PHE C 546 -44.11 -8.09 -11.24
C PHE C 546 -43.60 -8.94 -10.05
N THR C 547 -43.70 -8.40 -8.85
CA THR C 547 -43.36 -9.15 -7.65
C THR C 547 -44.08 -8.62 -6.44
N SER C 548 -44.03 -9.40 -5.38
CA SER C 548 -44.71 -9.13 -4.13
C SER C 548 -44.25 -10.19 -3.14
N PHE C 549 -44.72 -10.11 -1.89
CA PHE C 549 -44.35 -11.10 -0.89
C PHE C 549 -45.44 -12.17 -0.70
N ASN C 550 -46.53 -12.04 -1.45
CA ASN C 550 -47.63 -13.00 -1.38
C ASN C 550 -47.92 -13.62 -2.73
N VAL C 551 -48.18 -14.92 -2.73
CA VAL C 551 -48.52 -15.63 -3.96
C VAL C 551 -49.83 -15.08 -4.50
N GLN C 552 -49.79 -14.71 -5.78
CA GLN C 552 -50.84 -13.88 -6.38
C GLN C 552 -52.22 -14.42 -6.05
N ALA D 1 -13.29 26.47 -3.91
CA ALA D 1 -13.99 25.86 -5.09
C ALA D 1 -15.37 25.38 -4.68
N ASN D 2 -15.43 24.66 -3.56
CA ASN D 2 -16.70 24.26 -2.98
C ASN D 2 -17.54 25.50 -2.68
N PRO D 3 -18.78 25.54 -3.18
CA PRO D 3 -19.64 26.69 -2.94
C PRO D 3 -20.03 26.87 -1.48
N CYS D 4 -19.73 25.89 -0.64
CA CYS D 4 -20.08 25.96 0.78
C CYS D 4 -18.91 26.45 1.63
N CYS D 5 -17.80 26.72 0.96
CA CYS D 5 -16.58 27.21 1.63
C CYS D 5 -16.79 28.40 2.54
N SER D 6 -17.74 29.27 2.20
CA SER D 6 -17.96 30.49 2.98
C SER D 6 -18.86 30.27 4.21
N ASN D 7 -19.37 29.05 4.37
CA ASN D 7 -20.29 28.73 5.47
C ASN D 7 -21.55 29.61 5.42
N PRO D 8 -22.26 29.61 4.28
CA PRO D 8 -23.38 30.49 3.91
C PRO D 8 -24.59 30.33 4.80
N CYS D 9 -24.84 29.10 5.24
CA CYS D 9 -26.10 28.80 5.92
C CYS D 9 -26.03 29.11 7.39
N GLN D 10 -27.02 29.85 7.87
CA GLN D 10 -27.05 30.28 9.25
C GLN D 10 -28.03 29.45 10.07
N ASN D 11 -27.93 29.61 11.37
CA ASN D 11 -28.88 29.02 12.30
C ASN D 11 -29.00 27.50 12.19
N ARG D 12 -27.86 26.86 11.88
CA ARG D 12 -27.74 25.39 11.88
C ARG D 12 -28.30 24.80 10.60
N GLY D 13 -28.65 25.66 9.65
CA GLY D 13 -29.01 25.21 8.32
C GLY D 13 -27.80 24.49 7.74
N GLU D 14 -28.05 23.50 6.89
CA GLU D 14 -26.96 22.71 6.31
C GLU D 14 -26.74 23.08 4.86
N CYS D 15 -25.47 23.29 4.52
CA CYS D 15 -25.09 23.64 3.18
C CYS D 15 -24.79 22.41 2.33
N MET D 16 -25.34 22.40 1.13
CA MET D 16 -25.09 21.34 0.18
C MET D 16 -24.86 22.00 -1.17
N SER D 17 -23.84 21.54 -1.88
CA SER D 17 -23.57 22.02 -3.21
C SER D 17 -24.61 21.48 -4.17
N THR D 18 -25.04 22.31 -5.10
CA THR D 18 -26.00 21.91 -6.11
C THR D 18 -25.44 22.24 -7.50
N GLY D 19 -24.19 21.88 -7.74
CA GLY D 19 -23.48 22.29 -8.95
C GLY D 19 -22.14 22.83 -8.53
N PHE D 20 -21.25 23.02 -9.49
CA PHE D 20 -19.87 23.43 -9.19
C PHE D 20 -19.75 24.78 -8.47
N ASP D 21 -20.77 25.63 -8.65
CA ASP D 21 -20.67 26.99 -8.08
C ASP D 21 -21.99 27.44 -7.49
N GLN D 22 -22.89 26.50 -7.24
CA GLN D 22 -24.14 26.79 -6.56
C GLN D 22 -24.28 25.95 -5.30
N TYR D 23 -25.02 26.48 -4.34
CA TYR D 23 -25.27 25.79 -3.10
C TYR D 23 -26.71 25.95 -2.71
N LYS D 24 -27.12 25.11 -1.78
CA LYS D 24 -28.45 25.23 -1.21
C LYS D 24 -28.37 24.95 0.28
N CYS D 25 -29.16 25.68 1.05
CA CYS D 25 -29.24 25.48 2.49
C CYS D 25 -30.50 24.71 2.83
N ASP D 26 -30.33 23.68 3.67
CA ASP D 26 -31.45 22.92 4.17
C ASP D 26 -31.82 23.46 5.55
N CYS D 27 -32.97 24.12 5.64
CA CYS D 27 -33.36 24.86 6.84
C CYS D 27 -34.32 24.06 7.70
N THR D 28 -34.48 22.79 7.37
CA THR D 28 -35.39 21.91 8.08
C THR D 28 -35.24 22.05 9.58
N ARG D 29 -36.34 22.39 10.24
CA ARG D 29 -36.40 22.48 11.70
C ARG D 29 -35.45 23.49 12.33
N THR D 30 -34.94 24.45 11.57
CA THR D 30 -34.07 25.47 12.14
C THR D 30 -34.87 26.57 12.81
N GLY D 31 -36.10 26.76 12.38
CA GLY D 31 -36.94 27.87 12.84
C GLY D 31 -36.86 29.06 11.90
N PHE D 32 -36.08 28.91 10.84
CA PHE D 32 -35.92 29.95 9.83
C PHE D 32 -36.07 29.37 8.43
N TYR D 33 -36.22 30.27 7.46
CA TYR D 33 -36.22 29.88 6.07
C TYR D 33 -35.48 30.95 5.27
N GLY D 34 -35.51 30.82 3.95
CA GLY D 34 -34.80 31.75 3.09
C GLY D 34 -33.54 31.10 2.57
N GLU D 35 -32.90 31.73 1.59
CA GLU D 35 -31.74 31.14 0.95
C GLU D 35 -30.65 30.67 1.94
N ASN D 36 -30.49 31.40 3.03
CA ASN D 36 -29.43 31.11 4.00
C ASN D 36 -29.97 30.85 5.39
N CYS D 37 -31.27 30.53 5.46
CA CYS D 37 -31.94 30.22 6.71
C CYS D 37 -31.84 31.38 7.70
N THR D 38 -31.98 32.61 7.19
CA THR D 38 -31.87 33.80 8.04
C THR D 38 -33.21 34.51 8.27
N THR D 39 -34.26 34.05 7.60
CA THR D 39 -35.59 34.62 7.82
C THR D 39 -36.33 33.79 8.88
N PRO D 40 -36.62 34.41 10.02
CA PRO D 40 -37.28 33.72 11.13
C PRO D 40 -38.77 33.48 10.95
N GLU D 41 -39.23 32.34 11.43
CA GLU D 41 -40.64 32.04 11.48
C GLU D 41 -41.24 32.82 12.63
N PHE D 42 -42.53 33.10 12.52
CA PHE D 42 -43.23 33.92 13.49
C PHE D 42 -42.87 33.54 14.93
N LEU D 43 -43.14 32.28 15.27
CA LEU D 43 -42.91 31.80 16.63
C LEU D 43 -41.43 31.91 17.00
N THR D 44 -40.57 31.86 15.99
CA THR D 44 -39.13 31.99 16.19
C THR D 44 -38.80 33.41 16.65
N ARG D 45 -39.50 34.39 16.10
CA ARG D 45 -39.26 35.79 16.46
C ARG D 45 -39.64 36.03 17.92
N ILE D 46 -40.74 35.45 18.34
CA ILE D 46 -41.18 35.57 19.72
C ILE D 46 -40.06 35.09 20.62
N LYS D 47 -39.73 33.82 20.46
CA LYS D 47 -38.71 33.16 21.29
C LYS D 47 -37.43 33.99 21.37
N LEU D 48 -37.03 34.58 20.25
CA LEU D 48 -35.81 35.35 20.22
C LEU D 48 -35.89 36.58 21.14
N LEU D 49 -37.08 37.20 21.21
CA LEU D 49 -37.28 38.36 22.08
C LEU D 49 -37.22 37.97 23.55
N LEU D 50 -37.84 36.85 23.88
CA LEU D 50 -37.97 36.44 25.28
C LEU D 50 -36.76 35.64 25.75
N LYS D 51 -35.73 35.57 24.92
CA LYS D 51 -34.53 34.79 25.27
C LYS D 51 -33.43 35.68 25.80
N PRO D 52 -33.10 35.53 27.09
CA PRO D 52 -32.00 36.28 27.69
C PRO D 52 -30.65 35.79 27.17
N THR D 53 -29.67 36.67 27.10
CA THR D 53 -28.34 36.28 26.69
C THR D 53 -27.68 35.41 27.78
N PRO D 54 -26.68 34.62 27.36
CA PRO D 54 -25.94 33.81 28.33
C PRO D 54 -25.30 34.65 29.42
N ASN D 55 -24.86 35.86 29.08
CA ASN D 55 -24.24 36.75 30.08
C ASN D 55 -25.27 37.20 31.11
N THR D 56 -26.51 37.41 30.66
CA THR D 56 -27.59 37.80 31.55
C THR D 56 -27.88 36.69 32.54
N VAL D 57 -28.14 35.50 31.99
CA VAL D 57 -28.41 34.33 32.82
C VAL D 57 -27.26 34.09 33.80
N HIS D 58 -26.03 34.16 33.32
CA HIS D 58 -24.87 33.95 34.17
C HIS D 58 -24.86 34.92 35.34
N TYR D 59 -25.25 36.16 35.06
CA TYR D 59 -25.31 37.19 36.09
C TYR D 59 -26.30 36.80 37.18
N ILE D 60 -27.46 36.32 36.75
CA ILE D 60 -28.54 35.98 37.67
C ILE D 60 -28.15 34.77 38.52
N LEU D 61 -27.35 33.87 37.94
CA LEU D 61 -26.93 32.64 38.63
C LEU D 61 -25.86 32.96 39.66
N THR D 62 -25.13 34.04 39.43
CA THR D 62 -23.99 34.39 40.26
C THR D 62 -24.30 35.59 41.14
N HIS D 63 -25.57 35.98 41.17
CA HIS D 63 -26.03 37.05 42.05
C HIS D 63 -27.29 36.64 42.81
N PHE D 64 -27.82 37.58 43.60
CA PHE D 64 -29.05 37.35 44.37
C PHE D 64 -28.91 36.13 45.29
N LYS D 65 -27.78 36.07 45.97
CA LYS D 65 -27.43 34.91 46.77
C LYS D 65 -28.52 34.57 47.78
N GLY D 66 -29.29 35.58 48.18
CA GLY D 66 -30.32 35.42 49.20
C GLY D 66 -31.53 34.66 48.68
N VAL D 67 -31.89 34.94 47.42
CA VAL D 67 -32.95 34.21 46.75
C VAL D 67 -32.54 32.74 46.51
N TRP D 68 -31.33 32.55 45.99
CA TRP D 68 -30.85 31.21 45.66
C TRP D 68 -30.84 30.39 46.93
N ASN D 69 -30.61 31.07 48.03
CA ASN D 69 -30.52 30.41 49.32
C ASN D 69 -31.86 29.77 49.63
N ILE D 70 -32.92 30.46 49.26
CA ILE D 70 -34.28 29.98 49.45
C ILE D 70 -34.59 28.88 48.45
N VAL D 71 -34.36 29.17 47.17
CA VAL D 71 -34.58 28.19 46.10
C VAL D 71 -33.84 26.87 46.40
N ASN D 72 -32.57 26.96 46.79
CA ASN D 72 -31.77 25.76 47.05
C ASN D 72 -32.39 24.89 48.13
N ASN D 73 -33.30 25.47 48.92
CA ASN D 73 -33.89 24.74 50.04
C ASN D 73 -35.34 24.33 49.78
N ILE D 74 -35.91 24.65 48.60
CA ILE D 74 -37.18 24.14 48.09
C ILE D 74 -36.96 23.06 47.03
N PRO D 75 -36.88 21.79 47.48
CA PRO D 75 -36.58 20.63 46.63
C PRO D 75 -37.23 20.69 45.25
N PHE D 76 -38.50 21.03 45.17
CA PHE D 76 -39.18 20.98 43.87
C PHE D 76 -38.72 22.16 43.00
N LEU D 77 -38.32 23.25 43.64
CA LEU D 77 -37.78 24.40 42.91
C LEU D 77 -36.36 24.10 42.39
N ARG D 78 -35.50 23.61 43.27
CA ARG D 78 -34.15 23.24 42.88
C ARG D 78 -34.19 22.28 41.71
N SER D 79 -35.06 21.27 41.79
CA SER D 79 -35.22 20.27 40.74
C SER D 79 -35.66 20.90 39.41
N LEU D 80 -36.55 21.89 39.52
CA LEU D 80 -37.08 22.58 38.35
C LEU D 80 -35.97 23.34 37.65
N ILE D 81 -35.12 24.01 38.43
CA ILE D 81 -34.04 24.79 37.86
C ILE D 81 -32.98 23.91 37.20
N MET D 82 -32.59 22.84 37.92
CA MET D 82 -31.56 21.95 37.42
C MET D 82 -32.03 21.23 36.16
N LYS D 83 -33.31 20.89 36.13
CA LYS D 83 -33.90 20.23 34.97
C LYS D 83 -33.75 21.14 33.76
N TYR D 84 -33.94 22.43 33.98
CA TYR D 84 -33.83 23.41 32.91
C TYR D 84 -32.38 23.57 32.43
N VAL D 85 -31.43 23.54 33.36
CA VAL D 85 -30.03 23.71 32.96
C VAL D 85 -29.59 22.49 32.16
N LEU D 86 -30.08 21.33 32.57
CA LEU D 86 -29.79 20.09 31.86
C LEU D 86 -30.32 20.13 30.42
N THR D 87 -31.60 20.44 30.29
CA THR D 87 -32.28 20.33 29.01
C THR D 87 -31.85 21.42 28.02
N SER D 88 -31.78 22.67 28.51
CA SER D 88 -31.38 23.77 27.64
C SER D 88 -29.99 23.54 27.06
N ARG D 89 -29.11 22.89 27.81
CA ARG D 89 -27.74 22.66 27.35
C ARG D 89 -27.63 21.57 26.28
N SER D 90 -28.29 20.43 26.54
CA SER D 90 -28.14 19.25 25.70
C SER D 90 -28.69 19.44 24.28
N TYR D 91 -29.64 20.36 24.10
CA TYR D 91 -30.21 20.57 22.77
C TYR D 91 -29.18 21.16 21.83
N LEU D 92 -28.02 21.57 22.37
CA LEU D 92 -26.97 22.15 21.54
C LEU D 92 -26.09 21.07 20.91
N ILE D 93 -26.23 19.84 21.39
CA ILE D 93 -25.37 18.75 20.92
C ILE D 93 -26.13 17.83 19.97
N ASP D 94 -25.51 17.51 18.83
CA ASP D 94 -26.09 16.53 17.90
C ASP D 94 -25.93 15.11 18.47
N SER D 95 -27.04 14.41 18.61
CA SER D 95 -27.00 13.06 19.16
C SER D 95 -28.19 12.26 18.65
N PRO D 96 -27.94 11.20 17.85
CA PRO D 96 -26.67 10.65 17.37
C PRO D 96 -25.74 11.69 16.75
N PRO D 97 -24.43 11.44 16.81
CA PRO D 97 -23.42 12.37 16.29
C PRO D 97 -23.37 12.39 14.76
N THR D 98 -22.71 13.40 14.21
CA THR D 98 -22.70 13.63 12.78
C THR D 98 -21.28 13.66 12.24
N TYR D 99 -20.66 14.83 12.21
CA TYR D 99 -19.41 15.04 11.48
C TYR D 99 -18.17 14.57 12.22
N ASN D 100 -17.08 14.43 11.46
CA ASN D 100 -15.77 14.26 12.04
C ASN D 100 -14.70 14.92 11.15
N VAL D 101 -13.43 14.71 11.45
CA VAL D 101 -12.36 15.44 10.76
C VAL D 101 -12.33 15.15 9.27
N HIS D 102 -12.88 13.99 8.87
CA HIS D 102 -12.82 13.59 7.46
C HIS D 102 -14.14 13.73 6.71
N TYR D 103 -15.24 14.01 7.42
CA TYR D 103 -16.54 14.11 6.77
C TYR D 103 -17.28 15.39 7.18
N GLY D 104 -17.43 16.28 6.20
CA GLY D 104 -18.18 17.52 6.37
C GLY D 104 -19.61 17.36 5.94
N TYR D 105 -19.97 16.11 5.63
CA TYR D 105 -21.33 15.74 5.36
C TYR D 105 -21.59 14.44 6.13
N LYS D 106 -22.84 14.17 6.46
CA LYS D 106 -23.16 12.95 7.20
C LYS D 106 -22.91 11.69 6.38
N SER D 107 -22.38 10.68 7.04
CA SER D 107 -22.05 9.43 6.39
C SER D 107 -22.11 8.30 7.41
N TRP D 108 -22.30 7.08 6.91
CA TRP D 108 -22.35 5.94 7.80
C TRP D 108 -20.98 5.73 8.44
N GLU D 109 -19.93 6.09 7.70
CA GLU D 109 -18.56 5.98 8.18
C GLU D 109 -18.35 6.88 9.37
N ALA D 110 -18.81 8.12 9.29
CA ALA D 110 -18.65 9.09 10.37
C ALA D 110 -19.55 8.72 11.56
N PHE D 111 -20.74 8.20 11.27
CA PHE D 111 -21.56 7.71 12.36
C PHE D 111 -20.96 6.47 13.04
N SER D 112 -20.52 5.49 12.26
CA SER D 112 -20.20 4.19 12.82
C SER D 112 -18.78 4.05 13.40
N ASN D 113 -17.82 4.83 12.89
CA ASN D 113 -16.42 4.68 13.29
C ASN D 113 -16.09 5.40 14.60
N LEU D 114 -16.01 4.59 15.67
CA LEU D 114 -15.85 5.09 17.02
C LEU D 114 -14.45 5.56 17.34
N SER D 115 -13.52 5.36 16.39
CA SER D 115 -12.12 5.78 16.59
C SER D 115 -11.92 7.26 16.38
N TYR D 116 -12.90 7.93 15.76
CA TYR D 116 -12.85 9.37 15.56
C TYR D 116 -13.46 10.13 16.74
N TYR D 117 -12.90 11.28 17.06
CA TYR D 117 -13.63 12.27 17.82
C TYR D 117 -14.72 12.80 16.86
N THR D 118 -15.91 13.12 17.38
CA THR D 118 -16.91 13.75 16.53
C THR D 118 -16.60 15.24 16.41
N ARG D 119 -17.39 15.96 15.62
CA ARG D 119 -17.21 17.39 15.40
C ARG D 119 -18.53 18.18 15.54
N ALA D 120 -18.53 19.17 16.43
CA ALA D 120 -19.67 20.07 16.59
C ALA D 120 -19.90 20.91 15.32
N LEU D 121 -18.81 21.25 14.64
CA LEU D 121 -18.89 21.89 13.32
C LEU D 121 -18.04 21.13 12.35
N PRO D 122 -18.51 20.97 11.11
CA PRO D 122 -17.74 20.21 10.13
C PRO D 122 -16.43 20.93 9.81
N PRO D 123 -15.46 20.19 9.30
CA PRO D 123 -14.21 20.80 8.89
C PRO D 123 -14.40 21.70 7.68
N VAL D 124 -13.51 22.67 7.53
CA VAL D 124 -13.44 23.46 6.32
C VAL D 124 -12.91 22.56 5.20
N ALA D 125 -13.62 22.52 4.09
CA ALA D 125 -13.26 21.62 2.98
C ALA D 125 -11.86 21.90 2.49
N ASP D 126 -11.21 20.86 2.00
CA ASP D 126 -9.81 20.93 1.61
C ASP D 126 -9.55 21.88 0.44
N ASP D 127 -10.56 22.11 -0.38
CA ASP D 127 -10.34 22.91 -1.58
C ASP D 127 -10.86 24.32 -1.44
N CYS D 128 -11.13 24.73 -0.20
CA CYS D 128 -11.48 26.11 0.08
C CYS D 128 -10.23 26.96 -0.08
N PRO D 129 -10.40 28.22 -0.53
CA PRO D 129 -9.28 29.10 -0.84
C PRO D 129 -8.48 29.55 0.39
N THR D 130 -9.12 29.63 1.56
CA THR D 130 -8.41 29.99 2.78
C THR D 130 -8.67 28.99 3.91
N PRO D 131 -7.81 29.00 4.92
CA PRO D 131 -7.96 28.08 6.06
C PRO D 131 -9.34 28.15 6.69
N MET D 132 -9.94 29.33 6.77
CA MET D 132 -11.24 29.48 7.43
C MET D 132 -12.40 29.38 6.45
N GLY D 133 -12.09 29.17 5.18
CA GLY D 133 -13.12 29.09 4.14
C GLY D 133 -12.84 30.02 2.98
N VAL D 134 -13.36 31.25 3.08
CA VAL D 134 -13.08 32.26 2.08
C VAL D 134 -12.41 33.52 2.68
N LYS D 135 -12.57 33.75 3.98
CA LYS D 135 -12.01 34.94 4.62
C LYS D 135 -10.57 34.77 5.01
N GLY D 136 -9.88 35.89 5.18
CA GLY D 136 -8.50 35.92 5.65
C GLY D 136 -7.49 35.69 4.55
N ASN D 137 -6.24 35.46 4.95
CA ASN D 137 -5.15 35.23 4.01
C ASN D 137 -4.93 33.74 3.77
N LYS D 138 -4.14 33.44 2.75
CA LYS D 138 -3.94 32.07 2.30
C LYS D 138 -3.42 31.24 3.44
N GLU D 139 -2.83 31.92 4.41
CA GLU D 139 -2.25 31.24 5.57
C GLU D 139 -2.56 31.99 6.84
N LEU D 140 -2.86 31.22 7.88
CA LEU D 140 -3.06 31.76 9.22
C LEU D 140 -1.74 32.31 9.75
N PRO D 141 -1.79 33.20 10.75
CA PRO D 141 -0.58 33.76 11.32
C PRO D 141 0.32 32.69 11.94
N ASP D 142 1.62 32.99 11.96
CA ASP D 142 2.61 32.13 12.58
C ASP D 142 2.16 31.76 13.99
N SER D 143 2.03 30.46 14.23
CA SER D 143 1.49 30.00 15.51
C SER D 143 2.44 30.33 16.67
N LYS D 144 3.73 30.31 16.38
CA LYS D 144 4.75 30.67 17.36
C LYS D 144 4.53 32.12 17.81
N GLU D 145 4.16 32.95 16.85
CA GLU D 145 3.94 34.38 17.08
C GLU D 145 2.73 34.59 17.99
N VAL D 146 1.68 33.84 17.71
CA VAL D 146 0.45 33.92 18.50
C VAL D 146 0.76 33.45 19.91
N LEU D 147 1.43 32.31 19.99
CA LEU D 147 1.86 31.71 21.24
C LEU D 147 2.57 32.75 22.10
N GLU D 148 3.63 33.31 21.53
CA GLU D 148 4.54 34.18 22.29
C GLU D 148 3.91 35.52 22.66
N LYS D 149 3.11 36.08 21.76
CA LYS D 149 2.57 37.42 21.99
C LYS D 149 1.40 37.44 22.96
N VAL D 150 0.50 36.45 22.90
CA VAL D 150 -0.69 36.53 23.72
C VAL D 150 -0.96 35.34 24.64
N LEU D 151 -0.22 34.26 24.49
CA LEU D 151 -0.48 33.05 25.29
C LEU D 151 0.50 32.84 26.46
N LEU D 152 1.79 33.08 26.22
CA LEU D 152 2.82 32.75 27.19
C LEU D 152 2.81 33.63 28.44
N ARG D 153 2.96 32.98 29.58
CA ARG D 153 2.92 33.64 30.88
C ARG D 153 4.16 34.49 31.10
N ARG D 154 3.97 35.74 31.53
CA ARG D 154 5.09 36.54 31.99
C ARG D 154 5.14 36.37 33.50
N GLU D 155 4.14 36.91 34.16
CA GLU D 155 3.96 36.72 35.58
C GLU D 155 2.76 35.80 35.80
N PHE D 156 2.87 34.90 36.77
CA PHE D 156 1.77 34.01 37.13
C PHE D 156 0.50 34.80 37.51
N ILE D 157 -0.61 34.49 36.83
CA ILE D 157 -1.88 35.13 37.14
C ILE D 157 -2.78 34.14 37.87
N PRO D 158 -3.01 34.37 39.16
CA PRO D 158 -3.81 33.41 39.90
C PRO D 158 -5.26 33.46 39.48
N ASP D 159 -5.96 32.35 39.67
CA ASP D 159 -7.39 32.29 39.43
C ASP D 159 -8.15 33.04 40.52
N PRO D 160 -8.92 34.07 40.13
CA PRO D 160 -9.72 34.84 41.07
C PRO D 160 -10.78 33.99 41.75
N GLN D 161 -11.21 32.90 41.10
CA GLN D 161 -12.17 31.98 41.70
C GLN D 161 -11.52 31.04 42.73
N GLY D 162 -10.22 31.16 42.93
CA GLY D 162 -9.54 30.41 43.99
C GLY D 162 -9.33 28.92 43.72
N SER D 163 -9.45 28.51 42.46
CA SER D 163 -9.15 27.12 42.08
C SER D 163 -7.79 26.74 42.60
N ASN D 164 -7.69 25.53 43.16
CA ASN D 164 -6.42 25.04 43.71
C ASN D 164 -5.88 23.86 42.89
N MET D 165 -4.83 23.23 43.39
CA MET D 165 -4.16 22.15 42.66
C MET D 165 -4.93 20.83 42.78
N MET D 166 -5.73 20.69 43.83
CA MET D 166 -6.64 19.56 43.92
C MET D 166 -7.59 19.63 42.75
N PHE D 167 -8.05 20.84 42.43
CA PHE D 167 -8.94 21.04 41.28
C PHE D 167 -8.20 20.75 39.97
N ALA D 168 -7.04 21.37 39.80
CA ALA D 168 -6.28 21.25 38.56
C ALA D 168 -6.08 19.79 38.22
N PHE D 169 -5.57 19.01 39.19
CA PHE D 169 -5.20 17.61 38.91
C PHE D 169 -6.43 16.71 38.79
N PHE D 170 -7.53 17.09 39.42
CA PHE D 170 -8.77 16.37 39.24
C PHE D 170 -9.25 16.50 37.80
N ALA D 171 -9.09 17.70 37.26
CA ALA D 171 -9.54 18.01 35.93
C ALA D 171 -8.73 17.17 34.95
N GLN D 172 -7.41 17.17 35.15
CA GLN D 172 -6.52 16.39 34.27
C GLN D 172 -6.87 14.88 34.32
N HIS D 173 -6.98 14.36 35.54
CA HIS D 173 -7.20 12.96 35.80
C HIS D 173 -8.54 12.51 35.24
N PHE D 174 -9.59 13.20 35.64
CA PHE D 174 -10.95 12.88 35.20
C PHE D 174 -11.11 12.92 33.67
N THR D 175 -10.68 14.02 33.05
CA THR D 175 -10.90 14.21 31.62
C THR D 175 -10.02 13.31 30.76
N HIS D 176 -8.91 12.86 31.32
CA HIS D 176 -7.98 12.03 30.55
C HIS D 176 -8.43 10.59 30.44
N GLN D 177 -9.66 10.32 30.87
CA GLN D 177 -10.27 9.03 30.58
C GLN D 177 -10.96 9.08 29.23
N PHE D 178 -11.41 10.27 28.81
CA PHE D 178 -12.08 10.39 27.50
C PHE D 178 -11.38 11.31 26.50
N PHE D 179 -10.39 12.08 26.95
CA PHE D 179 -9.44 12.71 26.06
C PHE D 179 -8.17 11.83 26.05
N LYS D 180 -8.02 11.06 24.98
CA LYS D 180 -6.92 10.13 24.80
C LYS D 180 -6.62 10.02 23.32
N THR D 181 -5.96 11.03 22.78
CA THR D 181 -5.76 11.12 21.34
C THR D 181 -4.88 10.00 20.83
N ASP D 182 -5.30 9.38 19.73
CA ASP D 182 -4.52 8.34 19.09
C ASP D 182 -3.53 8.97 18.12
N HIS D 183 -2.37 9.33 18.65
CA HIS D 183 -1.35 10.04 17.89
C HIS D 183 -0.81 9.19 16.73
N LYS D 184 -1.07 7.89 16.76
CA LYS D 184 -0.67 7.04 15.66
C LYS D 184 -1.55 7.31 14.45
N ARG D 185 -2.79 7.71 14.72
CA ARG D 185 -3.74 7.97 13.65
C ARG D 185 -3.76 9.45 13.29
N GLY D 186 -3.77 10.31 14.29
CA GLY D 186 -3.87 11.75 14.07
C GLY D 186 -4.70 12.44 15.14
N PRO D 187 -4.67 13.77 15.15
CA PRO D 187 -5.34 14.52 16.22
C PRO D 187 -6.87 14.32 16.25
N GLY D 188 -7.45 13.90 15.14
CA GLY D 188 -8.90 13.70 15.10
C GLY D 188 -9.37 12.32 15.56
N PHE D 189 -8.44 11.52 16.07
CA PHE D 189 -8.74 10.16 16.49
C PHE D 189 -8.50 9.96 17.98
N THR D 190 -9.29 9.05 18.56
CA THR D 190 -9.27 8.76 19.98
C THR D 190 -9.05 7.26 20.27
N ARG D 191 -8.45 7.00 21.42
CA ARG D 191 -8.29 5.64 21.93
C ARG D 191 -9.38 5.30 22.96
N GLY D 192 -10.14 6.31 23.39
CA GLY D 192 -11.20 6.10 24.38
C GLY D 192 -12.55 5.80 23.72
N LEU D 193 -12.77 4.52 23.44
CA LEU D 193 -13.86 4.08 22.59
C LEU D 193 -15.19 4.06 23.34
N GLY D 194 -15.12 4.24 24.66
CA GLY D 194 -16.31 4.41 25.48
C GLY D 194 -16.88 5.83 25.37
N HIS D 195 -16.09 6.72 24.80
CA HIS D 195 -16.54 8.10 24.58
C HIS D 195 -17.27 8.68 25.81
N GLY D 196 -16.73 8.47 26.99
CA GLY D 196 -17.31 9.10 28.17
C GLY D 196 -16.71 8.61 29.45
N VAL D 197 -17.53 8.66 30.50
CA VAL D 197 -17.13 8.33 31.87
C VAL D 197 -17.30 6.83 32.15
N ASP D 198 -16.34 6.04 31.70
CA ASP D 198 -16.39 4.61 31.90
C ASP D 198 -15.30 4.13 32.86
N LEU D 199 -14.49 5.08 33.34
CA LEU D 199 -13.40 4.85 34.29
C LEU D 199 -12.33 3.91 33.77
N ASN D 200 -12.17 3.88 32.45
CA ASN D 200 -11.09 3.11 31.85
C ASN D 200 -9.72 3.58 32.36
N HIS D 201 -9.68 4.79 32.92
CA HIS D 201 -8.44 5.34 33.43
C HIS D 201 -8.05 4.71 34.79
N ILE D 202 -8.98 3.96 35.36
CA ILE D 202 -8.77 3.18 36.57
C ILE D 202 -8.70 1.70 36.22
N TYR D 203 -9.62 1.28 35.36
CA TYR D 203 -9.85 -0.15 35.09
C TYR D 203 -9.20 -0.65 33.81
N GLY D 204 -8.78 0.26 32.94
CA GLY D 204 -8.22 -0.09 31.62
C GLY D 204 -9.24 -0.05 30.49
N GLU D 205 -8.78 0.32 29.29
CA GLU D 205 -9.61 0.33 28.07
C GLU D 205 -10.08 -1.06 27.71
N THR D 206 -9.17 -2.03 27.84
CA THR D 206 -9.42 -3.37 27.33
C THR D 206 -9.53 -4.37 28.48
N LEU D 207 -10.19 -5.50 28.19
CA LEU D 207 -10.44 -6.57 29.16
C LEU D 207 -9.13 -7.15 29.66
N ASP D 208 -8.20 -7.28 28.73
CA ASP D 208 -6.88 -7.85 29.01
C ASP D 208 -6.12 -7.01 30.03
N ARG D 209 -6.14 -5.70 29.81
CA ARG D 209 -5.51 -4.77 30.74
C ARG D 209 -6.24 -4.79 32.08
N GLN D 210 -7.56 -4.81 32.04
CA GLN D 210 -8.34 -4.89 33.27
C GLN D 210 -7.94 -6.12 34.11
N HIS D 211 -7.84 -7.26 33.44
CA HIS D 211 -7.62 -8.49 34.15
C HIS D 211 -6.23 -8.52 34.79
N LYS D 212 -5.26 -7.91 34.13
CA LYS D 212 -3.92 -7.76 34.74
C LYS D 212 -3.95 -6.86 35.97
N LEU D 213 -4.91 -5.93 36.02
CA LEU D 213 -4.99 -4.97 37.13
C LEU D 213 -5.78 -5.52 38.31
N ARG D 214 -6.53 -6.59 38.06
CA ARG D 214 -7.44 -7.15 39.07
C ARG D 214 -6.81 -8.24 39.93
N LEU D 215 -7.24 -8.30 41.19
CA LEU D 215 -6.75 -9.28 42.14
C LEU D 215 -7.48 -10.62 41.95
N PHE D 216 -8.75 -10.55 41.58
CA PHE D 216 -9.60 -11.71 41.43
C PHE D 216 -9.94 -12.36 42.76
N LYS D 217 -9.89 -11.56 43.83
CA LYS D 217 -10.56 -11.88 45.07
C LYS D 217 -11.35 -10.69 45.53
N ASP D 218 -12.58 -10.94 45.93
CA ASP D 218 -13.41 -9.95 46.56
C ASP D 218 -13.66 -8.74 45.68
N GLY D 219 -13.35 -8.88 44.39
CA GLY D 219 -13.73 -7.89 43.38
C GLY D 219 -12.69 -6.80 43.23
N LYS D 220 -11.58 -7.00 43.96
CA LYS D 220 -10.59 -5.94 44.16
C LYS D 220 -9.58 -5.79 43.03
N LEU D 221 -8.92 -4.65 43.08
CA LEU D 221 -7.82 -4.31 42.21
C LEU D 221 -6.51 -4.64 42.95
N LYS D 222 -5.50 -5.13 42.24
CA LYS D 222 -4.20 -5.34 42.82
C LYS D 222 -3.66 -4.03 43.43
N TYR D 223 -2.87 -4.17 44.48
CA TYR D 223 -2.21 -3.03 45.10
C TYR D 223 -0.98 -3.52 45.85
N GLN D 224 -0.16 -2.57 46.29
CA GLN D 224 0.99 -2.88 47.13
C GLN D 224 0.95 -1.99 48.36
N VAL D 225 1.67 -2.39 49.40
CA VAL D 225 1.74 -1.61 50.63
C VAL D 225 3.18 -1.17 50.83
N ILE D 226 3.37 0.15 50.89
CA ILE D 226 4.68 0.76 51.07
C ILE D 226 4.63 1.67 52.28
N GLY D 227 5.47 1.38 53.27
CA GLY D 227 5.47 2.16 54.49
C GLY D 227 4.09 2.21 55.14
N GLY D 228 3.37 1.09 55.03
CA GLY D 228 2.05 0.99 55.63
C GLY D 228 0.94 1.60 54.80
N GLU D 229 1.27 2.11 53.63
CA GLU D 229 0.29 2.82 52.80
C GLU D 229 0.00 2.06 51.51
N VAL D 230 -1.26 2.10 51.09
CA VAL D 230 -1.67 1.41 49.87
C VAL D 230 -1.41 2.22 48.61
N TYR D 231 -0.65 1.62 47.69
CA TYR D 231 -0.35 2.22 46.40
C TYR D 231 -0.64 1.27 45.27
N PRO D 232 -0.73 1.79 44.02
CA PRO D 232 -0.94 0.89 42.91
C PRO D 232 0.19 -0.12 42.80
N PRO D 233 -0.07 -1.25 42.12
CA PRO D 233 0.96 -2.25 41.94
C PRO D 233 1.99 -1.80 40.90
N THR D 234 3.00 -2.61 40.67
CA THR D 234 4.07 -2.25 39.75
C THR D 234 3.85 -2.86 38.39
N VAL D 235 4.52 -2.28 37.39
CA VAL D 235 4.53 -2.86 36.05
C VAL D 235 5.17 -4.25 36.09
N LYS D 236 6.15 -4.41 36.97
CA LYS D 236 6.87 -5.68 37.06
C LYS D 236 5.96 -6.79 37.55
N ASP D 237 5.11 -6.46 38.50
CA ASP D 237 4.19 -7.43 39.08
C ASP D 237 3.04 -7.74 38.13
N THR D 238 2.58 -6.74 37.36
CA THR D 238 1.32 -6.90 36.63
C THR D 238 1.48 -7.11 35.12
N GLN D 239 2.60 -6.64 34.58
CA GLN D 239 2.83 -6.66 33.14
C GLN D 239 1.96 -5.70 32.36
N VAL D 240 1.37 -4.72 33.02
CA VAL D 240 0.58 -3.75 32.27
C VAL D 240 1.50 -2.67 31.75
N GLU D 241 1.27 -2.30 30.50
CA GLU D 241 2.09 -1.32 29.83
C GLU D 241 1.83 0.07 30.40
N MET D 242 2.91 0.75 30.73
CA MET D 242 2.87 2.12 31.21
C MET D 242 3.93 2.90 30.46
N ILE D 243 3.73 4.19 30.33
CA ILE D 243 4.75 5.06 29.74
C ILE D 243 5.60 5.69 30.82
N TYR D 244 6.87 5.30 30.84
CA TYR D 244 7.84 5.79 31.79
C TYR D 244 9.17 6.00 31.08
N PRO D 245 9.89 7.07 31.43
CA PRO D 245 11.24 7.23 30.89
C PRO D 245 12.12 6.08 31.37
N PRO D 246 13.15 5.73 30.59
CA PRO D 246 13.96 4.55 30.85
C PRO D 246 14.73 4.57 32.16
N HIS D 247 14.84 5.73 32.79
CA HIS D 247 15.60 5.83 34.01
C HIS D 247 14.77 5.54 35.25
N ILE D 248 13.47 5.35 35.07
CA ILE D 248 12.62 5.05 36.23
C ILE D 248 12.81 3.61 36.67
N PRO D 249 13.22 3.41 37.94
CA PRO D 249 13.36 2.08 38.53
C PRO D 249 12.03 1.34 38.63
N GLU D 250 12.07 0.05 38.29
CA GLU D 250 10.86 -0.75 38.14
C GLU D 250 9.95 -0.71 39.36
N ASN D 251 10.51 -0.40 40.52
CA ASN D 251 9.75 -0.46 41.76
C ASN D 251 9.00 0.83 41.94
N LEU D 252 9.25 1.75 41.01
CA LEU D 252 8.60 3.05 41.03
C LEU D 252 7.71 3.20 39.82
N GLN D 253 7.69 2.16 38.99
CA GLN D 253 6.78 2.14 37.84
C GLN D 253 5.41 1.62 38.27
N PHE D 254 4.59 2.53 38.78
CA PHE D 254 3.23 2.19 39.18
C PHE D 254 2.37 1.91 37.96
N ALA D 255 1.54 0.87 38.08
CA ALA D 255 0.66 0.44 37.02
C ALA D 255 -0.78 0.81 37.38
N VAL D 256 -1.40 1.59 36.49
CA VAL D 256 -2.80 1.99 36.65
C VAL D 256 -3.55 1.95 35.33
N GLY D 257 -4.84 2.19 35.40
CA GLY D 257 -5.72 2.06 34.22
C GLY D 257 -5.22 2.82 33.01
N GLN D 258 -4.78 4.05 33.25
CA GLN D 258 -4.35 4.97 32.18
C GLN D 258 -2.83 4.99 32.06
N GLU D 259 -2.33 4.58 30.90
CA GLU D 259 -0.90 4.34 30.69
C GLU D 259 -0.06 5.60 30.86
N VAL D 260 -0.69 6.76 30.85
CA VAL D 260 0.07 8.01 30.92
C VAL D 260 0.12 8.62 32.31
N PHE D 261 -0.53 8.00 33.28
CA PHE D 261 -0.74 8.62 34.59
C PHE D 261 0.53 8.64 35.49
N GLY D 262 1.59 7.98 35.07
CA GLY D 262 2.82 7.92 35.87
C GLY D 262 3.68 9.17 35.63
N LEU D 263 3.19 10.02 34.76
CA LEU D 263 3.97 11.10 34.21
C LEU D 263 3.89 12.35 35.11
N VAL D 264 2.89 12.37 35.97
CA VAL D 264 2.68 13.48 36.91
C VAL D 264 2.21 12.92 38.24
N PRO D 265 2.94 13.21 39.33
CA PRO D 265 2.60 12.75 40.67
C PRO D 265 1.19 13.16 41.09
N GLY D 266 0.69 14.27 40.58
CA GLY D 266 -0.68 14.70 40.87
C GLY D 266 -1.72 13.77 40.28
N LEU D 267 -1.41 13.19 39.12
CA LEU D 267 -2.23 12.16 38.51
C LEU D 267 -2.20 10.89 39.33
N MET D 268 -0.99 10.49 39.73
CA MET D 268 -0.80 9.25 40.49
C MET D 268 -1.46 9.35 41.85
N MET D 269 -1.58 10.57 42.35
CA MET D 269 -2.28 10.82 43.61
C MET D 269 -3.74 10.41 43.47
N TYR D 270 -4.38 10.89 42.42
CA TYR D 270 -5.79 10.58 42.20
C TYR D 270 -5.99 9.12 41.79
N ALA D 271 -5.02 8.56 41.08
CA ALA D 271 -5.06 7.17 40.70
C ALA D 271 -5.11 6.30 41.94
N THR D 272 -4.34 6.70 42.95
CA THR D 272 -4.21 5.97 44.20
C THR D 272 -5.48 6.13 45.03
N ILE D 273 -5.98 7.35 45.10
CA ILE D 273 -7.22 7.60 45.84
C ILE D 273 -8.38 6.75 45.28
N TRP D 274 -8.52 6.69 43.96
CA TRP D 274 -9.63 5.97 43.36
C TRP D 274 -9.43 4.45 43.49
N LEU D 275 -8.19 4.00 43.37
CA LEU D 275 -7.91 2.58 43.58
C LEU D 275 -8.40 2.17 44.98
N ARG D 276 -8.05 2.98 45.96
CA ARG D 276 -8.49 2.75 47.33
C ARG D 276 -10.02 2.73 47.46
N GLU D 277 -10.66 3.69 46.79
CA GLU D 277 -12.12 3.80 46.83
C GLU D 277 -12.78 2.54 46.29
N HIS D 278 -12.21 2.00 45.21
CA HIS D 278 -12.75 0.79 44.63
C HIS D 278 -12.70 -0.38 45.61
N ASN D 279 -11.54 -0.62 46.21
CA ASN D 279 -11.38 -1.72 47.14
C ASN D 279 -12.22 -1.50 48.40
N ARG D 280 -12.40 -0.25 48.76
CA ARG D 280 -13.24 0.16 49.88
C ARG D 280 -14.70 -0.23 49.61
N VAL D 281 -15.18 0.09 48.42
CA VAL D 281 -16.55 -0.22 48.05
C VAL D 281 -16.73 -1.75 47.94
N CYS D 282 -15.67 -2.44 47.52
CA CYS D 282 -15.68 -3.91 47.51
C CYS D 282 -15.94 -4.48 48.91
N ASP D 283 -15.27 -3.92 49.91
CA ASP D 283 -15.45 -4.39 51.29
C ASP D 283 -16.89 -4.16 51.74
N ILE D 284 -17.45 -3.03 51.36
CA ILE D 284 -18.80 -2.69 51.76
C ILE D 284 -19.77 -3.68 51.13
N LEU D 285 -19.61 -3.94 49.83
CA LEU D 285 -20.51 -4.83 49.11
C LEU D 285 -20.42 -6.28 49.61
N LYS D 286 -19.22 -6.73 49.94
CA LYS D 286 -19.01 -8.11 50.39
C LYS D 286 -19.75 -8.32 51.69
N GLN D 287 -19.75 -7.27 52.50
CA GLN D 287 -20.45 -7.25 53.77
C GLN D 287 -21.95 -7.34 53.56
N GLU D 288 -22.44 -6.69 52.50
CA GLU D 288 -23.87 -6.74 52.18
C GLU D 288 -24.22 -8.03 51.45
N HIS D 289 -23.24 -8.59 50.76
CA HIS D 289 -23.45 -9.76 49.90
C HIS D 289 -22.36 -10.81 50.08
N PRO D 290 -22.39 -11.52 51.20
CA PRO D 290 -21.41 -12.60 51.37
C PRO D 290 -21.57 -13.70 50.32
N GLU D 291 -22.73 -13.74 49.66
CA GLU D 291 -23.01 -14.75 48.59
C GLU D 291 -22.37 -14.42 47.27
N TRP D 292 -21.90 -13.19 47.13
CA TRP D 292 -21.43 -12.71 45.84
C TRP D 292 -20.02 -13.18 45.57
N GLY D 293 -19.72 -13.38 44.28
CA GLY D 293 -18.37 -13.72 43.85
C GLY D 293 -17.55 -12.49 43.46
N ASP D 294 -16.29 -12.73 43.14
CA ASP D 294 -15.36 -11.69 42.71
C ASP D 294 -15.86 -10.87 41.52
N GLU D 295 -16.37 -11.53 40.46
CA GLU D 295 -16.83 -10.79 39.26
C GLU D 295 -17.87 -9.76 39.62
N GLN D 296 -18.87 -10.21 40.37
CA GLN D 296 -20.02 -9.36 40.66
C GLN D 296 -19.64 -8.22 41.57
N LEU D 297 -18.71 -8.49 42.49
CA LEU D 297 -18.20 -7.47 43.39
C LEU D 297 -17.42 -6.42 42.59
N PHE D 298 -16.60 -6.90 41.65
CA PHE D 298 -15.83 -5.99 40.83
C PHE D 298 -16.72 -5.13 39.96
N GLN D 299 -17.67 -5.76 39.27
CA GLN D 299 -18.51 -5.05 38.31
C GLN D 299 -19.42 -4.04 39.02
N THR D 300 -19.97 -4.44 40.15
CA THR D 300 -20.89 -3.57 40.87
C THR D 300 -20.15 -2.34 41.44
N SER D 301 -18.95 -2.58 41.98
CA SER D 301 -18.12 -1.50 42.48
C SER D 301 -17.79 -0.50 41.37
N ARG D 302 -17.43 -1.00 40.19
CA ARG D 302 -17.14 -0.11 39.06
C ARG D 302 -18.35 0.79 38.75
N LEU D 303 -19.54 0.21 38.77
CA LEU D 303 -20.75 0.98 38.50
C LEU D 303 -20.96 2.06 39.57
N ILE D 304 -20.68 1.70 40.81
CA ILE D 304 -20.81 2.64 41.93
C ILE D 304 -19.81 3.79 41.77
N LEU D 305 -18.55 3.48 41.43
CA LEU D 305 -17.55 4.53 41.23
C LEU D 305 -17.87 5.45 40.05
N ILE D 306 -18.47 4.90 39.02
CA ILE D 306 -18.93 5.73 37.91
C ILE D 306 -19.92 6.75 38.43
N GLY D 307 -20.86 6.28 39.27
CA GLY D 307 -21.87 7.14 39.87
C GLY D 307 -21.26 8.20 40.78
N GLU D 308 -20.32 7.79 41.62
CA GLU D 308 -19.64 8.75 42.51
C GLU D 308 -18.95 9.82 41.67
N THR D 309 -18.37 9.40 40.57
CA THR D 309 -17.58 10.29 39.73
C THR D 309 -18.49 11.38 39.15
N ILE D 310 -19.62 10.97 38.60
CA ILE D 310 -20.55 11.90 37.99
C ILE D 310 -21.12 12.82 39.06
N LYS D 311 -21.41 12.26 40.23
CA LYS D 311 -21.92 13.01 41.37
C LYS D 311 -20.97 14.15 41.77
N ILE D 312 -19.70 13.80 41.91
CA ILE D 312 -18.69 14.73 42.33
C ILE D 312 -18.43 15.78 41.26
N VAL D 313 -18.42 15.34 40.00
CA VAL D 313 -18.16 16.25 38.89
C VAL D 313 -19.24 17.35 38.82
N ILE D 314 -20.49 16.98 38.98
CA ILE D 314 -21.56 17.97 38.91
C ILE D 314 -21.61 18.85 40.16
N GLU D 315 -21.65 18.21 41.33
CA GLU D 315 -21.98 18.93 42.56
C GLU D 315 -20.80 19.61 43.29
N ASP D 316 -19.59 19.18 42.98
CA ASP D 316 -18.38 19.80 43.53
C ASP D 316 -17.57 20.50 42.45
N TYR D 317 -17.21 19.76 41.43
CA TYR D 317 -16.29 20.24 40.40
C TYR D 317 -16.95 21.34 39.55
N VAL D 318 -18.06 21.02 38.88
CA VAL D 318 -18.74 22.01 38.05
C VAL D 318 -19.38 23.11 38.94
N GLN D 319 -19.76 22.73 40.15
CA GLN D 319 -20.32 23.70 41.08
C GLN D 319 -19.30 24.80 41.34
N HIS D 320 -18.07 24.41 41.62
CA HIS D 320 -16.99 25.38 41.87
C HIS D 320 -16.71 26.25 40.65
N LEU D 321 -16.61 25.60 39.49
CA LEU D 321 -16.25 26.27 38.25
C LEU D 321 -17.31 27.32 37.85
N SER D 322 -18.56 26.96 38.09
CA SER D 322 -19.66 27.81 37.68
C SER D 322 -19.72 29.13 38.45
N GLY D 323 -19.34 29.10 39.72
CA GLY D 323 -19.57 30.24 40.61
C GLY D 323 -21.05 30.48 40.91
N TYR D 324 -21.90 29.53 40.56
CA TYR D 324 -23.32 29.72 40.79
C TYR D 324 -23.64 29.68 42.28
N HIS D 325 -24.63 30.49 42.68
CA HIS D 325 -25.19 30.40 44.02
C HIS D 325 -26.25 29.32 44.04
N PHE D 326 -26.80 29.02 42.86
CA PHE D 326 -27.69 27.87 42.72
C PHE D 326 -26.88 26.59 42.92
N LYS D 327 -27.45 25.66 43.69
CA LYS D 327 -26.79 24.42 44.05
C LYS D 327 -27.14 23.33 43.05
N LEU D 328 -26.19 23.03 42.17
CA LEU D 328 -26.37 22.03 41.12
C LEU D 328 -26.66 20.68 41.74
N LYS D 329 -27.38 19.83 41.00
CA LYS D 329 -27.76 18.52 41.52
C LYS D 329 -27.52 17.40 40.51
N PHE D 330 -26.95 16.28 40.99
CA PHE D 330 -26.89 15.06 40.19
C PHE D 330 -28.13 14.20 40.48
N ASP D 331 -29.07 14.23 39.53
CA ASP D 331 -30.33 13.52 39.70
C ASP D 331 -30.88 13.07 38.35
N PRO D 332 -30.55 11.84 37.95
CA PRO D 332 -31.05 11.26 36.70
C PRO D 332 -32.57 11.38 36.49
N GLU D 333 -33.33 11.26 37.57
CA GLU D 333 -34.79 11.26 37.48
C GLU D 333 -35.33 12.54 36.83
N LEU D 334 -34.57 13.63 36.92
CA LEU D 334 -34.98 14.90 36.34
C LEU D 334 -35.19 14.82 34.83
N LEU D 335 -34.60 13.80 34.20
CA LEU D 335 -34.66 13.69 32.75
C LEU D 335 -35.68 12.66 32.31
N PHE D 336 -36.25 11.93 33.25
CA PHE D 336 -37.11 10.77 32.93
C PHE D 336 -38.41 11.09 32.17
N ASN D 337 -38.93 12.31 32.33
CA ASN D 337 -40.13 12.74 31.62
C ASN D 337 -39.74 13.69 30.50
N GLN D 338 -38.49 13.60 30.08
CA GLN D 338 -37.94 14.54 29.13
C GLN D 338 -37.39 13.78 27.91
N GLN D 339 -37.31 14.45 26.76
CA GLN D 339 -36.65 13.86 25.60
C GLN D 339 -35.13 14.01 25.76
N PHE D 340 -34.41 12.89 25.72
CA PHE D 340 -32.99 12.89 25.99
C PHE D 340 -32.39 11.60 25.50
N GLN D 341 -31.24 11.70 24.83
CA GLN D 341 -30.55 10.53 24.31
C GLN D 341 -29.47 10.05 25.27
N TYR D 342 -29.65 8.84 25.80
CA TYR D 342 -28.65 8.23 26.66
C TYR D 342 -27.50 7.65 25.85
N GLN D 343 -26.73 8.57 25.26
CA GLN D 343 -25.53 8.25 24.52
C GLN D 343 -24.72 9.53 24.33
N ASN D 344 -23.48 9.33 23.91
CA ASN D 344 -22.56 10.44 23.72
C ASN D 344 -21.37 10.02 22.88
N ARG D 345 -20.84 10.99 22.15
CA ARG D 345 -19.64 10.83 21.37
C ARG D 345 -18.75 12.04 21.70
N ILE D 346 -17.51 11.78 22.09
CA ILE D 346 -16.61 12.87 22.46
C ILE D 346 -16.25 13.75 21.26
N ALA D 347 -16.51 15.04 21.41
CA ALA D 347 -16.18 16.05 20.41
C ALA D 347 -14.72 16.50 20.46
N SER D 348 -14.12 16.61 19.28
CA SER D 348 -12.79 17.16 19.13
C SER D 348 -12.68 18.53 19.80
N GLU D 349 -13.69 19.35 19.58
CA GLU D 349 -13.69 20.72 20.09
C GLU D 349 -13.75 20.78 21.61
N PHE D 350 -14.40 19.79 22.21
CA PHE D 350 -14.44 19.68 23.67
C PHE D 350 -13.04 19.42 24.18
N ASN D 351 -12.32 18.54 23.50
CA ASN D 351 -10.94 18.24 23.82
C ASN D 351 -10.09 19.51 23.71
N THR D 352 -10.25 20.22 22.59
CA THR D 352 -9.45 21.39 22.32
C THR D 352 -9.65 22.42 23.40
N LEU D 353 -10.90 22.67 23.76
CA LEU D 353 -11.20 23.73 24.70
C LEU D 353 -10.73 23.40 26.11
N TYR D 354 -10.52 22.12 26.37
CA TYR D 354 -10.19 21.64 27.71
C TYR D 354 -8.68 21.64 27.97
N HIS D 355 -7.92 22.21 27.05
CA HIS D 355 -6.48 22.36 27.27
C HIS D 355 -6.21 23.51 28.23
N TRP D 356 -6.41 23.23 29.51
CA TRP D 356 -6.40 24.25 30.55
C TRP D 356 -5.04 24.35 31.25
N HIS D 357 -3.98 24.36 30.46
CA HIS D 357 -2.63 24.36 31.01
C HIS D 357 -2.26 25.62 31.81
N PRO D 358 -2.92 26.77 31.53
CA PRO D 358 -2.69 27.95 32.39
C PRO D 358 -3.00 27.70 33.87
N LEU D 359 -3.69 26.60 34.17
CA LEU D 359 -3.96 26.22 35.56
C LEU D 359 -2.66 25.95 36.30
N LEU D 360 -1.66 25.51 35.57
CA LEU D 360 -0.42 25.01 36.16
C LEU D 360 0.37 26.17 36.75
N PRO D 361 0.91 25.96 37.96
CA PRO D 361 1.76 26.92 38.63
C PRO D 361 3.18 26.89 38.08
N ASP D 362 4.02 27.83 38.51
CA ASP D 362 5.43 27.87 38.09
C ASP D 362 6.22 26.78 38.80
N THR D 363 5.81 26.47 40.03
CA THR D 363 6.37 25.35 40.77
C THR D 363 5.27 24.61 41.53
N PHE D 364 5.51 23.34 41.83
CA PHE D 364 4.57 22.54 42.59
C PHE D 364 5.03 22.46 44.04
N ASN D 365 4.22 23.01 44.93
CA ASN D 365 4.64 23.22 46.30
C ASN D 365 4.03 22.22 47.26
N ILE D 366 4.85 21.26 47.67
CA ILE D 366 4.44 20.22 48.60
C ILE D 366 5.24 20.30 49.88
N GLU D 367 4.55 20.54 50.98
CA GLU D 367 5.19 20.78 52.27
C GLU D 367 6.14 21.96 52.18
N ASP D 368 7.41 21.72 52.48
CA ASP D 368 8.42 22.79 52.46
C ASP D 368 9.11 22.89 51.11
N GLN D 369 8.81 21.94 50.23
CA GLN D 369 9.46 21.87 48.92
C GLN D 369 8.71 22.65 47.85
N GLU D 370 9.45 23.15 46.88
CA GLU D 370 8.90 23.78 45.69
C GLU D 370 9.54 23.14 44.47
N TYR D 371 8.85 22.20 43.85
CA TYR D 371 9.44 21.46 42.74
C TYR D 371 9.22 22.15 41.41
N SER D 372 10.25 22.11 40.59
CA SER D 372 10.18 22.60 39.22
C SER D 372 9.48 21.53 38.36
N PHE D 373 9.05 21.93 37.17
CA PHE D 373 8.46 20.95 36.26
C PHE D 373 9.41 19.79 36.08
N LYS D 374 10.66 20.12 35.79
CA LYS D 374 11.70 19.13 35.55
C LYS D 374 11.75 18.11 36.68
N GLN D 375 11.64 18.59 37.92
CA GLN D 375 11.74 17.71 39.07
C GLN D 375 10.42 16.97 39.30
N PHE D 376 9.32 17.60 38.90
CA PHE D 376 8.01 17.05 39.22
C PHE D 376 7.62 15.93 38.27
N LEU D 377 7.89 16.12 36.98
CA LEU D 377 7.49 15.14 35.97
C LEU D 377 8.12 13.77 36.18
N TYR D 378 7.30 12.75 35.95
CA TYR D 378 7.68 11.35 36.07
C TYR D 378 8.38 11.04 37.37
N ASN D 379 8.06 11.77 38.44
CA ASN D 379 8.76 11.58 39.71
C ASN D 379 7.84 11.13 40.82
N ASN D 380 7.57 9.83 40.85
CA ASN D 380 6.70 9.25 41.88
C ASN D 380 7.35 9.13 43.26
N SER D 381 8.67 9.35 43.36
CA SER D 381 9.36 9.37 44.67
C SER D 381 8.77 10.48 45.51
N ILE D 382 8.37 11.55 44.84
CA ILE D 382 7.86 12.72 45.57
C ILE D 382 6.59 12.29 46.28
N LEU D 383 5.78 11.51 45.59
CA LEU D 383 4.54 11.03 46.18
C LEU D 383 4.86 10.12 47.37
N LEU D 384 5.80 9.19 47.18
CA LEU D 384 6.19 8.26 48.25
C LEU D 384 6.83 9.04 49.39
N GLU D 385 7.54 10.08 49.02
CA GLU D 385 8.26 10.91 49.96
C GLU D 385 7.29 11.55 50.97
N HIS D 386 6.31 12.28 50.47
CA HIS D 386 5.47 13.10 51.33
C HIS D 386 4.21 12.36 51.72
N GLY D 387 3.79 11.41 50.88
CA GLY D 387 2.57 10.68 51.14
C GLY D 387 1.31 11.43 50.71
N LEU D 388 0.20 10.69 50.62
CA LEU D 388 -1.08 11.21 50.15
C LEU D 388 -1.63 12.35 51.00
N THR D 389 -1.58 12.19 52.33
CA THR D 389 -2.14 13.19 53.24
C THR D 389 -1.51 14.56 52.99
N GLN D 390 -0.18 14.57 52.90
CA GLN D 390 0.57 15.80 52.66
C GLN D 390 0.29 16.38 51.25
N PHE D 391 0.16 15.50 50.27
CA PHE D 391 -0.20 15.94 48.91
C PHE D 391 -1.55 16.66 48.94
N VAL D 392 -2.53 16.05 49.60
CA VAL D 392 -3.87 16.66 49.67
C VAL D 392 -3.82 18.01 50.38
N GLU D 393 -3.16 18.05 51.53
CA GLU D 393 -3.05 19.26 52.31
C GLU D 393 -2.40 20.38 51.51
N SER D 394 -1.29 20.08 50.86
CA SER D 394 -0.52 21.06 50.11
C SER D 394 -1.29 21.54 48.87
N PHE D 395 -1.81 20.58 48.12
CA PHE D 395 -2.48 20.90 46.88
C PHE D 395 -3.77 21.63 47.10
N THR D 396 -4.36 21.44 48.28
CA THR D 396 -5.58 22.17 48.66
C THR D 396 -5.25 23.65 48.95
N ARG D 397 -4.01 23.89 49.37
CA ARG D 397 -3.55 25.25 49.70
C ARG D 397 -2.95 26.00 48.52
N GLN D 398 -2.46 25.30 47.51
CA GLN D 398 -1.79 25.97 46.40
C GLN D 398 -2.78 26.41 45.33
N ILE D 399 -2.78 27.70 45.04
CA ILE D 399 -3.68 28.27 44.05
C ILE D 399 -3.21 27.95 42.64
N ALA D 400 -4.21 27.81 41.76
CA ALA D 400 -4.01 27.50 40.35
C ALA D 400 -4.11 28.78 39.55
N GLY D 401 -3.62 28.75 38.31
CA GLY D 401 -3.67 29.90 37.42
C GLY D 401 -5.02 30.14 36.80
N ARG D 402 -5.27 31.41 36.45
CA ARG D 402 -6.43 31.77 35.65
C ARG D 402 -6.28 31.26 34.21
N VAL D 403 -7.37 30.78 33.62
CA VAL D 403 -7.31 30.20 32.27
C VAL D 403 -7.59 31.21 31.14
N ALA D 404 -8.73 31.88 31.16
CA ALA D 404 -8.99 32.95 30.19
C ALA D 404 -8.23 34.21 30.62
N GLY D 405 -8.34 35.28 29.83
CA GLY D 405 -7.70 36.53 30.22
C GLY D 405 -6.33 36.77 29.60
N GLY D 406 -5.73 35.74 29.03
CA GLY D 406 -4.48 35.91 28.28
C GLY D 406 -3.19 35.72 29.06
N ARG D 407 -2.14 35.42 28.30
CA ARG D 407 -0.77 35.34 28.79
C ARG D 407 -0.57 34.64 30.13
N ASN D 408 -1.08 33.41 30.25
CA ASN D 408 -0.87 32.63 31.46
C ASN D 408 -0.55 31.16 31.21
N VAL D 409 -0.10 30.84 30.00
CA VAL D 409 0.38 29.50 29.69
C VAL D 409 1.83 29.36 30.16
N PRO D 410 2.12 28.38 31.03
CA PRO D 410 3.48 28.19 31.56
C PRO D 410 4.44 27.88 30.43
N ILE D 411 5.62 28.46 30.49
CA ILE D 411 6.63 28.30 29.44
C ILE D 411 7.03 26.85 29.31
N ALA D 412 7.04 26.14 30.44
CA ALA D 412 7.45 24.74 30.50
C ALA D 412 6.65 23.88 29.55
N VAL D 413 5.47 24.38 29.17
CA VAL D 413 4.52 23.59 28.42
C VAL D 413 4.11 24.33 27.12
N GLN D 414 4.99 25.22 26.67
CA GLN D 414 4.72 26.01 25.47
C GLN D 414 4.57 25.16 24.22
N ALA D 415 5.26 24.03 24.14
CA ALA D 415 5.15 23.15 22.97
C ALA D 415 3.73 22.59 22.85
N VAL D 416 3.11 22.35 23.99
CA VAL D 416 1.77 21.80 24.03
C VAL D 416 0.78 22.84 23.51
N ALA D 417 0.95 24.10 23.94
CA ALA D 417 0.09 25.18 23.46
C ALA D 417 0.26 25.40 21.96
N LYS D 418 1.48 25.32 21.46
CA LYS D 418 1.70 25.53 20.04
C LYS D 418 1.01 24.41 19.25
N ALA D 419 1.14 23.19 19.76
CA ALA D 419 0.52 22.02 19.10
C ALA D 419 -1.00 22.13 19.10
N SER D 420 -1.59 22.72 20.14
CA SER D 420 -3.03 22.90 20.16
C SER D 420 -3.43 23.79 19.00
N ILE D 421 -2.63 24.81 18.74
CA ILE D 421 -2.89 25.73 17.65
C ILE D 421 -2.71 25.00 16.32
N ASP D 422 -1.56 24.35 16.17
CA ASP D 422 -1.21 23.74 14.91
C ASP D 422 -2.16 22.59 14.55
N GLN D 423 -2.58 21.82 15.55
CA GLN D 423 -3.43 20.67 15.30
C GLN D 423 -4.86 21.07 15.02
N SER D 424 -5.30 22.16 15.62
CA SER D 424 -6.61 22.72 15.30
C SER D 424 -6.69 23.01 13.82
N ARG D 425 -5.64 23.61 13.31
CA ARG D 425 -5.58 23.99 11.91
C ARG D 425 -5.49 22.74 11.05
N GLU D 426 -4.71 21.80 11.54
CA GLU D 426 -4.54 20.53 10.85
C GLU D 426 -5.89 19.83 10.67
N MET D 427 -6.75 20.00 11.66
CA MET D 427 -8.08 19.40 11.66
C MET D 427 -9.12 20.31 10.99
N LYS D 428 -8.64 21.39 10.40
CA LYS D 428 -9.47 22.32 9.61
C LYS D 428 -10.65 22.88 10.39
N TYR D 429 -10.38 23.34 11.61
CA TYR D 429 -11.40 23.99 12.45
C TYR D 429 -11.89 25.26 11.77
N GLN D 430 -13.21 25.49 11.84
CA GLN D 430 -13.76 26.79 11.49
C GLN D 430 -13.37 27.84 12.55
N SER D 431 -13.72 29.09 12.29
CA SER D 431 -13.26 30.20 13.12
C SER D 431 -13.98 30.26 14.46
N LEU D 432 -13.46 31.09 15.35
CA LEU D 432 -14.08 31.35 16.65
C LEU D 432 -15.52 31.78 16.48
N ASN D 433 -15.77 32.72 15.57
CA ASN D 433 -17.11 33.29 15.41
C ASN D 433 -18.12 32.31 14.85
N GLU D 434 -17.67 31.40 13.98
CA GLU D 434 -18.54 30.32 13.50
C GLU D 434 -18.96 29.43 14.68
N TYR D 435 -18.00 29.13 15.53
CA TYR D 435 -18.29 28.33 16.72
C TYR D 435 -19.21 29.09 17.67
N ARG D 436 -19.02 30.40 17.75
CA ARG D 436 -19.90 31.22 18.59
C ARG D 436 -21.33 31.14 18.10
N LYS D 437 -21.52 31.30 16.80
CA LYS D 437 -22.86 31.20 16.23
C LYS D 437 -23.41 29.80 16.51
N ARG D 438 -22.56 28.80 16.33
CA ARG D 438 -22.97 27.41 16.45
C ARG D 438 -23.55 27.16 17.84
N PHE D 439 -23.10 27.94 18.82
CA PHE D 439 -23.61 27.77 20.18
C PHE D 439 -24.45 28.97 20.65
N SER D 440 -25.11 29.60 19.69
CA SER D 440 -26.10 30.64 19.93
C SER D 440 -25.53 31.87 20.64
N LEU D 441 -24.28 32.19 20.32
CA LEU D 441 -23.63 33.38 20.87
C LEU D 441 -23.38 34.38 19.76
N LYS D 442 -23.31 35.65 20.14
CA LYS D 442 -23.12 36.73 19.18
C LYS D 442 -21.67 36.75 18.73
N PRO D 443 -21.44 36.79 17.40
CA PRO D 443 -20.09 36.95 16.89
C PRO D 443 -19.43 38.19 17.46
N TYR D 444 -18.13 38.08 17.78
CA TYR D 444 -17.35 39.24 18.23
C TYR D 444 -17.10 40.12 17.03
N THR D 445 -17.19 41.44 17.23
CA THR D 445 -17.09 42.41 16.15
C THR D 445 -15.74 43.10 16.12
N SER D 446 -14.93 42.85 17.15
CA SER D 446 -13.57 43.35 17.20
C SER D 446 -12.72 42.52 18.17
N PHE D 447 -11.39 42.61 18.03
CA PHE D 447 -10.48 41.91 18.94
C PHE D 447 -10.58 42.48 20.34
N GLU D 448 -10.87 43.77 20.42
CA GLU D 448 -11.00 44.44 21.72
C GLU D 448 -12.23 43.95 22.45
N GLU D 449 -13.29 43.65 21.71
CA GLU D 449 -14.48 43.07 22.30
C GLU D 449 -14.15 41.70 22.86
N LEU D 450 -13.30 40.96 22.16
CA LEU D 450 -12.91 39.61 22.58
C LEU D 450 -12.13 39.61 23.90
N THR D 451 -11.11 40.45 23.98
CA THR D 451 -10.18 40.45 25.11
C THR D 451 -10.64 41.38 26.23
N GLY D 452 -11.41 42.41 25.87
CA GLY D 452 -11.86 43.39 26.85
C GLY D 452 -10.73 44.32 27.27
N GLU D 453 -9.64 44.29 26.50
CA GLU D 453 -8.52 45.19 26.72
C GLU D 453 -7.95 45.65 25.37
N LYS D 454 -6.80 46.31 25.39
CA LYS D 454 -6.27 46.97 24.20
C LYS D 454 -5.00 46.37 23.66
N GLU D 455 -4.11 45.93 24.54
CA GLU D 455 -2.76 45.54 24.13
C GLU D 455 -2.71 44.22 23.37
N MET D 456 -3.26 43.17 23.97
CA MET D 456 -3.33 41.88 23.31
C MET D 456 -4.22 41.96 22.08
N ALA D 457 -5.29 42.74 22.20
CA ALA D 457 -6.22 42.97 21.09
C ALA D 457 -5.48 43.49 19.87
N ALA D 458 -4.57 44.45 20.10
CA ALA D 458 -3.82 45.08 19.02
C ALA D 458 -2.85 44.09 18.39
N GLU D 459 -2.22 43.28 19.23
CA GLU D 459 -1.32 42.24 18.72
C GLU D 459 -2.08 41.25 17.86
N LEU D 460 -3.25 40.82 18.33
CA LEU D 460 -4.06 39.87 17.59
C LEU D 460 -4.53 40.49 16.28
N LYS D 461 -4.90 41.77 16.34
CA LYS D 461 -5.41 42.43 15.16
C LYS D 461 -4.33 42.51 14.08
N ALA D 462 -3.09 42.81 14.50
CA ALA D 462 -1.97 42.88 13.56
C ALA D 462 -1.68 41.50 12.97
N LEU D 463 -1.96 40.46 13.74
CA LEU D 463 -1.70 39.09 13.29
C LEU D 463 -2.79 38.55 12.36
N TYR D 464 -4.05 38.77 12.74
CA TYR D 464 -5.18 38.15 12.05
C TYR D 464 -5.92 39.10 11.10
N SER D 465 -5.81 40.40 11.36
CA SER D 465 -6.45 41.44 10.52
C SER D 465 -7.96 41.49 10.70
N ASP D 466 -8.61 40.32 10.61
CA ASP D 466 -10.08 40.21 10.64
C ASP D 466 -10.52 39.37 11.83
N ILE D 467 -11.47 39.89 12.60
CA ILE D 467 -11.96 39.17 13.78
C ILE D 467 -12.61 37.82 13.37
N ASP D 468 -13.21 37.81 12.18
CA ASP D 468 -13.93 36.65 11.69
C ASP D 468 -12.96 35.54 11.28
N VAL D 469 -11.67 35.84 11.37
CA VAL D 469 -10.61 34.89 11.01
C VAL D 469 -9.90 34.37 12.29
N MET D 470 -10.24 34.97 13.42
CA MET D 470 -9.67 34.55 14.70
C MET D 470 -9.99 33.08 15.00
N GLU D 471 -9.04 32.40 15.64
CA GLU D 471 -9.16 30.97 15.92
C GLU D 471 -9.72 30.69 17.32
N LEU D 472 -10.45 29.58 17.42
CA LEU D 472 -11.14 29.19 18.65
C LEU D 472 -10.19 29.03 19.83
N TYR D 473 -9.16 28.21 19.67
CA TYR D 473 -8.32 27.85 20.82
C TYR D 473 -7.60 29.04 21.45
N PRO D 474 -6.84 29.81 20.64
CA PRO D 474 -6.18 31.00 21.20
C PRO D 474 -7.22 31.97 21.80
N ALA D 475 -8.37 32.05 21.17
CA ALA D 475 -9.40 32.98 21.61
C ALA D 475 -9.88 32.62 23.03
N LEU D 476 -9.97 31.33 23.28
CA LEU D 476 -10.46 30.86 24.58
C LEU D 476 -9.55 31.30 25.72
N LEU D 477 -8.25 31.27 25.49
CA LEU D 477 -7.26 31.57 26.51
C LEU D 477 -6.99 33.06 26.64
N VAL D 478 -7.55 33.84 25.73
CA VAL D 478 -7.30 35.27 25.66
C VAL D 478 -8.56 36.06 25.96
N GLU D 479 -9.68 35.36 26.00
CA GLU D 479 -11.02 35.98 26.12
C GLU D 479 -11.18 36.73 27.42
N LYS D 480 -11.94 37.81 27.37
CA LYS D 480 -12.31 38.54 28.56
C LYS D 480 -13.05 37.62 29.53
N PRO D 481 -12.51 37.45 30.73
CA PRO D 481 -13.18 36.61 31.70
C PRO D 481 -14.50 37.22 32.16
N ARG D 482 -15.43 36.39 32.62
CA ARG D 482 -16.53 36.89 33.42
C ARG D 482 -15.89 37.59 34.62
N PRO D 483 -16.62 38.49 35.28
CA PRO D 483 -16.02 39.25 36.38
C PRO D 483 -15.45 38.35 37.46
N ASP D 484 -14.15 38.47 37.73
CA ASP D 484 -13.49 37.65 38.73
C ASP D 484 -13.67 36.16 38.48
N ALA D 485 -13.83 35.79 37.22
CA ALA D 485 -14.02 34.39 36.86
C ALA D 485 -12.79 33.82 36.16
N ILE D 486 -12.71 32.49 36.15
CA ILE D 486 -11.60 31.77 35.53
C ILE D 486 -11.71 31.69 34.00
N PHE D 487 -12.95 31.76 33.50
CA PHE D 487 -13.26 31.60 32.08
C PHE D 487 -14.08 32.75 31.51
N GLY D 488 -14.03 32.91 30.19
CA GLY D 488 -14.95 33.77 29.48
C GLY D 488 -16.17 33.04 28.94
N GLU D 489 -17.06 33.78 28.32
CA GLU D 489 -18.33 33.27 27.82
C GLU D 489 -18.23 32.04 26.90
N THR D 490 -17.25 32.05 26.00
CA THR D 490 -17.16 31.01 24.97
C THR D 490 -16.78 29.66 25.57
N MET D 491 -15.89 29.66 26.53
CA MET D 491 -15.48 28.43 27.22
C MET D 491 -16.67 27.73 27.86
N VAL D 492 -17.48 28.48 28.61
CA VAL D 492 -18.60 27.93 29.34
C VAL D 492 -19.71 27.49 28.40
N GLU D 493 -20.01 28.31 27.40
CA GLU D 493 -21.17 28.05 26.53
C GLU D 493 -20.94 26.88 25.55
N LEU D 494 -19.67 26.59 25.23
CA LEU D 494 -19.36 25.38 24.48
C LEU D 494 -19.14 24.20 25.42
N GLY D 495 -18.45 24.47 26.53
CA GLY D 495 -18.04 23.41 27.44
C GLY D 495 -19.19 22.78 28.18
N ALA D 496 -20.14 23.59 28.61
CA ALA D 496 -21.24 23.11 29.46
C ALA D 496 -22.09 22.04 28.74
N PRO D 497 -22.52 22.32 27.50
CA PRO D 497 -23.27 21.36 26.69
C PRO D 497 -22.54 20.02 26.48
N PHE D 498 -21.30 20.09 25.99
CA PHE D 498 -20.49 18.89 25.80
C PHE D 498 -20.42 18.09 27.10
N SER D 499 -20.24 18.81 28.19
CA SER D 499 -19.99 18.17 29.49
C SER D 499 -21.22 17.48 30.05
N LEU D 500 -22.31 18.23 30.19
CA LEU D 500 -23.53 17.69 30.79
C LEU D 500 -24.06 16.50 29.97
N LYS D 501 -23.86 16.55 28.67
CA LYS D 501 -24.28 15.47 27.77
C LYS D 501 -23.51 14.18 28.02
N GLY D 502 -22.22 14.29 28.28
CA GLY D 502 -21.40 13.11 28.54
C GLY D 502 -21.66 12.54 29.92
N LEU D 503 -22.00 13.44 30.84
CA LEU D 503 -22.35 13.06 32.22
C LEU D 503 -23.71 12.35 32.27
N MET D 504 -24.74 13.01 31.79
CA MET D 504 -26.10 12.49 31.90
C MET D 504 -26.39 11.41 30.86
N GLY D 505 -25.62 11.42 29.77
CA GLY D 505 -25.77 10.45 28.70
C GLY D 505 -25.29 9.04 29.07
N ASN D 506 -24.58 8.94 30.19
CA ASN D 506 -24.11 7.64 30.68
C ASN D 506 -25.28 6.69 30.93
N PRO D 507 -25.12 5.42 30.55
CA PRO D 507 -26.23 4.46 30.74
C PRO D 507 -26.72 4.31 32.19
N ILE D 508 -25.87 4.53 33.18
CA ILE D 508 -26.33 4.35 34.56
C ILE D 508 -27.35 5.40 34.89
N CYS D 509 -27.47 6.41 34.03
CA CYS D 509 -28.44 7.49 34.26
C CYS D 509 -29.78 7.19 33.62
N SER D 510 -29.81 6.13 32.82
CA SER D 510 -31.03 5.70 32.17
C SER D 510 -31.93 5.00 33.19
N PRO D 511 -33.26 5.10 32.99
CA PRO D 511 -34.27 4.54 33.87
C PRO D 511 -34.09 3.08 34.21
N GLN D 512 -33.70 2.23 33.27
CA GLN D 512 -33.56 0.82 33.61
C GLN D 512 -32.33 0.55 34.46
N TYR D 513 -31.39 1.51 34.48
CA TYR D 513 -30.17 1.37 35.29
C TYR D 513 -30.29 2.11 36.62
N TRP D 514 -30.96 3.24 36.64
CA TRP D 514 -30.94 4.10 37.83
C TRP D 514 -31.89 3.59 38.91
N LYS D 515 -31.50 2.50 39.54
CA LYS D 515 -32.27 1.93 40.62
C LYS D 515 -31.31 1.18 41.54
N PRO D 516 -31.70 0.99 42.80
CA PRO D 516 -30.83 0.43 43.83
C PRO D 516 -30.18 -0.91 43.48
N SER D 517 -30.94 -1.81 42.86
CA SER D 517 -30.44 -3.15 42.58
C SER D 517 -29.25 -3.14 41.64
N THR D 518 -29.19 -2.12 40.79
CA THR D 518 -28.08 -1.99 39.85
C THR D 518 -26.78 -1.87 40.62
N PHE D 519 -26.87 -1.26 41.80
CA PHE D 519 -25.68 -0.92 42.57
C PHE D 519 -25.58 -1.74 43.85
N GLY D 520 -26.18 -2.93 43.81
CA GLY D 520 -26.07 -3.89 44.91
C GLY D 520 -27.01 -3.60 46.05
N GLY D 521 -27.96 -2.70 45.83
CA GLY D 521 -28.95 -2.35 46.86
C GLY D 521 -28.83 -0.92 47.39
N GLU D 522 -29.63 -0.60 48.40
CA GLU D 522 -29.75 0.77 48.92
C GLU D 522 -28.41 1.28 49.48
N VAL D 523 -27.59 0.36 49.96
CA VAL D 523 -26.31 0.75 50.56
C VAL D 523 -25.34 1.21 49.45
N GLY D 524 -25.27 0.44 48.37
CA GLY D 524 -24.47 0.84 47.19
C GLY D 524 -25.01 2.09 46.54
N PHE D 525 -26.33 2.19 46.46
CA PHE D 525 -26.96 3.35 45.86
C PHE D 525 -26.62 4.61 46.65
N LYS D 526 -26.58 4.49 47.98
CA LYS D 526 -26.32 5.63 48.85
C LYS D 526 -24.89 6.14 48.67
N ILE D 527 -23.97 5.23 48.38
CA ILE D 527 -22.58 5.62 48.16
C ILE D 527 -22.53 6.66 47.05
N ILE D 528 -23.30 6.45 45.99
CA ILE D 528 -23.35 7.38 44.87
C ILE D 528 -24.00 8.68 45.28
N ASN D 529 -25.16 8.57 45.92
CA ASN D 529 -25.98 9.76 46.17
C ASN D 529 -25.49 10.65 47.30
N THR D 530 -24.45 10.22 48.01
CA THR D 530 -23.81 11.04 49.05
C THR D 530 -22.32 11.31 48.76
N ALA D 531 -21.85 10.97 47.57
CA ALA D 531 -20.44 11.15 47.22
C ALA D 531 -20.09 12.63 47.18
N SER D 532 -18.87 12.94 47.59
CA SER D 532 -18.33 14.30 47.48
C SER D 532 -16.81 14.21 47.39
N ILE D 533 -16.17 15.28 46.93
CA ILE D 533 -14.71 15.30 46.89
C ILE D 533 -14.15 15.14 48.31
N GLN D 534 -14.85 15.68 49.30
CA GLN D 534 -14.39 15.60 50.68
C GLN D 534 -14.55 14.19 51.25
N SER D 535 -15.68 13.55 50.96
CA SER D 535 -15.92 12.20 51.48
C SER D 535 -14.94 11.25 50.82
N LEU D 536 -14.75 11.41 49.51
CA LEU D 536 -13.75 10.61 48.78
C LEU D 536 -12.38 10.66 49.48
N ILE D 537 -11.89 11.85 49.79
CA ILE D 537 -10.60 11.99 50.49
C ILE D 537 -10.69 11.51 51.95
N CYS D 538 -11.83 11.72 52.60
CA CYS D 538 -11.97 11.40 54.01
C CYS D 538 -11.95 9.90 54.23
N ASN D 539 -12.58 9.17 53.31
CA ASN D 539 -12.74 7.71 53.44
C ASN D 539 -11.48 6.97 53.07
N ASN D 540 -10.58 7.64 52.36
CA ASN D 540 -9.48 6.96 51.71
C ASN D 540 -8.12 7.52 52.05
N VAL D 541 -8.06 8.71 52.66
CA VAL D 541 -6.75 9.29 53.01
C VAL D 541 -6.56 9.38 54.52
N LYS D 542 -5.42 8.89 54.98
CA LYS D 542 -5.11 8.88 56.41
C LYS D 542 -5.29 10.25 57.07
N GLY D 543 -6.07 10.29 58.14
CA GLY D 543 -6.31 11.53 58.91
C GLY D 543 -7.54 12.31 58.47
N CYS D 544 -8.18 11.84 57.39
CA CYS D 544 -9.31 12.56 56.83
C CYS D 544 -9.02 14.06 56.78
N PRO D 545 -7.96 14.44 56.04
CA PRO D 545 -7.63 15.85 55.87
C PRO D 545 -8.76 16.63 55.22
N PHE D 546 -8.85 17.91 55.55
CA PHE D 546 -9.83 18.75 54.89
C PHE D 546 -9.40 18.96 53.46
N THR D 547 -10.33 18.90 52.53
CA THR D 547 -10.00 19.26 51.15
C THR D 547 -11.15 19.98 50.50
N SER D 548 -10.86 20.50 49.32
CA SER D 548 -11.76 21.39 48.62
C SER D 548 -11.17 21.68 47.27
N PHE D 549 -11.99 22.19 46.36
CA PHE D 549 -11.55 22.58 45.02
C PHE D 549 -11.09 24.05 45.00
N ASN D 550 -11.29 24.74 46.10
CA ASN D 550 -10.85 26.13 46.23
C ASN D 550 -9.98 26.33 47.46
N VAL D 551 -9.09 27.31 47.32
CA VAL D 551 -8.22 27.77 48.39
C VAL D 551 -9.02 28.35 49.58
N GLN D 552 -8.59 27.96 50.76
CA GLN D 552 -9.32 28.23 52.00
C GLN D 552 -9.16 29.69 52.37
C1 NAG E . 27.15 -8.11 -36.39
C2 NAG E . 27.44 -6.81 -37.16
C3 NAG E . 27.00 -6.85 -38.63
C4 NAG E . 27.47 -8.12 -39.35
C5 NAG E . 27.13 -9.30 -38.45
C6 NAG E . 27.51 -10.64 -39.08
C7 NAG E . 27.67 -4.71 -36.02
C8 NAG E . 27.02 -3.62 -35.22
N2 NAG E . 26.86 -5.64 -36.51
O3 NAG E . 27.50 -5.72 -39.32
O4 NAG E . 26.72 -8.20 -40.55
O5 NAG E . 27.70 -9.15 -37.17
O6 NAG E . 28.91 -10.69 -39.28
O7 NAG E . 28.90 -4.73 -36.19
C1 NAG E . 27.46 -8.25 -41.79
C2 NAG E . 26.43 -8.37 -42.92
C3 NAG E . 27.16 -8.71 -44.23
C4 NAG E . 28.10 -7.56 -44.57
C5 NAG E . 28.92 -7.13 -43.34
C6 NAG E . 29.60 -5.79 -43.63
C7 NAG E . 25.70 -10.55 -42.26
C8 NAG E . 24.57 -11.53 -42.04
N2 NAG E . 25.39 -9.32 -42.58
O3 NAG E . 26.25 -8.94 -45.29
O4 NAG E . 29.00 -8.07 -45.52
O5 NAG E . 28.20 -7.08 -42.09
O6 NAG E . 29.73 -5.05 -42.43
O7 NAG E . 26.88 -10.86 -42.14
C1 NAG E . 28.99 -7.59 -46.90
C2 NAG E . 28.27 -6.26 -47.13
C3 NAG E . 28.41 -5.90 -48.61
C4 NAG E . 29.88 -5.73 -48.94
C5 NAG E . 30.65 -7.01 -48.60
C6 NAG E . 32.15 -6.71 -48.69
C7 NAG E . 25.92 -6.83 -47.59
C8 NAG E . 24.52 -6.85 -47.02
N2 NAG E . 26.86 -6.32 -46.78
O3 NAG E . 27.77 -4.67 -48.91
O4 NAG E . 30.05 -5.45 -50.29
O5 NAG E . 30.35 -7.50 -47.31
O6 NAG E . 32.38 -5.32 -48.70
O7 NAG E . 26.13 -7.27 -48.73
C1 NAG F . 19.02 8.44 -29.69
C2 NAG F . 18.41 7.88 -30.96
C3 NAG F . 18.60 8.81 -32.14
C4 NAG F . 18.11 10.21 -31.83
C5 NAG F . 18.72 10.65 -30.52
C6 NAG F . 18.17 12.03 -30.16
C7 NAG F . 18.12 5.54 -31.31
C8 NAG F . 18.75 4.20 -31.56
N2 NAG F . 18.94 6.59 -31.29
O3 NAG F . 17.84 8.31 -33.21
O4 NAG F . 18.49 11.09 -32.87
O5 NAG F . 18.42 9.72 -29.49
O6 NAG F . 16.77 11.93 -30.10
O7 NAG F . 16.92 5.65 -31.14
C1 NAG F . 17.37 11.76 -33.49
C2 NAG F . 17.88 12.62 -34.62
C3 NAG F . 16.76 13.56 -35.03
C4 NAG F . 15.65 12.72 -35.62
C5 NAG F . 15.29 11.58 -34.64
C6 NAG F . 14.31 10.59 -35.29
C7 NAG F . 19.14 14.07 -33.12
C8 NAG F . 20.51 14.49 -32.67
N2 NAG F . 19.09 13.31 -34.22
O3 NAG F . 17.21 14.53 -35.96
O4 NAG F . 14.49 13.51 -35.83
O5 NAG F . 16.40 10.90 -34.08
O6 NAG F . 14.94 9.87 -36.32
O7 NAG F . 18.12 14.40 -32.52
C1 NAG F . 14.30 14.21 -37.09
C2 NAG F . 14.69 13.40 -38.32
C3 NAG F . 14.40 14.21 -39.58
C4 NAG F . 12.94 14.68 -39.63
C5 NAG F . 12.43 15.25 -38.31
C6 NAG F . 10.90 15.17 -38.30
C7 NAG F . 17.04 13.96 -38.69
C8 NAG F . 18.45 13.43 -38.69
N2 NAG F . 16.11 13.09 -38.29
O3 NAG F . 14.67 13.46 -40.75
O4 NAG F . 12.84 15.70 -40.61
O5 NAG F . 12.93 14.59 -37.15
O6 NAG F . 10.45 13.86 -38.61
O7 NAG F . 16.76 15.12 -39.07
C1 NAG G . -16.17 -9.17 25.01
C2 NAG G . -14.69 -8.87 24.80
C3 NAG G . -13.90 -10.07 24.30
C4 NAG G . -14.14 -11.24 25.23
C5 NAG G . -15.63 -11.45 25.40
C6 NAG G . -15.85 -12.62 26.35
C7 NAG G . -13.99 -6.65 24.24
C8 NAG G . -13.87 -5.58 23.18
N2 NAG G . -14.52 -7.79 23.85
O3 NAG G . -12.52 -9.79 24.30
O4 NAG G . -13.59 -12.36 24.59
O5 NAG G . -16.23 -10.27 25.91
O6 NAG G . -15.25 -12.30 27.60
O7 NAG G . -13.62 -6.47 25.39
C1 NAG G . -12.59 -13.01 25.40
C2 NAG G . -12.05 -14.18 24.61
C3 NAG G . -11.25 -15.05 25.55
C4 NAG G . -10.11 -14.20 26.11
C5 NAG G . -10.63 -12.87 26.65
C6 NAG G . -9.48 -11.94 27.04
C7 NAG G . -14.13 -15.41 24.65
C8 NAG G . -15.28 -15.94 23.86
N2 NAG G . -13.12 -14.91 23.95
O3 NAG G . -10.78 -16.19 24.89
O4 NAG G . -9.45 -14.90 27.15
O5 NAG G . -11.49 -12.20 25.74
O6 NAG G . -8.76 -11.53 25.90
O7 NAG G . -14.11 -15.44 25.88
C1 NAG G . -8.37 -15.74 26.67
C2 NAG G . -7.42 -14.85 25.85
C3 NAG G . -5.93 -15.24 25.82
C4 NAG G . -5.51 -16.24 26.90
C5 NAG G . -6.64 -17.18 27.25
C6 NAG G . -6.23 -18.20 28.32
C7 NAG G . -7.94 -15.94 23.73
C8 NAG G . -8.75 -15.85 22.47
N2 NAG G . -7.89 -14.82 24.47
O3 NAG G . -5.15 -14.08 25.95
O4 NAG G . -4.37 -16.94 26.43
O5 NAG G . -7.71 -16.38 27.73
O6 NAG G . -5.75 -17.53 29.46
O7 NAG G . -7.36 -16.99 24.03
C1 NAG H . -11.93 4.35 11.25
C2 NAG H . -11.57 2.91 10.92
C3 NAG H . -10.08 2.67 10.68
C4 NAG H . -9.49 3.66 9.69
C5 NAG H . -9.92 5.05 10.17
C6 NAG H . -9.37 6.13 9.25
C7 NAG H . -12.93 1.04 11.52
C8 NAG H . -13.31 0.01 12.54
N2 NAG H . -12.07 1.99 11.92
O3 NAG H . -9.84 1.37 10.19
O4 NAG H . -8.08 3.54 9.76
O5 NAG H . -11.34 5.13 10.23
O6 NAG H . -9.76 5.85 7.92
O7 NAG H . -13.37 1.00 10.37
C1 NAG H . -7.39 3.14 8.57
C2 NAG H . -5.89 3.08 8.87
C3 NAG H . -5.11 2.96 7.56
C4 NAG H . -5.51 1.67 6.87
C5 NAG H . -7.05 1.51 6.86
C6 NAG H . -7.43 0.11 6.38
C7 NAG H . -5.79 5.41 9.38
C8 NAG H . -5.53 6.50 10.37
N2 NAG H . -5.45 4.20 9.70
O3 NAG H . -3.72 2.96 7.79
O4 NAG H . -5.10 1.75 5.52
O5 NAG H . -7.71 1.83 8.09
O6 NAG H . -8.44 -0.44 7.20
O7 NAG H . -6.31 5.61 8.28
C1 NAG H . -3.84 1.16 5.12
C2 NAG H . -3.51 -0.13 5.88
C3 NAG H . -2.42 -0.93 5.16
C4 NAG H . -2.88 -1.21 3.74
C5 NAG H . -3.00 0.15 3.03
C6 NAG H . -3.42 -0.06 1.57
C7 NAG H . -1.76 0.54 7.46
C8 NAG H . -1.28 0.38 8.88
N2 NAG H . -3.04 0.20 7.22
O3 NAG H . -2.14 -2.15 5.81
O4 NAG H . -1.96 -2.03 3.09
O5 NAG H . -3.93 0.99 3.70
O6 NAG H . -4.50 -0.96 1.49
O7 NAG H . -1.00 0.99 6.60
CHA HEM I . 7.71 -18.63 -35.15
CHB HEM I . 3.32 -19.31 -37.08
CHC HEM I . 1.36 -19.18 -32.68
CHD HEM I . 5.83 -19.31 -30.73
C1A HEM I . 6.67 -18.82 -36.02
C2A HEM I . 6.79 -18.82 -37.46
C3A HEM I . 5.59 -18.99 -37.99
C4A HEM I . 4.66 -19.12 -36.90
CMA HEM I . 5.18 -19.08 -39.47
CAA HEM I . 8.11 -18.63 -38.19
CBA HEM I . 7.87 -17.49 -39.16
CGA HEM I . 9.17 -16.77 -39.45
O1A HEM I . 10.23 -17.41 -39.22
O2A HEM I . 9.11 -15.59 -39.90
C1B HEM I . 2.40 -19.23 -36.07
C2B HEM I . 0.99 -19.06 -36.24
C3B HEM I . 0.43 -19.02 -35.04
C4B HEM I . 1.48 -19.16 -34.06
CMB HEM I . 0.24 -18.96 -37.60
CAB HEM I . -1.09 -18.88 -34.81
CBB HEM I . -1.54 -18.50 -33.62
C1C HEM I . 2.41 -19.27 -31.79
C2C HEM I . 2.28 -19.47 -30.36
C3C HEM I . 3.50 -19.51 -29.83
C4C HEM I . 4.47 -19.33 -30.88
CMC HEM I . 0.94 -19.62 -29.61
CAC HEM I . 3.79 -19.72 -28.33
CBC HEM I . 4.75 -19.03 -27.73
C1D HEM I . 6.75 -18.99 -31.70
C2D HEM I . 8.11 -18.57 -31.47
C3D HEM I . 8.69 -18.36 -32.86
C4D HEM I . 7.62 -18.67 -33.78
CMD HEM I . 8.80 -18.36 -30.11
CAD HEM I . 10.09 -17.87 -33.25
CBD HEM I . 9.89 -16.40 -33.63
CGD HEM I . 11.17 -15.69 -34.01
O1D HEM I . 12.28 -16.14 -33.66
O2D HEM I . 11.07 -14.61 -34.65
NA HEM I . 5.34 -19.01 -35.71
NB HEM I . 2.69 -19.29 -34.74
NC HEM I . 3.77 -19.19 -32.07
ND HEM I . 6.51 -19.05 -33.07
FE HEM I . 4.63 -19.27 -33.86
C1 NAG J . 38.49 -37.49 -20.54
C2 NAG J . 39.08 -37.84 -21.90
C3 NAG J . 39.22 -39.36 -22.05
C4 NAG J . 40.17 -39.85 -20.97
C5 NAG J . 39.70 -39.37 -19.60
C6 NAG J . 40.75 -38.51 -18.91
C7 NAG J . 37.29 -37.99 -23.54
C8 NAG J . 36.39 -37.29 -24.51
N2 NAG J . 38.27 -37.29 -22.97
O3 NAG J . 39.73 -39.69 -23.31
O4 NAG J . 40.22 -41.25 -21.00
O5 NAG J . 38.47 -38.66 -19.73
O6 NAG J . 40.58 -38.65 -17.52
O7 NAG J . 37.11 -39.19 -23.28
C1 NAG K . -12.51 -13.48 -42.20
C2 NAG K . -12.81 -14.66 -43.13
C3 NAG K . -14.30 -14.83 -43.49
C4 NAG K . -15.18 -14.53 -42.28
C5 NAG K . -14.76 -13.16 -41.80
C6 NAG K . -15.74 -12.50 -40.83
C7 NAG K . -11.37 -15.63 -44.85
C8 NAG K . -10.57 -15.42 -46.09
N2 NAG K . -12.00 -14.56 -44.34
O3 NAG K . -14.58 -16.15 -43.95
O4 NAG K . -16.56 -14.59 -42.61
O5 NAG K . -13.50 -13.38 -41.21
O6 NAG K . -15.56 -12.96 -39.52
O7 NAG K . -11.44 -16.76 -44.33
C1 52B L . 10.12 -20.23 -14.42
F1 52B L . 8.94 -23.55 -19.02
CL1 52B L . 10.85 -20.88 -11.86
C2 52B L . 8.65 -22.56 -14.60
F2 52B L . 10.52 -22.56 -17.92
CL2 52B L . 7.71 -23.98 -14.72
C3 52B L . 9.44 -20.52 -15.59
F3 52B L . 9.80 -21.71 -19.84
C4 52B L . 10.04 -21.12 -13.37
C5 52B L . 9.32 -22.27 -13.44
C6 52B L . 8.71 -21.69 -15.65
C7 52B L . 9.40 -19.62 -16.71
C8 52B L . 8.81 -20.09 -17.81
C9 52B L . 8.37 -21.50 -17.98
C10 52B L . 8.62 -19.07 -18.93
O11 52B L . 7.97 -22.11 -16.74
O12 52B L . 8.05 -19.50 -19.97
O13 52B L . 8.96 -17.89 -18.65
C14 52B L . 9.42 -22.33 -18.69
C1 BOG M . 1.94 -36.45 -43.61
O1 BOG M . 1.61 -37.70 -43.04
C2 BOG M . 2.10 -36.59 -45.12
O2 BOG M . 3.23 -37.42 -45.39
C3 BOG M . 2.29 -35.24 -45.78
O3 BOG M . 2.18 -35.38 -47.22
C4 BOG M . 1.26 -34.25 -45.27
O4 BOG M . 1.59 -32.95 -45.78
C5 BOG M . 1.22 -34.22 -43.75
O5 BOG M . 0.90 -35.53 -43.31
C6 BOG M . 0.19 -33.27 -43.19
O6 BOG M . -1.06 -33.58 -43.80
C1' BOG M . 2.25 -37.89 -41.78
C2' BOG M . 1.35 -38.70 -40.87
C3' BOG M . 0.44 -37.72 -40.15
C4' BOG M . -0.44 -38.44 -39.15
C5' BOG M . -1.67 -37.59 -38.83
C6' BOG M . -2.87 -38.06 -39.63
C7' BOG M . -4.16 -37.50 -39.03
C8' BOG M . -4.43 -36.15 -39.61
CHA HEM N . 38.84 17.46 -27.37
CHB HEM N . 42.73 19.54 -29.34
CHC HEM N . 45.57 17.00 -26.38
CHD HEM N . 41.67 15.67 -23.85
C1A HEM N . 39.65 18.23 -28.16
C2A HEM N . 39.17 19.08 -29.24
C3A HEM N . 40.25 19.66 -29.78
C4A HEM N . 41.44 19.19 -29.08
CMA HEM N . 40.24 20.66 -30.96
CAA HEM N . 37.68 19.26 -29.61
CBA HEM N . 37.06 20.17 -28.53
CGA HEM N . 35.78 20.88 -28.95
O1A HEM N . 34.72 20.20 -29.09
O2A HEM N . 35.78 22.15 -29.11
C1B HEM N . 43.85 18.98 -28.78
C2B HEM N . 45.20 19.14 -29.23
C3B HEM N . 46.00 18.45 -28.43
C4B HEM N . 45.17 17.81 -27.42
CMB HEM N . 45.65 19.98 -30.45
CAB HEM N . 47.53 18.39 -28.58
CBB HEM N . 48.21 17.28 -28.27
C1C HEM N . 44.75 16.49 -25.40
C2C HEM N . 45.19 15.85 -24.18
C3C HEM N . 44.12 15.46 -23.47
C4C HEM N . 42.96 15.85 -24.23
CMC HEM N . 46.65 15.65 -23.75
CAC HEM N . 44.15 14.78 -22.07
CBC HEM N . 43.72 13.54 -21.87
C1D HEM N . 40.58 15.87 -24.64
C2D HEM N . 39.29 15.25 -24.45
C3D HEM N . 38.43 15.82 -25.56
C4D HEM N . 39.26 16.73 -26.29
CMD HEM N . 38.88 14.23 -23.38
CAD HEM N . 36.97 15.49 -25.85
CBD HEM N . 36.96 14.30 -26.80
CGD HEM N . 35.56 14.12 -27.32
O1D HEM N . 34.59 14.31 -26.54
O2D HEM N . 35.43 13.78 -28.52
NA HEM N . 41.04 18.32 -28.08
NB HEM N . 43.87 18.15 -27.67
NC HEM N . 43.37 16.46 -25.40
ND HEM N . 40.51 16.73 -25.73
FE HEM N . 42.19 17.50 -26.58
C1 NAG O . 14.03 21.65 2.25
C2 NAG O . 13.33 22.74 1.43
C3 NAG O . 13.24 24.04 2.24
C4 NAG O . 12.54 23.72 3.55
C5 NAG O . 13.33 22.65 4.29
C6 NAG O . 12.46 21.49 4.73
C7 NAG O . 14.72 24.00 -0.18
C8 NAG O . 15.39 24.03 -1.52
N2 NAG O . 13.98 22.93 0.14
O3 NAG O . 12.52 25.08 1.60
O4 NAG O . 12.46 24.88 4.33
O5 NAG O . 14.40 22.21 3.48
O6 NAG O . 12.93 21.07 6.00
O7 NAG O . 14.87 24.94 0.59
C1 NAG P . 56.45 19.15 -40.36
C2 NAG P . 56.75 20.61 -40.70
C3 NAG P . 57.99 20.73 -41.56
C4 NAG P . 59.11 19.88 -40.99
C5 NAG P . 58.58 18.48 -40.74
C6 NAG P . 59.66 17.48 -40.34
C7 NAG P . 54.93 22.21 -40.74
C8 NAG P . 53.63 22.64 -41.37
N2 NAG P . 55.61 21.25 -41.35
O3 NAG P . 58.37 22.10 -41.59
O4 NAG P . 60.20 19.82 -41.88
O5 NAG P . 57.58 18.59 -39.75
O6 NAG P . 60.09 17.75 -39.03
O7 NAG P . 55.30 22.76 -39.69
C1 52B Q . 41.65 6.39 -9.67
F1 52B Q . 41.88 11.88 -11.61
CL1 52B Q . 41.47 5.34 -7.15
C2 52B Q . 43.14 8.50 -8.78
F2 52B Q . 40.56 10.31 -10.85
CL2 52B Q . 44.08 9.83 -8.26
C3 52B Q . 42.07 7.35 -10.58
F3 52B Q . 40.59 10.76 -12.97
C4 52B Q . 41.97 6.50 -8.33
C5 52B Q . 42.71 7.56 -7.88
C6 52B Q . 42.83 8.41 -10.12
C7 52B Q . 41.81 7.27 -12.02
C8 52B Q . 42.12 8.37 -12.72
C9 52B Q . 42.56 9.65 -12.10
C10 52B Q . 41.96 8.28 -14.24
O11 52B Q . 43.33 9.43 -10.91
O12 52B Q . 42.31 9.30 -14.90
O13 52B Q . 41.56 7.19 -14.68
C14 52B Q . 41.40 10.63 -11.88
CHA HEM R . -28.77 -20.01 10.63
CHB HEM R . -29.26 -23.02 6.89
CHC HEM R . -32.72 -20.18 5.10
CHD HEM R . -32.91 -17.81 9.32
C1A HEM R . -28.58 -21.04 9.75
C2A HEM R . -27.50 -22.01 9.83
C3A HEM R . -27.66 -22.84 8.80
C4A HEM R . -28.80 -22.41 8.03
CMA HEM R . -26.77 -24.06 8.44
CAA HEM R . -26.45 -22.08 10.95
CBA HEM R . -26.98 -23.20 11.87
CGA HEM R . -26.25 -23.38 13.19
O1A HEM R . -26.34 -24.53 13.74
O2A HEM R . -25.59 -22.42 13.69
C1B HEM R . -30.15 -22.45 6.01
C2B HEM R . -30.35 -22.83 4.62
C3B HEM R . -31.31 -22.05 4.13
C4B HEM R . -31.74 -21.15 5.19
CMB HEM R . -29.62 -23.94 3.84
CAB HEM R . -31.84 -22.12 2.69
CBB HEM R . -32.30 -21.02 2.10
C1C HEM R . -33.12 -19.35 6.13
C2C HEM R . -34.31 -18.53 6.12
C3C HEM R . -34.38 -17.87 7.26
C4C HEM R . -33.22 -18.25 8.07
CMC HEM R . -35.34 -18.43 4.96
CAC HEM R . -35.50 -16.89 7.66
CBC HEM R . -35.22 -15.64 8.01
C1D HEM R . -31.75 -18.07 10.02
C2D HEM R . -31.24 -17.30 11.13
C3D HEM R . -29.97 -18.01 11.52
C4D HEM R . -29.82 -19.10 10.61
CMD HEM R . -31.84 -16.05 11.80
CAD HEM R . -28.99 -17.59 12.62
CBD HEM R . -27.94 -16.70 11.95
CGD HEM R . -26.81 -16.38 12.91
O1D HEM R . -27.10 -16.15 14.10
O2D HEM R . -25.64 -16.35 12.46
NA HEM R . -29.35 -21.30 8.64
NB HEM R . -31.01 -21.43 6.31
NC HEM R . -32.47 -19.15 7.33
ND HEM R . -30.88 -19.12 9.74
FE HEM R . -31.00 -20.28 8.08
C1 NAG S . -43.41 -14.26 46.17
C2 NAG S . -42.44 -15.36 46.61
C3 NAG S . -43.14 -16.50 47.37
C4 NAG S . -44.00 -15.91 48.47
C5 NAG S . -44.92 -14.84 47.90
C6 NAG S . -44.70 -13.49 48.57
C7 NAG S . -41.71 -17.15 45.12
C8 NAG S . -40.81 -17.55 43.98
N2 NAG S . -41.72 -15.86 45.45
O3 NAG S . -42.24 -17.37 48.01
O4 NAG S . -44.74 -16.96 49.02
O5 NAG S . -44.71 -14.72 46.51
O6 NAG S . -45.87 -12.74 48.29
O7 NAG S . -42.39 -18.01 45.69
C1 NAG T . -25.92 -26.83 -10.00
C2 NAG T . -26.08 -28.36 -10.01
C3 NAG T . -25.93 -28.92 -11.41
C4 NAG T . -26.78 -28.12 -12.39
C5 NAG T . -26.51 -26.63 -12.20
C6 NAG T . -27.28 -25.76 -13.19
C7 NAG T . -25.51 -29.86 -8.20
C8 NAG T . -24.44 -30.48 -7.35
N2 NAG T . -25.11 -29.00 -9.14
O3 NAG T . -26.32 -30.28 -11.40
O4 NAG T . -26.44 -28.50 -13.70
O5 NAG T . -26.87 -26.28 -10.88
O6 NAG T . -28.66 -25.92 -12.96
O7 NAG T . -26.70 -30.14 -8.03
C1 52B U . -43.96 -5.82 13.52
F1 52B U . -43.16 -11.57 13.72
CL1 52B U . -45.92 -4.16 14.44
C2 52B U . -45.74 -7.84 13.08
F2 52B U . -42.98 -9.68 14.88
CL2 52B U . -46.84 -9.11 12.78
C3 52B U . -43.50 -7.02 13.03
F3 52B U . -41.18 -10.64 14.02
C4 52B U . -45.30 -5.65 13.81
C5 52B U . -46.20 -6.65 13.59
C6 52B U . -44.41 -8.03 12.79
C7 52B U . -42.12 -7.25 12.65
C8 52B U . -41.79 -8.48 12.30
C9 52B U . -42.70 -9.64 12.45
C10 52B U . -40.38 -8.65 11.76
O11 52B U . -44.08 -9.28 12.27
O12 52B U . -40.06 -9.81 11.40
O13 52B U . -39.71 -7.59 11.65
C14 52B U . -42.51 -10.37 13.79
CHA HEM V . -2.36 17.25 26.55
CHB HEM V . 1.44 18.06 29.45
CHC HEM V . -1.63 19.20 32.99
CHD HEM V . -5.38 19.17 29.86
C1A HEM V . -1.09 17.37 27.07
C2A HEM V . 0.11 16.99 26.37
C3A HEM V . 1.15 17.21 27.16
C4A HEM V . 0.65 17.72 28.40
CMA HEM V . 2.65 16.98 26.89
CAA HEM V . 0.14 16.43 24.93
CBA HEM V . 0.54 14.96 25.05
CGA HEM V . 0.46 14.30 23.70
O1A HEM V . 0.19 15.02 22.70
O2A HEM V . 0.67 13.05 23.61
C1B HEM V . 0.94 18.32 30.70
C2B HEM V . 1.66 18.28 31.94
C3B HEM V . 0.83 18.59 32.91
C4B HEM V . -0.48 18.85 32.33
CMB HEM V . 3.16 17.94 32.15
CAB HEM V . 1.27 18.67 34.38
CBB HEM V . 0.40 18.92 35.35
C1C HEM V . -2.88 19.36 32.43
C2C HEM V . -4.02 19.94 33.11
C3C HEM V . -5.06 19.93 32.27
C4C HEM V . -4.63 19.35 31.01
CMC HEM V . -4.03 20.48 34.56
CAC HEM V . -6.46 20.48 32.65
CBC HEM V . -7.56 19.95 32.17
C1D HEM V . -4.97 18.52 28.71
C2D HEM V . -5.81 17.95 27.68
C3D HEM V . -4.84 17.36 26.65
C4D HEM V . -3.52 17.61 27.17
CMD HEM V . -7.35 17.93 27.61
CAD HEM V . -5.16 16.59 25.36
CBD HEM V . -5.17 15.11 25.77
CGD HEM V . -5.47 14.22 24.60
O1D HEM V . -6.03 14.69 23.61
O2D HEM V . -5.16 13.02 24.61
NA HEM V . -0.73 17.82 28.32
NB HEM V . -0.37 18.65 30.97
NC HEM V . -3.30 19.00 31.15
ND HEM V . -3.64 18.30 28.36
FE HEM V . -2.06 18.59 29.65
C1 NAG W . -27.05 34.70 1.95
C2 NAG W . -26.04 34.69 0.80
C3 NAG W . -25.80 36.11 0.30
C4 NAG W . -27.10 36.68 -0.21
C5 NAG W . -28.17 36.54 0.87
C6 NAG W . -29.33 35.68 0.39
C7 NAG W . -23.76 34.79 1.69
C8 NAG W . -22.59 34.04 2.25
N2 NAG W . -24.78 34.08 1.20
O3 NAG W . -24.82 36.11 -0.73
O4 NAG W . -26.98 38.05 -0.56
O5 NAG W . -27.59 36.01 2.06
O6 NAG W . -30.51 36.14 1.00
O7 NAG W . -23.76 36.03 1.71
C1 NAG X . 12.50 13.34 42.17
C2 NAG X . 13.77 14.12 41.83
C3 NAG X . 14.79 14.04 42.96
C4 NAG X . 14.15 14.21 44.33
C5 NAG X . 12.99 13.23 44.41
C6 NAG X . 12.37 13.09 45.81
C7 NAG X . 14.44 14.34 39.48
C8 NAG X . 14.87 13.60 38.24
N2 NAG X . 14.32 13.61 40.59
O3 NAG X . 15.78 15.03 42.79
O4 NAG X . 15.08 13.97 45.37
O5 NAG X . 12.06 13.71 43.45
O6 NAG X . 11.87 14.32 46.27
O7 NAG X . 14.20 15.55 39.43
C1 BOG Y . 10.05 33.35 23.92
O1 BOG Y . 9.88 34.71 24.28
C2 BOG Y . 11.32 33.19 23.10
O2 BOG Y . 11.15 33.85 21.85
C3 BOG Y . 11.69 31.72 22.87
O3 BOG Y . 13.01 31.65 22.32
C4 BOG Y . 11.61 30.96 24.19
O4 BOG Y . 11.69 29.56 23.96
C5 BOG Y . 10.29 31.25 24.91
O5 BOG Y . 10.17 32.64 25.13
C6 BOG Y . 10.22 30.56 26.25
O6 BOG Y . 11.32 31.01 27.05
C1' BOG Y . 8.60 35.21 23.96
C2' BOG Y . 8.23 36.21 25.04
C3' BOG Y . 7.91 35.46 26.32
C4' BOG Y . 7.47 36.43 27.40
C5' BOG Y . 7.68 35.79 28.78
C6' BOG Y . 9.04 36.15 29.36
C7' BOG Y . 9.01 36.23 30.87
C8' BOG Y . 9.66 35.01 31.49
C1 52B Z . -21.38 23.14 33.23
F1 52B Z . -16.61 25.53 31.33
CL1 52B Z . -23.88 24.20 33.52
C2 52B Z . -20.22 25.53 33.87
F2 52B Z . -18.36 24.47 30.68
CL2 52B Z . -19.46 27.02 34.28
C3 52B Z . -20.00 23.24 33.25
F3 52B Z . -16.38 23.51 30.61
C4 52B Z . -22.16 24.25 33.53
C5 52B Z . -21.59 25.46 33.85
C6 52B Z . -19.43 24.44 33.58
C7 52B Z . -19.13 22.10 33.00
C8 52B Z . -17.84 22.39 32.84
C9 52B Z . -17.32 23.79 32.78
C10 52B Z . -16.89 21.19 32.72
O11 52B Z . -18.05 24.67 33.64
O12 52B Z . -15.66 21.46 32.83
O13 52B Z . -17.42 20.05 32.59
C14 52B Z . -17.20 24.32 31.35
#